data_6ET7
#
_entry.id   6ET7
#
_cell.length_a   49.460
_cell.length_b   78.420
_cell.length_c   443.850
_cell.angle_alpha   90.000
_cell.angle_beta   90.000
_cell.angle_gamma   90.000
#
_symmetry.space_group_name_H-M   'P 21 21 21'
#
loop_
_entity.id
_entity.type
_entity.pdbx_description
1 polymer 'Diguanylate cyclase (GGDEF) domain-containing protein'
2 non-polymer '3-[2-[(Z)-[3-(2-carboxyethyl)-5-[(Z)-(4-ethenyl-3-methyl-5-oxidanylidene-pyrrol-2-ylidene)methyl]-4-methyl-pyrrol-1-ium -2-ylidene]methyl]-5-[(Z)-[(3E)-3-ethylidene-4-methyl-5-oxidanylidene-pyrrolidin-2-ylidene]methyl]-4-methyl-1H-pyrrol-3- yl]propanoic acid'
3 non-polymer 'CHLORIDE ION'
4 water water
#
_entity_poly.entity_id   1
_entity_poly.type   'polypeptide(L)'
_entity_poly.pdbx_seq_one_letter_code
;GAMAADLGSDDISKLIAACDQEPIHIPNAIQPFGAMLIVEKDTQQIVYASANSAEYFSVADNTIHELSDIKQANINSLLP
EHLISGLASAIRENEPIWVETDRLSFLGWRHENYYIIEVERYHVQTSNWFEIQFQRAFQKLRNCKTHNDLINTLTRLIQE
ISGYDRVMIYQFDPEWNGRVIAESVRQLFTSMLNHHFPASDIPAQARAMYSINPIRIIPDVNAEPQPLHMIHKPQNTEAV
NLSSGVLRAVSPLHMQYLRNFGVSASTSIGIFNEDELWGIVACHHTKPRAIGRRIRRLLVRTVEFAAERLWLIHSRNVER
YMVTVQAAREQLSTTADDKHSSHEIVIEHAADWCKLFRCDGIGYLRGEELTTYGETPDQTTINKLVEWLEENGKKSLFWH
SHMLKEDAPGLLPDGSRFAGLLAIPLKSDADLFSYLLLFRVAQNEVRTWAGKPEKLSVETSTGTMLGPRKSFEAWQDEVS
GKSQPWRTAQLYAARDIARDLLIVADVMQLNLLNDQLADANENLEKLVSFDDLTGIFNRRRMEDRLESEVKEAQRYKKQF
GILLFDLDKFKSVNDTYGHNIGDQILQNTCAAVSETLRDTDKFGRWGGEEFLIIAPQTGMPELMQLGERVRAAVEKMQHK
DLPAVTISIGVAEFQNDTRWDHMIDRADKAMYRAKENGRNQVCSQ
;
_entity_poly.pdbx_strand_id   A,B
#
loop_
_chem_comp.id
_chem_comp.type
_chem_comp.name
_chem_comp.formula
CL non-polymer 'CHLORIDE ION' 'Cl -1'
LBV non-polymer '3-[2-[(Z)-[3-(2-carboxyethyl)-5-[(Z)-(4-ethenyl-3-methyl-5-oxidanylidene-pyrrol-2-ylidene)methyl]-4-methyl-pyrrol-1-ium -2-ylidene]methyl]-5-[(Z)-[(3E)-3-ethylidene-4-methyl-5-oxidanylidene-pyrrolidin-2-ylidene]methyl]-4-methyl-1H-pyrrol-3- yl]propanoic acid' 'C33 H37 N4 O6 1'
#
# COMPACT_ATOMS: atom_id res chain seq x y z
N ILE A 12 18.45 30.17 40.05
CA ILE A 12 18.11 28.99 39.26
C ILE A 12 16.83 29.23 38.44
N SER A 13 15.85 29.94 39.03
CA SER A 13 14.63 30.25 38.29
C SER A 13 14.89 31.26 37.17
N LYS A 14 15.66 32.30 37.48
CA LYS A 14 15.94 33.34 36.48
C LYS A 14 16.59 32.72 35.25
N LEU A 15 17.41 31.69 35.45
CA LEU A 15 18.01 30.96 34.32
C LEU A 15 16.96 30.18 33.54
N ILE A 16 15.98 29.59 34.25
CA ILE A 16 14.92 28.83 33.58
C ILE A 16 14.07 29.76 32.72
N ALA A 17 14.02 31.06 33.06
CA ALA A 17 13.25 31.98 32.25
C ALA A 17 13.76 32.04 30.80
N ALA A 18 15.07 31.95 30.59
CA ALA A 18 15.64 32.15 29.26
C ALA A 18 16.64 31.06 28.88
N CYS A 19 16.29 29.80 29.15
CA CYS A 19 17.17 28.68 28.84
C CYS A 19 17.21 28.33 27.37
N ASP A 20 16.09 28.46 26.65
CA ASP A 20 16.04 28.06 25.25
C ASP A 20 16.98 28.87 24.37
N GLN A 21 17.26 30.13 24.75
CA GLN A 21 18.12 31.04 24.01
C GLN A 21 19.60 30.86 24.33
N GLU A 22 19.94 30.26 25.46
CA GLU A 22 21.31 30.19 25.95
C GLU A 22 22.26 29.59 24.92
N PRO A 23 23.37 30.24 24.61
CA PRO A 23 24.31 29.71 23.62
C PRO A 23 25.29 28.71 24.22
N ILE A 24 24.88 27.44 24.21
CA ILE A 24 25.65 26.42 24.93
C ILE A 24 26.89 26.00 24.16
N HIS A 25 27.01 26.38 22.89
CA HIS A 25 28.15 26.01 22.07
C HIS A 25 29.37 26.88 22.35
N ILE A 26 29.18 28.04 22.96
CA ILE A 26 30.29 28.96 23.18
C ILE A 26 30.30 29.39 24.65
N PRO A 27 30.56 28.48 25.60
CA PRO A 27 30.64 28.89 27.00
C PRO A 27 31.98 29.46 27.41
N ASN A 28 32.96 29.47 26.52
CA ASN A 28 34.32 29.93 26.84
C ASN A 28 34.85 29.27 28.12
N ALA A 29 34.55 27.98 28.29
CA ALA A 29 34.99 27.19 29.43
C ALA A 29 34.90 25.71 29.07
N ILE A 30 35.65 24.89 29.81
CA ILE A 30 35.66 23.45 29.60
C ILE A 30 35.48 22.73 30.93
N GLN A 31 35.00 21.49 30.86
CA GLN A 31 35.03 20.61 32.01
C GLN A 31 36.46 20.17 32.30
N PRO A 32 36.84 20.01 33.58
CA PRO A 32 38.26 19.78 33.90
C PRO A 32 38.81 18.37 33.66
N PHE A 33 38.16 17.52 32.87
CA PHE A 33 38.78 16.23 32.62
C PHE A 33 39.79 16.28 31.46
N GLY A 34 40.20 17.49 31.10
CA GLY A 34 41.29 17.67 30.17
C GLY A 34 41.67 19.14 30.13
N ALA A 35 42.53 19.48 29.17
CA ALA A 35 42.91 20.88 28.92
C ALA A 35 42.65 21.18 27.46
N MET A 36 42.55 22.45 27.14
CA MET A 36 42.24 22.85 25.78
C MET A 36 43.16 23.98 25.33
N LEU A 37 43.62 23.89 24.07
CA LEU A 37 44.32 24.98 23.40
C LEU A 37 43.51 25.38 22.17
N ILE A 38 43.49 26.70 21.91
CA ILE A 38 42.94 27.26 20.68
C ILE A 38 44.05 28.04 19.99
N VAL A 39 44.34 27.64 18.75
CA VAL A 39 45.45 28.13 17.95
C VAL A 39 44.90 28.81 16.71
N GLU A 40 45.46 29.97 16.37
CA GLU A 40 45.12 30.62 15.11
C GLU A 40 45.81 29.87 13.97
N LYS A 41 45.03 29.44 12.97
CA LYS A 41 45.59 28.63 11.88
C LYS A 41 46.70 29.36 11.14
N ASP A 42 46.48 30.64 10.81
CA ASP A 42 47.44 31.37 9.96
C ASP A 42 48.75 31.67 10.69
N THR A 43 48.66 32.26 11.89
CA THR A 43 49.88 32.67 12.61
C THR A 43 50.46 31.53 13.43
N GLN A 44 49.70 30.45 13.62
CA GLN A 44 50.09 29.31 14.45
C GLN A 44 50.42 29.71 15.88
N GLN A 45 49.70 30.70 16.38
CA GLN A 45 49.83 31.15 17.76
C GLN A 45 48.73 30.55 18.62
N ILE A 46 49.12 30.07 19.80
CA ILE A 46 48.12 29.77 20.83
C ILE A 46 47.46 31.07 21.24
N VAL A 47 46.14 31.17 21.02
CA VAL A 47 45.42 32.35 21.45
C VAL A 47 44.56 32.08 22.68
N TYR A 48 44.10 30.85 22.88
CA TYR A 48 43.40 30.52 24.12
C TYR A 48 43.95 29.24 24.72
N ALA A 49 43.93 29.17 26.04
CA ALA A 49 44.24 27.94 26.74
C ALA A 49 43.30 27.84 27.92
N SER A 50 42.85 26.63 28.21
CA SER A 50 42.03 26.44 29.40
C SER A 50 42.87 26.66 30.65
N ALA A 51 42.20 27.15 31.70
CA ALA A 51 42.90 27.64 32.89
C ALA A 51 43.79 26.57 33.51
N ASN A 52 43.49 25.30 33.29
CA ASN A 52 44.28 24.21 33.83
C ASN A 52 45.32 23.71 32.84
N SER A 53 45.68 24.51 31.83
CA SER A 53 46.52 23.98 30.75
C SER A 53 47.90 23.59 31.24
N ALA A 54 48.37 24.22 32.31
CA ALA A 54 49.73 23.95 32.76
C ALA A 54 49.90 22.49 33.16
N GLU A 55 48.94 21.93 33.91
CA GLU A 55 49.17 20.60 34.46
C GLU A 55 49.16 19.51 33.39
N TYR A 56 48.55 19.75 32.24
CA TYR A 56 48.61 18.74 31.18
C TYR A 56 49.83 18.95 30.27
N PHE A 57 50.09 20.20 29.84
CA PHE A 57 51.21 20.40 28.94
C PHE A 57 52.55 20.44 29.66
N SER A 58 52.55 20.51 30.99
CA SER A 58 53.81 20.29 31.70
C SER A 58 54.39 18.92 31.38
N VAL A 59 53.52 18.00 30.94
CA VAL A 59 53.93 16.64 30.60
C VAL A 59 54.68 16.59 29.28
N ALA A 60 54.23 17.37 28.28
CA ALA A 60 54.96 17.50 27.02
C ALA A 60 56.21 18.34 27.17
N ASP A 61 56.19 19.28 28.12
CA ASP A 61 57.22 20.31 28.19
C ASP A 61 57.43 20.61 29.66
N ASN A 62 58.46 20.00 30.27
CA ASN A 62 58.54 20.20 31.73
C ASN A 62 58.96 21.64 32.13
N THR A 63 59.05 22.57 31.18
CA THR A 63 59.30 23.96 31.52
C THR A 63 58.00 24.72 31.77
N ILE A 64 56.86 24.16 31.34
CA ILE A 64 55.55 24.74 31.64
C ILE A 64 55.28 24.55 33.12
N HIS A 65 55.26 25.65 33.87
CA HIS A 65 54.95 25.61 35.30
C HIS A 65 53.62 26.32 35.59
N GLU A 66 53.51 27.59 35.26
CA GLU A 66 52.22 28.25 35.34
C GLU A 66 51.55 28.29 33.98
N LEU A 67 50.34 28.84 33.96
CA LEU A 67 49.66 29.09 32.70
C LEU A 67 50.43 30.12 31.86
N SER A 68 51.11 31.05 32.52
CA SER A 68 51.77 32.11 31.76
C SER A 68 52.86 31.56 30.85
N ASP A 69 53.48 30.44 31.21
CA ASP A 69 54.54 29.88 30.37
C ASP A 69 54.04 29.48 28.99
N ILE A 70 52.74 29.21 28.86
CA ILE A 70 52.22 28.87 27.54
C ILE A 70 52.49 30.01 26.57
N LYS A 71 52.48 31.24 27.07
CA LYS A 71 52.75 32.39 26.22
C LYS A 71 54.14 32.30 25.57
N GLN A 72 55.13 31.77 26.31
CA GLN A 72 56.45 31.59 25.72
C GLN A 72 56.54 30.38 24.79
N ALA A 73 55.51 29.53 24.75
CA ALA A 73 55.62 28.27 24.04
C ALA A 73 55.38 28.41 22.54
N ASN A 74 55.88 27.42 21.81
CA ASN A 74 55.64 27.21 20.39
C ASN A 74 54.84 25.92 20.25
N ILE A 75 53.92 25.86 19.29
CA ILE A 75 53.00 24.72 19.26
C ILE A 75 53.73 23.41 18.96
N ASN A 76 54.89 23.50 18.29
CA ASN A 76 55.69 22.31 18.03
C ASN A 76 56.28 21.73 19.31
N SER A 77 56.43 22.54 20.36
CA SER A 77 56.95 22.03 21.62
C SER A 77 55.91 21.21 22.38
N LEU A 78 54.63 21.46 22.14
CA LEU A 78 53.58 20.79 22.89
C LEU A 78 52.84 19.74 22.09
N LEU A 79 52.70 19.92 20.82
CA LEU A 79 51.88 19.06 20.00
C LEU A 79 52.74 18.08 19.21
N PRO A 80 52.25 16.85 19.00
CA PRO A 80 53.01 15.88 18.18
C PRO A 80 53.07 16.28 16.72
N GLU A 81 54.11 15.81 16.05
CA GLU A 81 54.25 16.09 14.62
C GLU A 81 53.02 15.59 13.87
N HIS A 82 52.54 14.39 14.21
CA HIS A 82 51.39 13.81 13.51
C HIS A 82 50.16 14.69 13.64
N LEU A 83 49.94 15.27 14.83
CA LEU A 83 48.81 16.17 15.02
C LEU A 83 48.95 17.45 14.18
N ILE A 84 50.14 18.03 14.12
CA ILE A 84 50.30 19.25 13.34
C ILE A 84 50.13 18.96 11.85
N SER A 85 50.83 17.98 11.32
CA SER A 85 50.68 17.71 9.89
C SER A 85 49.24 17.33 9.55
N GLY A 86 48.60 16.50 10.39
CA GLY A 86 47.21 16.15 10.16
C GLY A 86 46.28 17.35 10.15
N LEU A 87 46.52 18.35 11.03
CA LEU A 87 45.70 19.56 11.03
C LEU A 87 45.99 20.42 9.80
N ALA A 88 47.26 20.51 9.40
CA ALA A 88 47.61 21.31 8.23
C ALA A 88 46.97 20.77 6.97
N SER A 89 46.86 19.45 6.85
CA SER A 89 46.31 18.86 5.64
C SER A 89 44.79 18.87 5.60
N ALA A 90 44.12 19.05 6.73
CA ALA A 90 42.66 18.96 6.78
C ALA A 90 42.01 20.20 6.15
N ILE A 91 41.15 19.99 5.17
CA ILE A 91 40.41 21.08 4.54
C ILE A 91 38.98 21.13 5.06
N ARG A 92 38.40 19.97 5.37
CA ARG A 92 37.09 19.94 6.02
C ARG A 92 37.17 20.41 7.47
N GLU A 93 36.16 21.16 7.90
CA GLU A 93 36.09 21.58 9.29
C GLU A 93 35.39 20.54 10.17
N ASN A 94 35.70 20.59 11.47
CA ASN A 94 34.98 19.83 12.49
C ASN A 94 35.10 18.30 12.33
N GLU A 95 36.22 17.81 11.79
CA GLU A 95 36.54 16.40 11.74
C GLU A 95 37.70 16.12 12.69
N PRO A 96 37.44 15.85 13.97
CA PRO A 96 38.53 15.69 14.92
C PRO A 96 39.49 14.56 14.57
N ILE A 97 40.72 14.74 15.00
CA ILE A 97 41.85 13.86 14.73
C ILE A 97 42.41 13.42 16.08
N TRP A 98 42.62 12.12 16.24
CA TRP A 98 43.00 11.52 17.50
C TRP A 98 44.44 11.05 17.40
N VAL A 99 45.32 11.59 18.25
CA VAL A 99 46.75 11.27 18.21
C VAL A 99 47.24 11.10 19.64
N GLU A 100 47.89 9.98 19.93
CA GLU A 100 48.34 9.69 21.29
C GLU A 100 49.86 9.68 21.40
N THR A 101 50.35 10.05 22.57
CA THR A 101 51.74 9.87 22.97
C THR A 101 51.77 8.85 24.09
N ASP A 102 52.91 8.73 24.75
CA ASP A 102 53.00 7.75 25.84
C ASP A 102 52.25 8.21 27.09
N ARG A 103 52.11 9.53 27.28
CA ARG A 103 51.41 10.03 28.45
C ARG A 103 50.17 10.83 28.13
N LEU A 104 50.02 11.35 26.91
CA LEU A 104 48.92 12.24 26.59
C LEU A 104 48.17 11.79 25.34
N SER A 105 46.88 12.13 25.33
CA SER A 105 45.94 11.78 24.27
C SER A 105 45.31 13.04 23.73
N PHE A 106 45.51 13.29 22.43
CA PHE A 106 45.11 14.52 21.75
C PHE A 106 43.94 14.30 20.79
N LEU A 107 43.02 15.27 20.78
CA LEU A 107 41.93 15.37 19.81
C LEU A 107 41.91 16.79 19.25
N GLY A 108 42.16 16.97 17.97
CA GLY A 108 42.19 18.28 17.38
C GLY A 108 41.38 18.38 16.11
N TRP A 109 40.81 19.55 15.89
CA TRP A 109 40.04 19.78 14.67
C TRP A 109 40.18 21.23 14.24
N ARG A 110 39.83 21.48 12.99
CA ARG A 110 39.87 22.81 12.42
C ARG A 110 38.46 23.41 12.47
N HIS A 111 38.34 24.60 13.04
CA HIS A 111 37.09 25.33 13.06
C HIS A 111 37.35 26.75 12.62
N GLU A 112 36.93 27.08 11.40
CA GLU A 112 37.05 28.42 10.83
C GLU A 112 38.51 28.84 10.89
N ASN A 113 38.86 29.93 11.56
CA ASN A 113 40.20 30.45 11.66
C ASN A 113 41.09 29.62 12.58
N TYR A 114 40.54 28.70 13.36
CA TYR A 114 41.31 28.08 14.44
C TYR A 114 41.56 26.59 14.25
N TYR A 115 42.52 26.09 15.02
CA TYR A 115 42.70 24.69 15.38
C TYR A 115 42.33 24.62 16.85
N ILE A 116 41.39 23.77 17.20
CA ILE A 116 41.05 23.52 18.59
C ILE A 116 41.61 22.16 18.95
N ILE A 117 42.34 22.08 20.06
CA ILE A 117 43.00 20.87 20.52
C ILE A 117 42.57 20.59 21.96
N GLU A 118 42.02 19.42 22.19
CA GLU A 118 41.69 18.96 23.52
C GLU A 118 42.69 17.86 23.89
N VAL A 119 43.22 17.90 25.12
CA VAL A 119 44.20 16.92 25.55
C VAL A 119 43.76 16.31 26.88
N GLU A 120 43.97 15.00 27.02
CA GLU A 120 43.62 14.25 28.22
C GLU A 120 44.79 13.36 28.61
N ARG A 121 44.97 13.13 29.91
CA ARG A 121 45.93 12.10 30.32
C ARG A 121 45.44 10.73 29.87
N TYR A 122 46.39 9.82 29.63
CA TYR A 122 46.06 8.62 28.88
C TYR A 122 46.91 7.44 29.33
N HIS A 123 46.26 6.28 29.43
CA HIS A 123 46.87 5.05 29.91
C HIS A 123 46.66 3.93 28.89
N VAL A 124 47.74 3.24 28.54
CA VAL A 124 47.64 2.17 27.55
C VAL A 124 46.88 0.99 28.15
N GLN A 125 45.92 0.47 27.39
CA GLN A 125 45.27 -0.79 27.69
C GLN A 125 45.76 -1.84 26.70
N THR A 126 46.58 -2.76 27.18
CA THR A 126 46.93 -3.93 26.40
C THR A 126 46.00 -5.06 26.85
N SER A 127 44.93 -5.27 26.10
CA SER A 127 44.07 -6.42 26.36
C SER A 127 43.09 -6.56 25.21
N ASN A 128 42.45 -7.72 25.15
CA ASN A 128 41.43 -7.95 24.14
C ASN A 128 40.03 -7.66 24.66
N TRP A 129 39.92 -7.06 25.84
CA TRP A 129 38.63 -6.76 26.44
C TRP A 129 37.70 -6.06 25.45
N PHE A 130 38.22 -5.09 24.69
CA PHE A 130 37.38 -4.29 23.80
C PHE A 130 36.91 -5.09 22.58
N GLU A 131 37.79 -5.89 21.99
CA GLU A 131 37.40 -6.69 20.84
C GLU A 131 36.37 -7.72 21.25
N ILE A 132 36.57 -8.35 22.42
CA ILE A 132 35.61 -9.32 22.94
C ILE A 132 34.27 -8.66 23.19
N GLN A 133 34.28 -7.51 23.88
CA GLN A 133 33.03 -6.80 24.12
C GLN A 133 32.30 -6.51 22.83
N PHE A 134 33.03 -6.05 21.81
CA PHE A 134 32.43 -5.65 20.54
C PHE A 134 31.84 -6.85 19.81
N GLN A 135 32.57 -7.96 19.76
CA GLN A 135 32.02 -9.15 19.12
C GLN A 135 30.76 -9.60 19.81
N ARG A 136 30.77 -9.60 21.15
CA ARG A 136 29.59 -10.04 21.88
C ARG A 136 28.39 -9.13 21.62
N ALA A 137 28.61 -7.81 21.62
CA ALA A 137 27.54 -6.87 21.32
C ALA A 137 26.97 -7.09 19.93
N PHE A 138 27.84 -7.26 18.93
CA PHE A 138 27.34 -7.51 17.57
C PHE A 138 26.55 -8.79 17.48
N GLN A 139 27.02 -9.87 18.11
CA GLN A 139 26.26 -11.10 18.04
C GLN A 139 24.89 -10.94 18.68
N LYS A 140 24.84 -10.29 19.84
CA LYS A 140 23.58 -10.16 20.54
C LYS A 140 22.61 -9.26 19.78
N LEU A 141 23.09 -8.15 19.22
CA LEU A 141 22.19 -7.32 18.43
C LEU A 141 21.72 -8.04 17.17
N ARG A 142 22.65 -8.74 16.49
CA ARG A 142 22.26 -9.51 15.32
C ARG A 142 21.18 -10.54 15.63
N ASN A 143 21.12 -11.05 16.87
CA ASN A 143 20.08 -12.01 17.21
C ASN A 143 18.70 -11.41 17.41
N CYS A 144 18.58 -10.10 17.57
CA CYS A 144 17.28 -9.47 17.78
C CYS A 144 16.41 -9.45 16.51
N LYS A 145 15.19 -9.96 16.61
CA LYS A 145 14.28 -9.95 15.48
C LYS A 145 13.15 -8.94 15.64
N THR A 146 13.09 -8.24 16.77
CA THR A 146 12.00 -7.34 17.13
C THR A 146 12.56 -6.02 17.65
N HIS A 147 11.81 -4.94 17.39
CA HIS A 147 12.03 -3.64 18.04
C HIS A 147 12.31 -3.76 19.54
N ASN A 148 11.39 -4.37 20.30
CA ASN A 148 11.54 -4.52 21.74
C ASN A 148 12.86 -5.19 22.11
N ASP A 149 13.11 -6.35 21.52
CA ASP A 149 14.32 -7.09 21.87
C ASP A 149 15.57 -6.26 21.58
N LEU A 150 15.54 -5.50 20.49
CA LEU A 150 16.72 -4.70 20.16
C LEU A 150 16.92 -3.58 21.18
N ILE A 151 15.87 -2.83 21.51
CA ILE A 151 16.09 -1.71 22.43
C ILE A 151 16.48 -2.22 23.83
N ASN A 152 15.92 -3.34 24.27
CA ASN A 152 16.33 -3.86 25.57
C ASN A 152 17.76 -4.42 25.53
N THR A 153 18.09 -5.19 24.49
CA THR A 153 19.46 -5.68 24.35
C THR A 153 20.45 -4.53 24.35
N LEU A 154 20.12 -3.45 23.63
CA LEU A 154 21.04 -2.32 23.54
C LEU A 154 21.20 -1.63 24.88
N THR A 155 20.11 -1.41 25.60
CA THR A 155 20.25 -0.80 26.92
C THR A 155 21.13 -1.66 27.83
N ARG A 156 20.91 -2.99 27.83
CA ARG A 156 21.71 -3.85 28.70
C ARG A 156 23.19 -3.85 28.31
N LEU A 157 23.49 -3.95 27.00
CA LEU A 157 24.87 -3.92 26.52
C LEU A 157 25.56 -2.62 26.88
N ILE A 158 24.90 -1.49 26.63
CA ILE A 158 25.50 -0.21 26.95
C ILE A 158 25.82 -0.14 28.44
N GLN A 159 24.93 -0.67 29.29
CA GLN A 159 25.24 -0.74 30.72
C GLN A 159 26.43 -1.65 31.03
N GLU A 160 26.48 -2.83 30.40
CA GLU A 160 27.58 -3.76 30.66
C GLU A 160 28.92 -3.14 30.25
N ILE A 161 28.93 -2.36 29.17
CA ILE A 161 30.17 -1.74 28.69
C ILE A 161 30.52 -0.50 29.50
N SER A 162 29.58 0.43 29.65
CA SER A 162 29.91 1.72 30.26
C SER A 162 30.03 1.62 31.77
N GLY A 163 29.36 0.65 32.38
CA GLY A 163 29.40 0.51 33.81
C GLY A 163 28.49 1.43 34.57
N TYR A 164 27.62 2.15 33.88
CA TYR A 164 26.78 3.16 34.51
C TYR A 164 25.61 2.52 35.25
N ASP A 165 25.23 3.16 36.36
CA ASP A 165 24.19 2.59 37.22
C ASP A 165 22.82 2.55 36.53
N ARG A 166 22.55 3.48 35.61
CA ARG A 166 21.26 3.49 34.91
C ARG A 166 21.44 3.90 33.47
N VAL A 167 20.76 3.19 32.57
CA VAL A 167 20.84 3.42 31.13
C VAL A 167 19.43 3.37 30.55
N MET A 168 19.09 4.37 29.75
CA MET A 168 17.75 4.55 29.20
C MET A 168 17.84 4.88 27.73
N ILE A 169 16.79 4.56 26.99
CA ILE A 169 16.62 5.01 25.61
C ILE A 169 15.43 5.94 25.54
N TYR A 170 15.68 7.17 25.08
CA TYR A 170 14.62 8.13 24.86
C TYR A 170 14.24 8.11 23.40
N GLN A 171 12.95 7.96 23.10
CA GLN A 171 12.49 8.11 21.74
C GLN A 171 11.74 9.43 21.62
N PHE A 172 12.15 10.25 20.64
CA PHE A 172 11.50 11.51 20.36
C PHE A 172 10.27 11.27 19.50
N ASP A 173 9.23 12.05 19.77
CA ASP A 173 8.00 12.09 18.99
C ASP A 173 8.07 13.24 17.99
N PRO A 174 7.09 13.35 17.07
CA PRO A 174 7.23 14.37 16.01
C PRO A 174 7.39 15.78 16.52
N GLU A 175 6.89 16.09 17.71
CA GLU A 175 7.01 17.42 18.31
C GLU A 175 8.23 17.54 19.21
N TRP A 176 9.11 16.53 19.25
CA TRP A 176 10.36 16.51 20.01
C TRP A 176 10.15 16.32 21.51
N ASN A 177 8.99 15.82 21.91
CA ASN A 177 8.84 15.24 23.23
C ASN A 177 9.56 13.90 23.25
N GLY A 178 9.87 13.42 24.46
CA GLY A 178 10.61 12.18 24.62
C GLY A 178 9.89 11.21 25.52
N ARG A 179 10.08 9.92 25.24
CA ARG A 179 9.57 8.84 26.07
C ARG A 179 10.70 7.89 26.41
N VAL A 180 10.80 7.50 27.68
CA VAL A 180 11.76 6.46 28.07
C VAL A 180 11.12 5.11 27.74
N ILE A 181 11.70 4.41 26.77
CA ILE A 181 11.10 3.21 26.21
C ILE A 181 11.86 1.93 26.55
N ALA A 182 13.03 2.05 27.14
CA ALA A 182 13.82 0.92 27.60
C ALA A 182 14.76 1.46 28.67
N GLU A 183 15.14 0.58 29.59
CA GLU A 183 15.90 0.97 30.75
C GLU A 183 16.60 -0.27 31.27
N SER A 184 17.75 -0.08 31.89
CA SER A 184 18.49 -1.18 32.51
C SER A 184 19.17 -0.52 33.70
N VAL A 185 18.64 -0.80 34.90
CA VAL A 185 18.90 0.01 36.07
C VAL A 185 19.06 -0.88 37.30
N ARG A 186 20.22 -0.80 37.96
CA ARG A 186 20.36 -1.42 39.26
C ARG A 186 19.44 -0.69 40.24
N GLN A 187 18.89 -1.41 41.25
CA GLN A 187 17.90 -0.72 42.12
C GLN A 187 18.56 0.33 43.04
N LEU A 188 19.82 0.64 42.73
CA LEU A 188 20.55 1.78 43.26
C LEU A 188 19.92 3.11 42.81
N PHE A 189 18.90 3.02 41.94
CA PHE A 189 18.13 4.12 41.37
C PHE A 189 16.67 3.64 41.22
N THR A 190 15.75 4.60 41.12
CA THR A 190 14.34 4.28 40.87
C THR A 190 14.07 4.07 39.38
N SER A 191 13.06 3.24 39.07
CA SER A 191 12.72 2.91 37.68
C SER A 191 12.08 4.09 36.93
N MET A 192 12.68 4.46 35.79
CA MET A 192 12.25 5.55 34.93
C MET A 192 11.47 5.10 33.69
N LEU A 193 11.19 3.81 33.55
CA LEU A 193 10.54 3.30 32.35
C LEU A 193 9.17 3.94 32.13
N ASN A 194 8.91 4.35 30.88
CA ASN A 194 7.68 4.95 30.35
C ASN A 194 7.39 6.36 30.81
N HIS A 195 8.36 7.06 31.39
CA HIS A 195 8.19 8.46 31.70
C HIS A 195 8.40 9.29 30.43
N HIS A 196 7.58 10.32 30.26
CA HIS A 196 7.71 11.28 29.17
C HIS A 196 8.27 12.60 29.67
N PHE A 197 9.07 13.27 28.83
CA PHE A 197 9.53 14.64 29.09
C PHE A 197 9.14 15.57 27.94
N PRO A 198 8.89 16.84 28.23
CA PRO A 198 8.52 17.79 27.17
C PRO A 198 9.71 18.29 26.36
N ALA A 199 9.41 18.71 25.13
CA ALA A 199 10.47 19.15 24.22
C ALA A 199 11.29 20.29 24.80
N SER A 200 10.69 21.11 25.68
CA SER A 200 11.39 22.23 26.29
C SER A 200 12.61 21.80 27.11
N ASP A 201 12.65 20.53 27.55
CA ASP A 201 13.67 20.03 28.46
C ASP A 201 15.00 19.74 27.78
N ILE A 202 14.99 19.59 26.46
CA ILE A 202 16.20 19.59 25.65
C ILE A 202 16.03 20.64 24.56
N PRO A 203 16.64 21.81 24.71
CA PRO A 203 16.46 22.88 23.73
C PRO A 203 17.00 22.47 22.37
N ALA A 204 16.51 23.16 21.33
CA ALA A 204 16.90 22.78 19.98
C ALA A 204 18.40 22.78 19.86
N GLN A 205 19.06 23.75 20.48
CA GLN A 205 20.51 23.85 20.41
C GLN A 205 21.20 22.62 21.01
N ALA A 206 20.63 22.04 22.07
CA ALA A 206 21.22 20.87 22.69
C ALA A 206 20.97 19.61 21.89
N ARG A 207 19.77 19.44 21.35
CA ARG A 207 19.53 18.33 20.43
C ARG A 207 20.45 18.43 19.22
N ALA A 208 20.73 19.64 18.76
CA ALA A 208 21.57 19.82 17.58
C ALA A 208 23.02 19.41 17.83
N MET A 209 23.49 19.44 19.08
CA MET A 209 24.90 19.11 19.34
C MET A 209 25.20 17.68 18.95
N TYR A 210 24.22 16.77 19.05
CA TYR A 210 24.46 15.37 18.69
C TYR A 210 24.87 15.22 17.24
N SER A 211 24.38 16.08 16.36
CA SER A 211 24.81 16.03 14.97
C SER A 211 26.26 16.47 14.80
N ILE A 212 26.80 17.29 15.72
CA ILE A 212 28.22 17.66 15.64
C ILE A 212 29.09 16.58 16.28
N ASN A 213 28.73 16.12 17.44
CA ASN A 213 29.43 15.01 18.09
C ASN A 213 28.39 14.09 18.71
N PRO A 214 28.36 12.83 18.31
CA PRO A 214 27.28 11.93 18.78
C PRO A 214 27.33 11.61 20.26
N ILE A 215 28.43 11.90 20.95
CA ILE A 215 28.56 11.56 22.36
C ILE A 215 28.73 12.82 23.17
N ARG A 216 28.11 12.85 24.35
CA ARG A 216 28.26 13.93 25.31
C ARG A 216 28.64 13.31 26.66
N ILE A 217 29.70 13.83 27.28
CA ILE A 217 30.18 13.27 28.54
C ILE A 217 30.26 14.37 29.60
N ILE A 218 29.67 14.08 30.77
CA ILE A 218 29.74 14.94 31.94
C ILE A 218 30.25 14.11 33.11
N PRO A 219 31.57 14.05 33.36
CA PRO A 219 32.09 13.11 34.37
C PRO A 219 31.79 13.50 35.81
N ASP A 220 31.38 14.74 36.06
CA ASP A 220 31.17 15.19 37.43
C ASP A 220 30.35 16.47 37.39
N VAL A 221 29.08 16.40 37.79
CA VAL A 221 28.26 17.61 37.85
C VAL A 221 28.88 18.67 38.75
N ASN A 222 29.71 18.27 39.71
CA ASN A 222 30.25 19.21 40.67
C ASN A 222 31.70 19.58 40.37
N ALA A 223 32.25 19.09 39.26
CA ALA A 223 33.56 19.57 38.86
C ALA A 223 33.46 21.06 38.47
N GLU A 224 34.49 21.81 38.84
CA GLU A 224 34.54 23.25 38.61
C GLU A 224 35.00 23.53 37.20
N PRO A 225 34.19 24.16 36.35
CA PRO A 225 34.63 24.41 34.98
C PRO A 225 35.86 25.29 34.96
N GLN A 226 36.70 25.10 33.95
CA GLN A 226 37.90 25.91 33.78
C GLN A 226 37.70 26.86 32.61
N PRO A 227 37.79 28.16 32.81
CA PRO A 227 37.58 29.11 31.70
C PRO A 227 38.78 29.17 30.75
N LEU A 228 38.48 29.57 29.51
CA LEU A 228 39.53 29.84 28.53
C LEU A 228 40.18 31.20 28.79
N HIS A 229 41.50 31.22 28.88
CA HIS A 229 42.25 32.43 29.07
C HIS A 229 42.93 32.86 27.78
N MET A 230 43.01 34.18 27.58
CA MET A 230 43.70 34.69 26.41
C MET A 230 45.20 34.60 26.63
N ILE A 231 45.90 33.96 25.71
CA ILE A 231 47.33 33.79 25.82
C ILE A 231 47.97 34.89 25.00
N HIS A 232 47.75 34.83 23.69
CA HIS A 232 48.14 35.87 22.77
C HIS A 232 46.87 36.49 22.20
N LYS A 233 47.03 37.58 21.58
CA LYS A 233 45.84 38.31 21.17
C LYS A 233 45.34 37.80 19.81
N PRO A 234 44.05 37.49 19.69
CA PRO A 234 43.52 37.07 18.40
C PRO A 234 43.03 38.21 17.51
N GLN A 235 43.18 37.98 16.20
CA GLN A 235 42.62 38.89 15.21
C GLN A 235 41.10 38.96 15.26
N ASN A 236 40.45 37.98 15.86
CA ASN A 236 39.00 37.95 15.99
C ASN A 236 38.65 37.75 17.45
N THR A 237 37.81 38.62 17.98
CA THR A 237 37.54 38.63 19.40
C THR A 237 36.29 37.83 19.81
N GLU A 238 35.53 37.28 18.88
CA GLU A 238 34.32 36.55 19.22
C GLU A 238 34.63 35.17 19.79
N ALA A 239 33.72 34.71 20.64
CA ALA A 239 33.87 33.44 21.35
C ALA A 239 33.97 32.27 20.38
N VAL A 240 34.83 31.35 20.69
CA VAL A 240 35.06 30.25 19.77
C VAL A 240 34.08 29.13 20.10
N ASN A 241 33.56 28.52 19.06
CA ASN A 241 32.63 27.40 19.16
C ASN A 241 33.40 26.15 19.56
N LEU A 242 32.95 25.47 20.62
CA LEU A 242 33.67 24.30 21.13
C LEU A 242 32.94 22.97 20.93
N SER A 243 31.84 22.94 20.17
CA SER A 243 30.91 21.81 20.20
C SER A 243 31.44 20.52 19.56
N SER A 244 32.54 20.54 18.82
CA SER A 244 33.00 19.34 18.13
C SER A 244 33.78 18.35 19.00
N GLY A 245 34.35 18.79 20.12
CA GLY A 245 35.06 17.94 21.04
C GLY A 245 34.17 17.38 22.14
N VAL A 246 34.79 16.97 23.23
CA VAL A 246 34.07 16.45 24.37
C VAL A 246 34.17 17.32 25.62
N LEU A 247 35.13 18.26 25.68
CA LEU A 247 35.40 19.01 26.90
C LEU A 247 34.49 20.21 27.13
N ARG A 248 33.72 20.64 26.12
CA ARG A 248 32.89 21.85 26.24
C ARG A 248 32.06 21.86 27.53
N ALA A 249 32.01 23.03 28.16
CA ALA A 249 31.36 23.13 29.46
C ALA A 249 29.86 22.94 29.35
N VAL A 250 29.27 22.54 30.46
CA VAL A 250 27.86 22.18 30.58
C VAL A 250 27.13 23.39 31.14
N SER A 251 25.94 23.66 30.60
CA SER A 251 25.05 24.68 31.13
C SER A 251 24.78 24.44 32.62
N PRO A 252 25.05 25.41 33.49
CA PRO A 252 24.82 25.20 34.94
C PRO A 252 23.39 24.83 35.29
N LEU A 253 22.42 25.27 34.46
CA LEU A 253 21.04 24.81 34.61
C LEU A 253 20.94 23.30 34.57
N HIS A 254 21.57 22.69 33.58
CA HIS A 254 21.45 21.25 33.41
C HIS A 254 22.24 20.48 34.47
N MET A 255 23.41 20.99 34.86
CA MET A 255 24.08 20.42 36.03
C MET A 255 23.12 20.38 37.21
N GLN A 256 22.38 21.47 37.42
CA GLN A 256 21.40 21.45 38.51
C GLN A 256 20.30 20.43 38.26
N TYR A 257 19.87 20.26 37.01
CA TYR A 257 18.84 19.26 36.73
C TYR A 257 19.30 17.89 37.17
N LEU A 258 20.54 17.51 36.80
CA LEU A 258 21.10 16.23 37.18
C LEU A 258 21.29 16.11 38.70
N ARG A 259 21.70 17.20 39.36
CA ARG A 259 21.78 17.17 40.80
C ARG A 259 20.44 16.80 41.43
N ASN A 260 19.36 17.47 41.02
CA ASN A 260 18.05 17.20 41.59
C ASN A 260 17.61 15.76 41.36
N PHE A 261 18.15 15.11 40.36
CA PHE A 261 17.86 13.76 39.97
C PHE A 261 18.73 12.73 40.68
N GLY A 262 19.70 13.16 41.48
CA GLY A 262 20.61 12.22 42.11
C GLY A 262 21.71 11.71 41.21
N VAL A 263 21.95 12.37 40.07
CA VAL A 263 22.94 11.94 39.09
C VAL A 263 24.20 12.77 39.28
N SER A 264 25.36 12.10 39.36
CA SER A 264 26.63 12.78 39.50
C SER A 264 27.45 12.80 38.22
N ALA A 265 27.18 11.89 37.28
CA ALA A 265 27.85 11.90 36.00
C ALA A 265 26.91 11.29 35.00
N SER A 266 27.07 11.68 33.74
CA SER A 266 26.24 11.10 32.70
C SER A 266 27.04 11.03 31.41
N THR A 267 26.52 10.22 30.49
CA THR A 267 26.95 10.12 29.12
C THR A 267 25.70 10.00 28.27
N SER A 268 25.64 10.63 27.11
CA SER A 268 24.52 10.32 26.23
C SER A 268 25.03 10.19 24.81
N ILE A 269 24.38 9.30 24.05
CA ILE A 269 24.70 9.04 22.65
C ILE A 269 23.45 9.27 21.81
N GLY A 270 23.62 9.94 20.67
CA GLY A 270 22.50 10.15 19.76
C GLY A 270 22.26 8.93 18.88
N ILE A 271 20.99 8.65 18.65
CA ILE A 271 20.58 7.57 17.76
C ILE A 271 20.09 8.21 16.47
N PHE A 272 20.83 8.04 15.40
CA PHE A 272 20.51 8.74 14.18
C PHE A 272 19.94 7.77 13.16
N ASN A 273 18.80 8.15 12.62
CA ASN A 273 18.21 7.56 11.43
C ASN A 273 18.64 8.47 10.28
N GLU A 274 19.66 8.04 9.55
CA GLU A 274 20.34 8.88 8.57
C GLU A 274 20.78 10.11 9.35
N ASP A 275 20.31 11.31 9.02
CA ASP A 275 20.71 12.52 9.75
C ASP A 275 19.69 12.95 10.80
N GLU A 276 18.58 12.22 10.95
CA GLU A 276 17.53 12.60 11.90
C GLU A 276 17.80 12.00 13.27
N LEU A 277 17.69 12.84 14.30
CA LEU A 277 17.83 12.38 15.69
C LEU A 277 16.54 11.65 16.09
N TRP A 278 16.64 10.35 16.23
CA TRP A 278 15.50 9.51 16.55
C TRP A 278 15.29 9.40 18.06
N GLY A 279 16.38 9.42 18.81
CA GLY A 279 16.34 9.25 20.25
C GLY A 279 17.71 9.44 20.83
N ILE A 280 17.87 9.02 22.09
CA ILE A 280 19.15 9.12 22.78
C ILE A 280 19.35 7.90 23.65
N VAL A 281 20.61 7.51 23.84
CA VAL A 281 21.00 6.57 24.89
C VAL A 281 21.57 7.38 26.05
N ALA A 282 20.85 7.47 27.16
CA ALA A 282 21.27 8.24 28.32
C ALA A 282 21.80 7.31 29.41
N CYS A 283 22.95 7.65 29.97
CA CYS A 283 23.61 6.87 31.00
C CYS A 283 23.84 7.81 32.19
N HIS A 284 23.23 7.48 33.32
CA HIS A 284 23.42 8.22 34.57
C HIS A 284 24.14 7.32 35.56
N HIS A 285 25.00 7.93 36.38
CA HIS A 285 25.72 7.27 37.45
C HIS A 285 25.55 8.07 38.73
N THR A 286 25.53 7.37 39.86
CA THR A 286 25.25 8.02 41.13
C THR A 286 26.50 8.59 41.81
N LYS A 287 27.68 8.43 41.21
CA LYS A 287 28.89 9.10 41.64
C LYS A 287 29.67 9.45 40.37
N PRO A 288 30.65 10.36 40.46
CA PRO A 288 31.42 10.72 39.27
C PRO A 288 32.01 9.48 38.61
N ARG A 289 32.23 9.58 37.30
CA ARG A 289 32.61 8.43 36.51
C ARG A 289 33.25 8.91 35.21
N ALA A 290 34.49 8.50 34.98
CA ALA A 290 35.19 8.81 33.74
C ALA A 290 35.10 7.65 32.75
N ILE A 291 35.12 7.99 31.49
CA ILE A 291 35.08 7.04 30.40
C ILE A 291 36.16 7.43 29.40
N GLY A 292 37.09 6.51 29.12
CA GLY A 292 38.19 6.78 28.20
C GLY A 292 37.75 6.82 26.74
N ARG A 293 38.69 7.23 25.87
CA ARG A 293 38.36 7.34 24.45
C ARG A 293 37.95 6.00 23.84
N ARG A 294 38.54 4.90 24.29
CA ARG A 294 38.22 3.61 23.69
C ARG A 294 36.82 3.16 24.09
N ILE A 295 36.42 3.41 25.35
CA ILE A 295 35.07 3.08 25.77
C ILE A 295 34.05 3.98 25.05
N ARG A 296 34.37 5.26 24.88
CA ARG A 296 33.52 6.14 24.09
C ARG A 296 33.30 5.61 22.70
N ARG A 297 34.39 5.25 22.01
CA ARG A 297 34.27 4.75 20.65
C ARG A 297 33.49 3.45 20.62
N LEU A 298 33.77 2.54 21.57
CA LEU A 298 33.05 1.27 21.63
C LEU A 298 31.55 1.46 21.84
N LEU A 299 31.19 2.40 22.70
CA LEU A 299 29.78 2.74 22.91
C LEU A 299 29.15 3.25 21.61
N VAL A 300 29.74 4.29 21.02
CA VAL A 300 29.13 4.92 19.85
C VAL A 300 29.03 3.94 18.69
N ARG A 301 30.05 3.10 18.51
CA ARG A 301 30.02 2.11 17.43
C ARG A 301 28.89 1.12 17.67
N THR A 302 28.68 0.78 18.94
CA THR A 302 27.61 -0.16 19.29
C THR A 302 26.24 0.44 18.99
N VAL A 303 26.01 1.69 19.40
CA VAL A 303 24.72 2.33 19.09
C VAL A 303 24.54 2.42 17.58
N GLU A 304 25.62 2.65 16.85
CA GLU A 304 25.51 2.76 15.40
C GLU A 304 25.16 1.43 14.77
N PHE A 305 25.77 0.33 15.22
CA PHE A 305 25.37 -0.96 14.67
C PHE A 305 23.95 -1.29 15.08
N ALA A 306 23.57 -0.90 16.30
CA ALA A 306 22.24 -1.20 16.80
C ALA A 306 21.19 -0.40 16.04
N ALA A 307 21.52 0.85 15.71
CA ALA A 307 20.58 1.69 14.99
C ALA A 307 20.28 1.14 13.60
N GLU A 308 21.31 0.85 12.81
CA GLU A 308 21.09 0.22 11.51
C GLU A 308 20.22 -1.04 11.61
N ARG A 309 20.43 -1.84 12.65
CA ARG A 309 19.60 -3.03 12.88
C ARG A 309 18.14 -2.65 13.11
N LEU A 310 17.91 -1.66 13.98
CA LEU A 310 16.56 -1.23 14.31
C LEU A 310 15.83 -0.69 13.08
N TRP A 311 16.53 0.09 12.23
CA TRP A 311 15.90 0.56 11.01
C TRP A 311 15.59 -0.60 10.07
N LEU A 312 16.47 -1.60 10.00
CA LEU A 312 16.13 -2.78 9.20
C LEU A 312 14.89 -3.48 9.76
N ILE A 313 14.74 -3.50 11.08
CA ILE A 313 13.60 -4.19 11.67
C ILE A 313 12.32 -3.41 11.40
N HIS A 314 12.38 -2.08 11.53
CA HIS A 314 11.22 -1.24 11.20
C HIS A 314 10.84 -1.39 9.72
N SER A 315 11.83 -1.33 8.83
CA SER A 315 11.53 -1.40 7.42
C SER A 315 10.86 -2.72 7.05
N ARG A 316 11.28 -3.83 7.67
CA ARG A 316 10.62 -5.11 7.38
C ARG A 316 9.21 -5.15 7.98
N ASN A 317 8.99 -4.40 9.06
CA ASN A 317 7.66 -4.28 9.67
C ASN A 317 6.72 -3.51 8.75
N VAL A 318 7.22 -2.49 8.06
CA VAL A 318 6.44 -1.79 7.06
C VAL A 318 6.00 -2.76 5.98
N GLU A 319 6.91 -3.65 5.56
CA GLU A 319 6.58 -4.66 4.57
C GLU A 319 5.46 -5.56 5.07
N ARG A 320 5.59 -6.09 6.30
CA ARG A 320 4.54 -6.94 6.83
C ARG A 320 3.21 -6.19 6.96
N TYR A 321 3.27 -4.90 7.27
CA TYR A 321 2.05 -4.10 7.37
C TYR A 321 1.37 -3.94 6.02
N MET A 322 2.15 -3.71 4.96
CA MET A 322 1.53 -3.60 3.63
C MET A 322 0.94 -4.93 3.18
N VAL A 323 1.59 -6.04 3.51
CA VAL A 323 1.00 -7.35 3.26
C VAL A 323 -0.33 -7.50 4.02
N THR A 324 -0.35 -7.05 5.29
CA THR A 324 -1.59 -7.10 6.07
C THR A 324 -2.70 -6.27 5.44
N VAL A 325 -2.39 -5.06 5.00
CA VAL A 325 -3.39 -4.21 4.35
C VAL A 325 -3.94 -4.91 3.11
N GLN A 326 -3.06 -5.56 2.34
CA GLN A 326 -3.54 -6.22 1.14
C GLN A 326 -4.38 -7.45 1.45
N ALA A 327 -4.08 -8.14 2.55
CA ALA A 327 -4.90 -9.27 2.95
C ALA A 327 -6.30 -8.82 3.39
N ALA A 328 -6.39 -7.66 4.05
CA ALA A 328 -7.68 -7.07 4.42
C ALA A 328 -8.51 -6.65 3.21
N ARG A 329 -7.92 -5.96 2.23
CA ARG A 329 -8.73 -5.54 1.08
C ARG A 329 -9.25 -6.71 0.27
N GLU A 330 -8.55 -7.84 0.27
CA GLU A 330 -9.05 -9.04 -0.39
C GLU A 330 -10.18 -9.68 0.42
N GLN A 331 -10.05 -9.62 1.74
CA GLN A 331 -11.10 -10.09 2.64
C GLN A 331 -12.41 -9.35 2.42
N LEU A 332 -12.36 -8.01 2.29
CA LEU A 332 -13.58 -7.26 2.00
C LEU A 332 -14.27 -7.80 0.74
N SER A 333 -13.49 -8.06 -0.31
CA SER A 333 -14.06 -8.58 -1.54
C SER A 333 -14.66 -9.97 -1.33
N THR A 334 -14.03 -10.79 -0.49
CA THR A 334 -14.59 -12.11 -0.18
C THR A 334 -15.89 -12.01 0.60
N THR A 335 -15.96 -11.06 1.55
CA THR A 335 -17.13 -10.87 2.40
C THR A 335 -18.34 -10.34 1.61
N ALA A 336 -18.11 -9.50 0.60
CA ALA A 336 -19.22 -8.94 -0.17
C ALA A 336 -20.14 -10.02 -0.73
N ASP A 337 -19.57 -11.15 -1.13
CA ASP A 337 -20.33 -12.24 -1.74
C ASP A 337 -21.22 -12.94 -0.72
N LYS A 339 -23.22 -11.51 2.08
CA LYS A 339 -23.93 -10.37 2.65
C LYS A 339 -24.76 -9.68 1.58
N HIS A 340 -25.86 -9.07 2.02
CA HIS A 340 -26.78 -8.36 1.14
C HIS A 340 -26.66 -6.85 1.26
N SER A 341 -25.94 -6.34 2.25
CA SER A 341 -25.87 -4.91 2.52
C SER A 341 -24.43 -4.46 2.68
N SER A 342 -24.25 -3.15 2.65
CA SER A 342 -22.94 -2.55 2.88
C SER A 342 -22.61 -2.48 4.37
N HIS A 343 -23.60 -2.14 5.21
CA HIS A 343 -23.41 -2.09 6.65
C HIS A 343 -23.22 -3.47 7.27
N GLU A 344 -23.48 -4.54 6.52
CA GLU A 344 -23.27 -5.87 7.04
C GLU A 344 -21.79 -6.18 7.11
N ILE A 345 -21.06 -5.78 6.07
CA ILE A 345 -19.62 -5.99 5.93
C ILE A 345 -18.82 -5.22 6.99
N VAL A 346 -19.21 -3.97 7.24
CA VAL A 346 -18.59 -3.10 8.25
C VAL A 346 -18.67 -3.68 9.66
N ILE A 347 -19.82 -4.25 10.02
CA ILE A 347 -19.99 -4.84 11.35
C ILE A 347 -19.06 -6.03 11.55
N GLU A 348 -18.77 -6.79 10.49
CA GLU A 348 -17.96 -8.01 10.61
C GLU A 348 -16.46 -7.73 10.80
N HIS A 349 -15.91 -6.67 10.19
CA HIS A 349 -14.46 -6.48 10.09
C HIS A 349 -13.90 -5.26 10.81
N ALA A 350 -14.73 -4.46 11.49
CA ALA A 350 -14.26 -3.17 11.99
C ALA A 350 -13.26 -3.31 13.15
N ALA A 351 -13.33 -4.40 13.93
CA ALA A 351 -12.31 -4.63 14.95
C ALA A 351 -10.93 -4.86 14.32
N ASP A 352 -10.91 -5.60 13.20
CA ASP A 352 -9.68 -5.73 12.43
C ASP A 352 -9.23 -4.37 11.92
N TRP A 353 -10.17 -3.57 11.40
CA TRP A 353 -9.75 -2.26 10.90
C TRP A 353 -9.18 -1.39 12.02
N CYS A 354 -9.71 -1.53 13.24
CA CYS A 354 -9.20 -0.78 14.37
C CYS A 354 -7.77 -1.20 14.68
N LYS A 355 -7.47 -2.48 14.51
CA LYS A 355 -6.09 -2.88 14.66
C LYS A 355 -5.30 -2.27 13.51
N LEU A 356 -5.78 -2.50 12.29
CA LEU A 356 -5.20 -1.98 11.06
C LEU A 356 -4.91 -0.47 11.11
N PHE A 357 -5.79 0.31 11.75
CA PHE A 357 -5.68 1.76 11.72
C PHE A 357 -5.21 2.34 13.04
N ARG A 358 -4.96 1.48 14.02
CA ARG A 358 -4.52 1.88 15.35
C ARG A 358 -5.40 3.03 15.89
N CYS A 359 -6.71 2.79 15.89
CA CYS A 359 -7.68 3.76 16.37
C CYS A 359 -8.63 3.04 17.33
N ASP A 360 -9.27 3.83 18.21
CA ASP A 360 -10.16 3.27 19.22
C ASP A 360 -11.60 3.04 18.75
N GLY A 361 -12.01 3.62 17.63
CA GLY A 361 -13.40 3.49 17.19
C GLY A 361 -13.58 3.93 15.76
N ILE A 362 -14.65 3.41 15.15
CA ILE A 362 -15.00 3.69 13.76
C ILE A 362 -16.51 3.90 13.63
N GLY A 363 -16.91 4.85 12.77
CA GLY A 363 -18.31 4.98 12.42
C GLY A 363 -18.43 5.07 10.91
N TYR A 364 -19.36 4.30 10.35
CA TYR A 364 -19.71 4.28 8.92
C TYR A 364 -21.14 4.75 8.67
N LEU A 365 -21.31 5.81 7.87
CA LEU A 365 -22.62 6.38 7.63
C LEU A 365 -22.91 6.21 6.14
N ARG A 366 -24.12 5.74 5.81
CA ARG A 366 -24.46 5.55 4.41
C ARG A 366 -25.98 5.71 4.26
N GLY A 367 -26.41 6.89 3.83
CA GLY A 367 -27.83 7.20 3.76
C GLY A 367 -28.51 7.23 5.12
N GLU A 368 -29.47 6.32 5.35
CA GLU A 368 -30.19 6.31 6.62
C GLU A 368 -29.54 5.43 7.70
N GLU A 369 -28.50 4.67 7.35
CA GLU A 369 -27.85 3.72 8.25
C GLU A 369 -26.60 4.31 8.90
N LEU A 370 -26.41 3.99 10.19
CA LEU A 370 -25.22 4.40 10.94
C LEU A 370 -24.77 3.18 11.74
N THR A 371 -23.49 2.83 11.60
CA THR A 371 -22.84 1.74 12.33
C THR A 371 -21.63 2.22 13.14
N THR A 372 -21.53 1.77 14.40
CA THR A 372 -20.42 2.18 15.25
C THR A 372 -19.74 0.93 15.82
N TYR A 373 -18.44 1.03 16.02
CA TYR A 373 -17.61 0.05 16.72
C TYR A 373 -16.61 0.70 17.65
N GLY A 374 -16.47 0.15 18.86
CA GLY A 374 -15.50 0.75 19.75
C GLY A 374 -15.98 2.05 20.36
N GLU A 375 -15.03 2.82 20.88
CA GLU A 375 -15.36 4.02 21.61
C GLU A 375 -15.77 5.09 20.60
N THR A 376 -17.01 5.52 20.69
CA THR A 376 -17.50 6.57 19.81
C THR A 376 -18.42 7.50 20.57
N PRO A 377 -18.55 8.75 20.13
CA PRO A 377 -19.59 9.63 20.65
C PRO A 377 -20.97 9.08 20.29
N ASP A 378 -22.00 9.64 20.89
CA ASP A 378 -23.29 9.05 20.56
C ASP A 378 -23.71 9.54 19.18
N GLN A 379 -24.76 8.93 18.64
CA GLN A 379 -25.18 9.17 17.25
C GLN A 379 -25.36 10.66 16.96
N THR A 380 -25.94 11.40 17.90
CA THR A 380 -26.21 12.84 17.72
C THR A 380 -24.91 13.61 17.50
N THR A 381 -23.89 13.34 18.33
CA THR A 381 -22.60 14.00 18.17
C THR A 381 -22.02 13.67 16.81
N ILE A 382 -22.20 12.44 16.34
CA ILE A 382 -21.72 12.05 15.02
C ILE A 382 -22.38 12.92 13.96
N ASN A 383 -23.64 13.27 14.17
CA ASN A 383 -24.34 14.14 13.23
C ASN A 383 -23.86 15.58 13.32
N LYS A 384 -23.53 16.05 14.54
CA LYS A 384 -22.88 17.36 14.68
C LYS A 384 -21.53 17.41 13.94
N LEU A 385 -20.75 16.34 14.01
CA LEU A 385 -19.47 16.29 13.29
C LEU A 385 -19.69 16.34 11.79
N VAL A 386 -20.50 15.42 11.26
CA VAL A 386 -20.77 15.37 9.82
C VAL A 386 -21.19 16.76 9.34
N GLU A 387 -22.25 17.30 9.98
CA GLU A 387 -22.74 18.62 9.61
C GLU A 387 -21.64 19.68 9.68
N TRP A 388 -20.81 19.69 10.74
CA TRP A 388 -19.75 20.71 10.82
C TRP A 388 -18.75 20.55 9.68
N LEU A 389 -18.48 19.33 9.23
CA LEU A 389 -17.56 19.15 8.11
C LEU A 389 -18.18 19.71 6.84
N GLU A 390 -19.38 19.22 6.49
CA GLU A 390 -20.06 19.68 5.28
C GLU A 390 -20.37 21.17 5.33
N GLU A 391 -20.29 21.80 6.50
CA GLU A 391 -20.46 23.23 6.62
C GLU A 391 -19.16 23.98 6.34
N ASN A 392 -18.04 23.49 6.89
CA ASN A 392 -16.75 24.16 6.68
C ASN A 392 -16.32 24.19 5.21
N GLY A 393 -17.05 23.53 4.31
CA GLY A 393 -16.55 23.27 2.99
C GLY A 393 -15.46 22.23 2.92
N LYS A 394 -15.03 21.70 4.07
CA LYS A 394 -13.99 20.70 4.15
C LYS A 394 -14.49 19.29 3.89
N LYS A 395 -15.76 19.13 3.47
CA LYS A 395 -16.34 17.80 3.37
C LYS A 395 -15.69 16.99 2.26
N SER A 396 -15.46 17.60 1.10
CA SER A 396 -15.01 16.83 -0.07
C SER A 396 -13.56 16.38 0.07
N LEU A 397 -12.74 17.14 0.80
CA LEU A 397 -11.36 16.73 1.03
C LEU A 397 -11.32 15.69 2.13
N PHE A 398 -10.17 15.03 2.27
CA PHE A 398 -10.05 14.19 3.45
C PHE A 398 -9.80 15.15 4.59
N TRP A 399 -10.17 14.76 5.81
CA TRP A 399 -9.82 15.64 6.91
C TRP A 399 -9.38 14.89 8.16
N HIS A 400 -8.33 15.37 8.82
CA HIS A 400 -7.78 14.63 9.96
C HIS A 400 -7.16 15.63 10.93
N SER A 401 -7.22 15.28 12.22
CA SER A 401 -6.71 16.07 13.32
C SER A 401 -6.40 15.17 14.52
N HIS A 402 -5.30 15.48 15.23
CA HIS A 402 -4.97 14.85 16.51
C HIS A 402 -5.19 15.80 17.68
N MET A 403 -6.02 16.82 17.49
CA MET A 403 -6.43 17.76 18.54
C MET A 403 -7.75 18.42 18.15
N LEU A 404 -8.83 17.62 18.27
CA LEU A 404 -10.18 18.09 17.96
C LEU A 404 -10.57 19.35 18.72
N LYS A 405 -10.24 19.43 20.02
CA LYS A 405 -10.75 20.56 20.78
C LYS A 405 -10.15 21.89 20.32
N GLU A 406 -8.91 21.90 19.81
CA GLU A 406 -8.35 23.12 19.24
C GLU A 406 -8.53 23.25 17.73
N ASP A 407 -8.58 22.15 16.97
CA ASP A 407 -8.81 22.28 15.53
C ASP A 407 -10.29 22.54 15.25
N ALA A 408 -11.16 21.65 15.71
CA ALA A 408 -12.61 21.84 15.69
C ALA A 408 -13.08 22.32 17.06
N PRO A 409 -13.00 23.63 17.36
CA PRO A 409 -13.35 24.07 18.72
C PRO A 409 -14.83 23.85 19.04
N GLY A 410 -15.09 23.47 20.29
CA GLY A 410 -16.44 23.33 20.80
C GLY A 410 -17.28 22.20 20.23
N LEU A 411 -16.89 20.95 20.52
CA LEU A 411 -17.70 19.80 20.10
C LEU A 411 -17.81 18.73 21.19
N LEU A 412 -17.64 19.12 22.45
CA LEU A 412 -17.80 18.21 23.59
C LEU A 412 -19.11 17.44 23.54
N ARG A 417 -14.10 14.54 25.23
CA ARG A 417 -13.30 13.41 25.68
C ARG A 417 -12.34 12.90 24.58
N PHE A 418 -12.84 12.77 23.35
CA PHE A 418 -12.09 12.20 22.25
C PHE A 418 -11.19 13.28 21.66
N ALA A 419 -10.05 12.88 21.10
CA ALA A 419 -9.08 13.84 20.61
C ALA A 419 -8.68 13.68 19.15
N GLY A 420 -8.82 12.50 18.55
CA GLY A 420 -8.40 12.28 17.18
C GLY A 420 -9.54 11.94 16.25
N LEU A 421 -9.49 12.51 15.04
CA LEU A 421 -10.51 12.26 14.03
C LEU A 421 -9.90 12.23 12.63
N LEU A 422 -10.22 11.17 11.89
CA LEU A 422 -9.95 11.05 10.45
C LEU A 422 -11.26 10.75 9.73
N ALA A 423 -11.66 11.65 8.83
CA ALA A 423 -12.97 11.58 8.18
C ALA A 423 -12.74 11.47 6.69
N ILE A 424 -13.21 10.37 6.10
CA ILE A 424 -13.09 10.08 4.67
C ILE A 424 -14.46 10.33 4.03
N PRO A 425 -14.59 11.33 3.16
CA PRO A 425 -15.87 11.52 2.49
C PRO A 425 -16.08 10.48 1.40
N LEU A 426 -17.32 10.00 1.31
CA LEU A 426 -17.72 9.02 0.33
C LEU A 426 -18.88 9.61 -0.47
N LYS A 427 -18.86 9.44 -1.78
CA LYS A 427 -19.84 10.10 -2.63
C LYS A 427 -20.46 9.10 -3.61
N SER A 428 -21.78 9.04 -3.62
CA SER A 428 -22.51 8.24 -4.59
C SER A 428 -23.91 8.84 -4.72
N ASP A 429 -24.86 8.01 -5.14
CA ASP A 429 -26.24 8.45 -5.27
C ASP A 429 -26.99 8.41 -3.93
N SER A 434 -22.28 8.33 3.42
CA SER A 434 -21.43 9.23 2.65
C SER A 434 -20.23 9.68 3.49
N TYR A 435 -19.85 8.86 4.47
CA TYR A 435 -18.72 9.16 5.33
C TYR A 435 -18.17 7.87 5.97
N LEU A 436 -16.88 7.90 6.28
CA LEU A 436 -16.27 6.89 7.15
C LEU A 436 -15.33 7.61 8.11
N LEU A 437 -15.56 7.44 9.41
CA LEU A 437 -14.87 8.21 10.44
C LEU A 437 -14.05 7.28 11.32
N LEU A 438 -12.90 7.80 11.78
CA LEU A 438 -12.01 7.10 12.69
C LEU A 438 -11.77 7.99 13.91
N PHE A 439 -11.92 7.42 15.10
CA PHE A 439 -11.81 8.16 16.35
C PHE A 439 -10.67 7.63 17.20
N ARG A 440 -9.90 8.54 17.79
CA ARG A 440 -8.74 8.18 18.60
C ARG A 440 -8.82 8.92 19.93
N VAL A 441 -8.61 8.18 21.02
CA VAL A 441 -8.75 8.70 22.36
C VAL A 441 -7.54 9.55 22.74
N ALA A 442 -7.78 10.61 23.50
CA ALA A 442 -6.70 11.46 23.99
C ALA A 442 -5.68 10.64 24.79
N GLN A 443 -4.46 11.16 24.87
CA GLN A 443 -3.38 10.51 25.62
C GLN A 443 -3.50 10.88 27.10
N ASN A 444 -3.82 9.90 27.94
CA ASN A 444 -3.94 10.11 29.38
C ASN A 444 -3.83 8.76 30.07
N GLU A 445 -3.09 8.73 31.18
CA GLU A 445 -2.92 7.49 31.95
C GLU A 445 -2.28 7.79 33.30
N THR A 464 8.09 23.96 42.73
CA THR A 464 8.12 23.65 41.31
C THR A 464 9.55 23.37 40.84
N MET A 465 10.31 22.66 41.69
CA MET A 465 11.74 22.48 41.47
C MET A 465 12.00 21.60 40.25
N LEU A 466 13.01 21.97 39.47
CA LEU A 466 13.44 21.15 38.34
C LEU A 466 13.46 19.68 38.74
N GLY A 467 13.12 18.83 37.79
CA GLY A 467 13.10 17.41 38.02
C GLY A 467 12.20 16.69 37.05
N PRO A 468 12.31 15.35 37.01
CA PRO A 468 11.48 14.55 36.09
C PRO A 468 10.06 14.35 36.56
N ARG A 469 9.75 14.62 37.84
CA ARG A 469 8.35 14.62 38.25
C ARG A 469 7.63 15.86 37.73
N LYS A 470 8.27 17.03 37.82
CA LYS A 470 7.73 18.22 37.17
C LYS A 470 7.71 18.06 35.66
N SER A 471 8.72 17.38 35.10
CA SER A 471 8.76 17.17 33.66
C SER A 471 7.62 16.26 33.20
N PHE A 472 7.35 15.18 33.95
CA PHE A 472 6.34 14.21 33.53
C PHE A 472 4.94 14.82 33.53
N GLU A 473 4.68 15.73 34.47
CA GLU A 473 3.44 16.50 34.51
C GLU A 473 3.48 17.73 33.62
N ALA A 474 4.68 18.17 33.22
CA ALA A 474 4.79 19.13 32.13
C ALA A 474 4.38 18.50 30.79
N TRP A 475 4.84 17.28 30.52
CA TRP A 475 4.41 16.58 29.30
C TRP A 475 2.92 16.33 29.30
N GLN A 476 2.35 15.96 30.45
CA GLN A 476 0.91 15.77 30.55
C GLN A 476 0.17 16.99 30.03
N ASP A 477 0.70 18.18 30.33
CA ASP A 477 0.08 19.41 29.86
C ASP A 477 0.17 19.55 28.35
N GLU A 478 1.32 19.19 27.76
CA GLU A 478 1.52 19.39 26.33
C GLU A 478 0.58 18.49 25.51
N VAL A 479 0.29 17.29 25.99
CA VAL A 479 -0.55 16.35 25.27
C VAL A 479 -2.00 16.40 25.75
N SER A 480 -2.38 17.45 26.50
CA SER A 480 -3.75 17.57 27.01
C SER A 480 -4.70 17.78 25.84
N GLY A 481 -5.55 16.80 25.58
CA GLY A 481 -6.47 16.86 24.46
C GLY A 481 -5.86 16.52 23.12
N LYS A 482 -4.59 16.14 23.06
CA LYS A 482 -3.95 15.74 21.83
C LYS A 482 -4.01 14.23 21.68
N SER A 483 -4.57 13.76 20.58
CA SER A 483 -4.54 12.35 20.27
C SER A 483 -3.18 11.94 19.72
N GLN A 484 -2.96 10.63 19.67
CA GLN A 484 -1.83 10.11 18.93
C GLN A 484 -1.91 10.62 17.49
N PRO A 485 -0.84 11.21 16.95
CA PRO A 485 -0.93 11.75 15.59
C PRO A 485 -1.09 10.62 14.59
N TRP A 486 -1.74 10.96 13.47
CA TRP A 486 -2.01 9.99 12.43
C TRP A 486 -0.75 9.81 11.60
N ARG A 487 0.00 8.74 11.88
CA ARG A 487 1.13 8.40 11.02
C ARG A 487 0.63 8.09 9.62
N THR A 488 1.49 8.30 8.63
CA THR A 488 1.08 8.34 7.23
C THR A 488 0.66 6.97 6.70
N ALA A 489 1.35 5.91 7.14
CA ALA A 489 1.01 4.57 6.66
C ALA A 489 -0.41 4.16 7.02
N GLN A 490 -0.94 4.62 8.14
CA GLN A 490 -2.32 4.26 8.48
C GLN A 490 -3.35 5.03 7.66
N LEU A 491 -3.09 6.32 7.39
CA LEU A 491 -4.01 7.14 6.59
C LEU A 491 -4.31 6.49 5.25
N TYR A 492 -3.29 6.04 4.54
CA TYR A 492 -3.51 5.54 3.19
C TYR A 492 -4.18 4.16 3.25
N ALA A 493 -3.86 3.37 4.28
CA ALA A 493 -4.65 2.19 4.60
C ALA A 493 -6.13 2.54 4.73
N ALA A 494 -6.44 3.70 5.31
CA ALA A 494 -7.83 4.08 5.53
C ALA A 494 -8.51 4.50 4.23
N ARG A 495 -7.85 5.34 3.41
CA ARG A 495 -8.44 5.70 2.12
C ARG A 495 -8.61 4.48 1.23
N ASP A 496 -7.70 3.50 1.30
CA ASP A 496 -7.81 2.32 0.46
C ASP A 496 -8.91 1.38 0.95
N ILE A 497 -9.04 1.20 2.26
CA ILE A 497 -10.16 0.40 2.75
C ILE A 497 -11.48 1.07 2.38
N ALA A 498 -11.54 2.40 2.53
CA ALA A 498 -12.76 3.15 2.22
C ALA A 498 -13.10 3.09 0.74
N ARG A 499 -12.08 3.06 -0.13
CA ARG A 499 -12.31 3.01 -1.57
C ARG A 499 -13.10 1.75 -1.93
N ASP A 500 -12.69 0.60 -1.38
CA ASP A 500 -13.40 -0.64 -1.65
C ASP A 500 -14.79 -0.62 -1.03
N LEU A 501 -14.93 0.00 0.15
CA LEU A 501 -16.24 0.11 0.78
C LEU A 501 -17.22 0.87 -0.10
N LEU A 502 -16.81 2.03 -0.60
CA LEU A 502 -17.67 2.81 -1.48
C LEU A 502 -18.00 2.04 -2.75
N ILE A 503 -17.01 1.32 -3.30
CA ILE A 503 -17.23 0.56 -4.53
C ILE A 503 -18.22 -0.57 -4.31
N VAL A 504 -18.06 -1.33 -3.22
CA VAL A 504 -18.93 -2.50 -3.01
C VAL A 504 -20.35 -2.04 -2.63
N ALA A 505 -20.46 -0.96 -1.85
CA ALA A 505 -21.77 -0.40 -1.58
C ALA A 505 -22.44 0.10 -2.86
N ASP A 506 -21.65 0.74 -3.72
CA ASP A 506 -22.17 1.20 -5.01
C ASP A 506 -22.62 0.04 -5.88
N VAL A 507 -21.94 -1.10 -5.80
CA VAL A 507 -22.28 -2.24 -6.66
C VAL A 507 -23.54 -2.94 -6.14
N MET A 508 -23.64 -3.12 -4.82
CA MET A 508 -24.88 -3.63 -4.25
C MET A 508 -26.05 -2.71 -4.57
N GLN A 509 -25.83 -1.40 -4.45
CA GLN A 509 -26.82 -0.39 -4.82
C GLN A 509 -27.26 -0.55 -6.28
N LEU A 510 -26.32 -0.36 -7.21
CA LEU A 510 -26.63 -0.39 -8.63
C LEU A 510 -27.25 -1.71 -9.06
N ASN A 511 -26.84 -2.83 -8.44
CA ASN A 511 -27.45 -4.11 -8.77
C ASN A 511 -28.89 -4.20 -8.27
N LEU A 512 -29.18 -3.65 -7.08
CA LEU A 512 -30.56 -3.65 -6.61
C LEU A 512 -31.44 -2.71 -7.43
N LEU A 513 -30.96 -1.49 -7.68
CA LEU A 513 -31.73 -0.54 -8.48
C LEU A 513 -31.96 -1.05 -9.90
N ASN A 514 -30.97 -1.78 -10.46
CA ASN A 514 -31.16 -2.36 -11.79
C ASN A 514 -32.15 -3.53 -11.75
N ASP A 515 -32.14 -4.30 -10.67
CA ASP A 515 -33.16 -5.34 -10.49
C ASP A 515 -34.55 -4.71 -10.44
N GLN A 516 -34.67 -3.53 -9.82
CA GLN A 516 -35.98 -2.90 -9.65
C GLN A 516 -36.46 -2.24 -10.94
N LEU A 517 -35.56 -1.56 -11.66
CA LEU A 517 -35.94 -0.98 -12.95
C LEU A 517 -36.27 -2.06 -13.97
N ALA A 518 -35.54 -3.18 -13.97
CA ALA A 518 -35.88 -4.28 -14.87
C ALA A 518 -37.22 -4.90 -14.50
N ASP A 519 -37.51 -5.01 -13.20
CA ASP A 519 -38.78 -5.61 -12.78
C ASP A 519 -39.97 -4.74 -13.18
N ALA A 520 -39.88 -3.42 -12.98
CA ALA A 520 -40.99 -2.53 -13.32
C ALA A 520 -41.28 -2.51 -14.82
N ASN A 521 -40.23 -2.56 -15.65
CA ASN A 521 -40.41 -2.47 -17.10
C ASN A 521 -41.27 -3.60 -17.64
N GLU A 522 -41.26 -4.76 -17.00
CA GLU A 522 -42.16 -5.84 -17.43
C GLU A 522 -43.62 -5.44 -17.19
N ASN A 523 -43.91 -4.84 -16.04
CA ASN A 523 -45.27 -4.41 -15.72
C ASN A 523 -45.73 -3.29 -16.65
N LEU A 524 -44.90 -2.26 -16.83
CA LEU A 524 -45.23 -1.20 -17.77
C LEU A 524 -45.28 -1.69 -19.21
N GLU A 525 -44.66 -2.82 -19.52
CA GLU A 525 -44.81 -3.39 -20.85
C GLU A 525 -46.10 -4.20 -20.99
N LYS A 526 -46.57 -4.78 -19.88
CA LYS A 526 -47.92 -5.36 -19.89
C LYS A 526 -48.96 -4.25 -20.07
N LEU A 527 -48.77 -3.11 -19.41
CA LEU A 527 -49.75 -2.02 -19.50
C LEU A 527 -49.77 -1.37 -20.88
N VAL A 528 -48.64 -1.33 -21.58
CA VAL A 528 -48.60 -0.64 -22.86
C VAL A 528 -49.19 -1.49 -23.99
N SER A 529 -49.08 -2.82 -23.91
CA SER A 529 -49.55 -3.70 -24.98
C SER A 529 -50.89 -4.37 -24.71
N PHE A 530 -51.41 -4.31 -23.48
CA PHE A 530 -52.65 -4.99 -23.13
C PHE A 530 -53.66 -3.99 -22.58
N ASP A 531 -54.92 -4.40 -22.54
CA ASP A 531 -56.01 -3.56 -22.08
C ASP A 531 -56.41 -3.92 -20.67
N ASP A 532 -56.75 -2.89 -19.88
CA ASP A 532 -56.94 -3.06 -18.44
C ASP A 532 -58.00 -4.10 -18.12
N LEU A 533 -59.18 -3.96 -18.75
CA LEU A 533 -60.36 -4.75 -18.42
C LEU A 533 -60.50 -6.05 -19.20
N THR A 534 -59.84 -6.18 -20.35
CA THR A 534 -60.10 -7.31 -21.23
C THR A 534 -58.92 -8.23 -21.46
N GLY A 535 -57.71 -7.86 -21.05
CA GLY A 535 -56.54 -8.69 -21.32
C GLY A 535 -56.37 -9.03 -22.77
N ILE A 536 -56.62 -8.07 -23.65
CA ILE A 536 -56.51 -8.22 -25.10
C ILE A 536 -55.77 -7.00 -25.62
N PHE A 537 -55.15 -7.14 -26.79
CA PHE A 537 -54.26 -6.12 -27.32
C PHE A 537 -54.87 -4.72 -27.27
N ASN A 538 -54.02 -3.76 -26.93
CA ASN A 538 -54.35 -2.35 -26.84
C ASN A 538 -54.60 -1.78 -28.23
N ARG A 539 -54.92 -0.48 -28.28
CA ARG A 539 -55.03 0.21 -29.56
C ARG A 539 -53.71 0.18 -30.31
N ARG A 540 -52.59 0.42 -29.58
CA ARG A 540 -51.28 0.42 -30.22
C ARG A 540 -50.98 -0.90 -30.88
N ARG A 541 -51.18 -2.00 -30.15
CA ARG A 541 -50.80 -3.30 -30.68
C ARG A 541 -51.60 -3.63 -31.94
N MET A 542 -52.83 -3.14 -32.04
CA MET A 542 -53.59 -3.39 -33.25
C MET A 542 -53.12 -2.50 -34.41
N GLU A 543 -52.78 -1.23 -34.14
CA GLU A 543 -52.17 -0.42 -35.20
C GLU A 543 -50.88 -1.07 -35.71
N ASP A 544 -50.01 -1.51 -34.80
CA ASP A 544 -48.74 -2.10 -35.20
C ASP A 544 -48.96 -3.41 -35.95
N ARG A 545 -49.81 -4.30 -35.42
CA ARG A 545 -50.06 -5.58 -36.08
C ARG A 545 -50.62 -5.35 -37.47
N LEU A 546 -51.52 -4.39 -37.61
CA LEU A 546 -52.14 -4.12 -38.90
C LEU A 546 -51.12 -3.57 -39.89
N GLU A 547 -50.27 -2.65 -39.43
CA GLU A 547 -49.26 -2.08 -40.32
C GLU A 547 -48.30 -3.16 -40.82
N SER A 548 -47.85 -4.03 -39.91
CA SER A 548 -46.91 -5.07 -40.29
C SER A 548 -47.59 -6.13 -41.16
N GLU A 549 -48.87 -6.38 -40.93
CA GLU A 549 -49.61 -7.31 -41.78
C GLU A 549 -49.73 -6.77 -43.19
N VAL A 550 -49.93 -5.46 -43.33
CA VAL A 550 -50.02 -4.87 -44.67
C VAL A 550 -48.68 -5.00 -45.38
N LYS A 551 -47.59 -4.66 -44.69
CA LYS A 551 -46.28 -4.82 -45.33
C LYS A 551 -46.00 -6.27 -45.73
N GLU A 552 -46.32 -7.23 -44.84
CA GLU A 552 -46.11 -8.65 -45.12
C GLU A 552 -46.90 -9.09 -46.34
N ALA A 553 -48.20 -8.75 -46.37
CA ALA A 553 -49.04 -9.11 -47.51
C ALA A 553 -48.50 -8.47 -48.78
N GLN A 554 -47.85 -7.33 -48.63
CA GLN A 554 -47.24 -6.58 -49.73
C GLN A 554 -45.97 -7.27 -50.28
N ARG A 555 -45.24 -8.02 -49.44
CA ARG A 555 -44.04 -8.70 -49.96
C ARG A 555 -44.40 -9.91 -50.82
N TYR A 556 -45.37 -10.72 -50.40
CA TYR A 556 -45.61 -11.99 -51.08
C TYR A 556 -46.95 -11.99 -51.78
N LYS A 557 -47.65 -10.86 -51.81
CA LYS A 557 -48.92 -10.71 -52.51
C LYS A 557 -49.85 -11.79 -51.94
N LYS A 558 -49.90 -11.82 -50.61
CA LYS A 558 -50.77 -12.67 -49.81
C LYS A 558 -52.08 -11.95 -49.53
N GLN A 559 -53.06 -12.72 -49.10
CA GLN A 559 -54.42 -12.24 -48.91
C GLN A 559 -54.88 -12.38 -47.47
N PHE A 560 -55.40 -11.28 -46.92
CA PHE A 560 -55.90 -11.24 -45.56
C PHE A 560 -56.99 -10.18 -45.50
N GLY A 561 -57.74 -10.20 -44.41
CA GLY A 561 -58.81 -9.23 -44.22
C GLY A 561 -58.98 -8.86 -42.77
N ILE A 562 -59.73 -7.78 -42.54
CA ILE A 562 -59.99 -7.31 -41.18
C ILE A 562 -61.49 -7.27 -40.95
N LEU A 563 -61.86 -7.51 -39.69
CA LEU A 563 -63.24 -7.48 -39.24
C LEU A 563 -63.34 -6.44 -38.13
N LEU A 564 -64.17 -5.43 -38.34
CA LEU A 564 -64.30 -4.29 -37.42
C LEU A 564 -65.70 -4.26 -36.83
N PHE A 565 -65.84 -4.66 -35.57
CA PHE A 565 -67.19 -4.71 -35.01
C PHE A 565 -67.35 -3.78 -33.80
N ASP A 566 -68.62 -3.54 -33.45
CA ASP A 566 -69.02 -2.59 -32.42
C ASP A 566 -70.22 -3.11 -31.66
N LEU A 567 -70.37 -2.68 -30.41
CA LEU A 567 -71.51 -3.09 -29.62
C LEU A 567 -72.68 -2.16 -29.91
N ASP A 568 -73.85 -2.73 -30.03
CA ASP A 568 -75.01 -2.01 -30.54
C ASP A 568 -75.75 -1.34 -29.38
N LYS A 569 -75.99 -0.02 -29.52
CA LYS A 569 -76.66 0.75 -28.47
C LYS A 569 -75.97 0.57 -27.12
N PHE A 570 -74.64 0.54 -27.14
CA PHE A 570 -73.90 0.27 -25.92
C PHE A 570 -73.99 1.40 -24.91
N LYS A 571 -74.06 2.66 -25.37
CA LYS A 571 -74.30 3.74 -24.42
C LYS A 571 -75.61 3.54 -23.66
N SER A 572 -76.67 3.09 -24.35
CA SER A 572 -77.92 2.79 -23.66
C SER A 572 -77.76 1.65 -22.65
N VAL A 573 -76.95 0.65 -22.97
CA VAL A 573 -76.73 -0.45 -22.02
C VAL A 573 -75.95 0.03 -20.81
N ASN A 574 -74.88 0.80 -21.04
CA ASN A 574 -74.06 1.31 -19.95
C ASN A 574 -74.89 2.18 -19.02
N ASP A 575 -75.68 3.10 -19.60
CA ASP A 575 -76.43 4.03 -18.76
C ASP A 575 -77.63 3.35 -18.10
N THR A 576 -78.26 2.38 -18.76
CA THR A 576 -79.39 1.70 -18.12
C THR A 576 -78.93 0.77 -17.00
N TYR A 577 -77.80 0.07 -17.18
CA TYR A 577 -77.40 -0.97 -16.24
C TYR A 577 -76.18 -0.60 -15.40
N GLY A 578 -75.44 0.42 -15.79
CA GLY A 578 -74.25 0.89 -15.11
C GLY A 578 -72.95 0.33 -15.65
N HIS A 579 -71.86 0.95 -15.20
CA HIS A 579 -70.52 0.57 -15.62
C HIS A 579 -70.12 -0.83 -15.20
N ASN A 580 -70.49 -1.25 -13.99
CA ASN A 580 -70.10 -2.58 -13.57
C ASN A 580 -70.72 -3.64 -14.46
N ILE A 581 -72.02 -3.52 -14.74
CA ILE A 581 -72.66 -4.53 -15.58
C ILE A 581 -72.13 -4.44 -17.00
N GLY A 582 -71.99 -3.21 -17.50
CA GLY A 582 -71.54 -3.01 -18.87
C GLY A 582 -70.14 -3.51 -19.14
N ASP A 583 -69.23 -3.28 -18.19
CA ASP A 583 -67.86 -3.73 -18.37
C ASP A 583 -67.79 -5.26 -18.35
N GLN A 584 -68.57 -5.89 -17.47
CA GLN A 584 -68.64 -7.34 -17.47
C GLN A 584 -69.20 -7.85 -18.80
N ILE A 585 -70.08 -7.08 -19.43
CA ILE A 585 -70.55 -7.44 -20.76
C ILE A 585 -69.41 -7.36 -21.77
N LEU A 586 -68.57 -6.31 -21.67
CA LEU A 586 -67.42 -6.22 -22.56
C LEU A 586 -66.51 -7.44 -22.39
N GLN A 587 -66.32 -7.89 -21.14
CA GLN A 587 -65.49 -9.06 -20.85
C GLN A 587 -66.14 -10.32 -21.40
N ASN A 588 -67.45 -10.42 -21.26
CA ASN A 588 -68.19 -11.55 -21.82
C ASN A 588 -67.99 -11.61 -23.33
N THR A 589 -68.09 -10.46 -23.99
CA THR A 589 -68.01 -10.45 -25.45
C THR A 589 -66.61 -10.81 -25.91
N CYS A 590 -65.58 -10.36 -25.17
CA CYS A 590 -64.22 -10.76 -25.50
C CYS A 590 -63.99 -12.24 -25.27
N ALA A 591 -64.58 -12.80 -24.20
CA ALA A 591 -64.47 -14.22 -23.92
C ALA A 591 -65.14 -15.04 -25.01
N ALA A 592 -66.26 -14.56 -25.52
CA ALA A 592 -66.98 -15.30 -26.54
C ALA A 592 -66.25 -15.22 -27.88
N VAL A 593 -65.68 -14.05 -28.20
CA VAL A 593 -64.99 -13.93 -29.49
C VAL A 593 -63.69 -14.74 -29.49
N SER A 594 -62.96 -14.76 -28.36
CA SER A 594 -61.63 -15.38 -28.42
C SER A 594 -61.73 -16.87 -28.71
N GLU A 595 -62.80 -17.52 -28.25
CA GLU A 595 -63.01 -18.93 -28.60
C GLU A 595 -63.39 -19.11 -30.07
N THR A 596 -63.92 -18.06 -30.71
CA THR A 596 -64.30 -18.14 -32.13
C THR A 596 -63.10 -18.14 -33.08
N LEU A 597 -62.04 -17.42 -32.73
CA LEU A 597 -60.97 -17.09 -33.68
C LEU A 597 -60.13 -18.30 -34.08
N ARG A 598 -59.57 -18.22 -35.30
CA ARG A 598 -58.53 -19.16 -35.70
C ARG A 598 -57.18 -18.70 -35.14
N ASP A 599 -56.22 -19.64 -35.10
CA ASP A 599 -54.99 -19.32 -34.37
C ASP A 599 -54.19 -18.21 -35.05
N THR A 600 -54.33 -18.04 -36.37
CA THR A 600 -53.58 -17.00 -37.06
C THR A 600 -54.16 -15.62 -36.81
N ASP A 601 -55.45 -15.54 -36.50
CA ASP A 601 -56.09 -14.24 -36.36
C ASP A 601 -55.59 -13.53 -35.12
N LYS A 602 -55.56 -12.21 -35.20
CA LYS A 602 -55.13 -11.36 -34.09
C LYS A 602 -56.35 -10.54 -33.70
N PHE A 603 -56.63 -10.45 -32.41
CA PHE A 603 -57.88 -9.84 -31.95
C PHE A 603 -57.50 -8.77 -30.94
N GLY A 604 -58.01 -7.54 -31.15
CA GLY A 604 -57.68 -6.44 -30.26
C GLY A 604 -58.81 -5.47 -30.11
N ARG A 605 -58.67 -4.61 -29.10
CA ARG A 605 -59.68 -3.59 -28.79
C ARG A 605 -59.24 -2.27 -29.40
N TRP A 606 -60.03 -1.76 -30.34
CA TRP A 606 -59.66 -0.63 -31.20
C TRP A 606 -60.03 0.74 -30.64
N GLY A 607 -61.20 0.91 -30.05
CA GLY A 607 -61.56 2.22 -29.53
C GLY A 607 -62.97 2.25 -28.95
N GLY A 608 -63.09 2.71 -27.70
CA GLY A 608 -64.40 2.79 -27.08
C GLY A 608 -64.89 1.36 -26.98
N GLU A 609 -65.90 1.05 -27.79
CA GLU A 609 -66.48 -0.28 -27.82
C GLU A 609 -66.23 -0.95 -29.17
N GLU A 610 -65.10 -0.62 -29.83
CA GLU A 610 -64.85 -1.12 -31.18
C GLU A 610 -63.64 -2.03 -31.18
N PHE A 611 -63.79 -3.13 -31.91
CA PHE A 611 -62.77 -4.18 -31.92
C PHE A 611 -62.32 -4.48 -33.33
N LEU A 612 -61.15 -5.08 -33.41
CA LEU A 612 -60.51 -5.43 -34.67
C LEU A 612 -60.07 -6.88 -34.67
N ILE A 613 -60.24 -7.54 -35.81
CA ILE A 613 -59.73 -8.88 -36.04
C ILE A 613 -58.90 -8.78 -37.30
N ILE A 614 -57.68 -9.28 -37.24
CA ILE A 614 -56.79 -9.37 -38.38
C ILE A 614 -56.70 -10.84 -38.74
N ALA A 615 -57.22 -11.18 -39.93
CA ALA A 615 -57.30 -12.54 -40.44
C ALA A 615 -56.36 -12.80 -41.60
N PRO A 616 -55.17 -13.38 -41.38
CA PRO A 616 -54.28 -13.71 -42.49
C PRO A 616 -54.78 -14.97 -43.19
N GLN A 617 -54.35 -15.13 -44.45
CA GLN A 617 -54.72 -16.28 -45.28
C GLN A 617 -56.25 -16.39 -45.36
N THR A 618 -56.90 -15.31 -45.77
CA THR A 618 -58.36 -15.31 -45.84
C THR A 618 -58.85 -14.38 -46.94
N GLY A 619 -59.53 -14.95 -47.94
CA GLY A 619 -60.17 -14.15 -48.97
C GLY A 619 -61.51 -13.61 -48.51
N MET A 620 -62.04 -12.65 -49.28
CA MET A 620 -63.27 -11.97 -48.91
C MET A 620 -64.45 -12.90 -48.60
N PRO A 621 -64.70 -14.00 -49.37
CA PRO A 621 -65.78 -14.93 -48.99
C PRO A 621 -65.62 -15.52 -47.59
N GLU A 622 -64.53 -16.27 -47.39
CA GLU A 622 -64.28 -16.86 -46.08
C GLU A 622 -64.21 -15.81 -44.99
N LEU A 623 -63.78 -14.60 -45.33
CA LEU A 623 -63.76 -13.50 -44.38
C LEU A 623 -65.18 -13.17 -43.90
N MET A 624 -66.11 -13.01 -44.85
CA MET A 624 -67.52 -12.81 -44.49
C MET A 624 -68.05 -13.98 -43.68
N GLN A 625 -67.63 -15.21 -44.00
CA GLN A 625 -68.02 -16.37 -43.20
C GLN A 625 -67.60 -16.18 -41.74
N LEU A 626 -66.35 -15.74 -41.53
CA LEU A 626 -65.85 -15.52 -40.18
C LEU A 626 -66.68 -14.45 -39.48
N GLY A 627 -67.01 -13.36 -40.19
CA GLY A 627 -67.85 -12.34 -39.60
C GLY A 627 -69.23 -12.83 -39.18
N GLU A 628 -69.83 -13.73 -39.97
CA GLU A 628 -71.12 -14.25 -39.55
C GLU A 628 -70.98 -15.14 -38.32
N ARG A 629 -69.96 -16.00 -38.29
CA ARG A 629 -69.75 -16.78 -37.05
C ARG A 629 -69.52 -15.89 -35.83
N VAL A 630 -68.78 -14.79 -35.98
CA VAL A 630 -68.51 -13.95 -34.82
C VAL A 630 -69.79 -13.23 -34.36
N ARG A 631 -70.53 -12.63 -35.29
CA ARG A 631 -71.77 -11.94 -34.92
C ARG A 631 -72.76 -12.90 -34.26
N ALA A 632 -72.87 -14.13 -34.77
CA ALA A 632 -73.77 -15.10 -34.14
C ALA A 632 -73.23 -15.56 -32.80
N ALA A 633 -71.91 -15.62 -32.65
CA ALA A 633 -71.30 -16.04 -31.38
C ALA A 633 -71.63 -15.05 -30.28
N VAL A 634 -71.56 -13.76 -30.58
CA VAL A 634 -71.87 -12.78 -29.55
C VAL A 634 -73.36 -12.77 -29.23
N GLU A 635 -74.24 -13.15 -30.17
CA GLU A 635 -75.66 -13.11 -29.85
C GLU A 635 -76.08 -14.18 -28.84
N LYS A 636 -75.66 -15.43 -29.03
CA LYS A 636 -76.09 -16.53 -28.16
C LYS A 636 -75.37 -16.61 -26.80
N MET A 637 -74.59 -15.63 -26.39
CA MET A 637 -73.89 -15.89 -25.14
C MET A 637 -74.81 -15.74 -23.93
N GLN A 638 -74.34 -16.26 -22.81
CA GLN A 638 -75.07 -16.23 -21.56
C GLN A 638 -75.38 -14.82 -21.07
N HIS A 639 -76.66 -14.52 -20.82
CA HIS A 639 -76.96 -13.20 -20.25
C HIS A 639 -76.53 -13.07 -18.79
N LYS A 640 -76.66 -14.13 -17.98
CA LYS A 640 -76.23 -14.11 -16.57
C LYS A 640 -76.92 -13.00 -15.79
N ASP A 641 -78.19 -12.75 -16.10
CA ASP A 641 -79.02 -11.75 -15.42
C ASP A 641 -78.70 -10.33 -15.89
N LEU A 642 -78.36 -10.20 -17.17
CA LEU A 642 -77.83 -9.02 -17.84
C LEU A 642 -78.50 -9.01 -19.21
N PRO A 643 -78.46 -7.90 -19.92
CA PRO A 643 -79.17 -7.84 -21.21
C PRO A 643 -78.49 -8.58 -22.33
N ALA A 644 -79.30 -8.84 -23.35
CA ALA A 644 -78.91 -9.47 -24.61
C ALA A 644 -78.12 -8.49 -25.47
N VAL A 645 -77.08 -8.97 -26.16
CA VAL A 645 -76.16 -8.08 -26.85
C VAL A 645 -75.90 -8.57 -28.27
N THR A 646 -75.75 -7.61 -29.19
CA THR A 646 -75.58 -7.80 -30.63
C THR A 646 -74.43 -6.92 -31.12
N ILE A 647 -73.68 -7.39 -32.10
CA ILE A 647 -72.63 -6.60 -32.73
C ILE A 647 -72.94 -6.39 -34.21
N SER A 648 -72.43 -5.28 -34.76
CA SER A 648 -72.53 -4.98 -36.19
C SER A 648 -71.13 -4.89 -36.76
N ILE A 649 -70.87 -5.72 -37.76
CA ILE A 649 -69.52 -5.96 -38.27
C ILE A 649 -69.38 -5.39 -39.66
N GLY A 650 -68.36 -4.58 -39.86
CA GLY A 650 -67.88 -4.27 -41.18
C GLY A 650 -66.72 -5.21 -41.47
N VAL A 651 -66.43 -5.39 -42.76
CA VAL A 651 -65.42 -6.34 -43.20
C VAL A 651 -64.67 -5.70 -44.35
N ALA A 652 -63.35 -5.85 -44.35
CA ALA A 652 -62.56 -5.37 -45.47
C ALA A 652 -61.54 -6.42 -45.85
N GLU A 653 -61.12 -6.36 -47.10
CA GLU A 653 -60.19 -7.31 -47.68
C GLU A 653 -59.00 -6.52 -48.18
N PHE A 654 -57.84 -7.16 -48.20
CA PHE A 654 -56.64 -6.53 -48.71
C PHE A 654 -56.75 -6.40 -50.22
N GLN A 655 -56.84 -5.16 -50.70
CA GLN A 655 -57.02 -4.90 -52.12
C GLN A 655 -55.85 -4.03 -52.61
N ASN A 656 -54.66 -4.62 -52.60
CA ASN A 656 -53.44 -3.94 -53.06
C ASN A 656 -53.24 -2.62 -52.33
N ASP A 657 -53.32 -2.65 -50.99
CA ASP A 657 -53.25 -1.43 -50.21
C ASP A 657 -51.82 -1.00 -49.91
N THR A 658 -51.66 0.32 -49.73
CA THR A 658 -50.43 1.02 -49.36
C THR A 658 -50.31 1.16 -47.84
N ARG A 659 -51.37 1.61 -47.18
CA ARG A 659 -51.35 1.98 -45.77
C ARG A 659 -52.49 1.29 -45.08
N TRP A 660 -52.32 1.09 -43.78
CA TRP A 660 -53.39 0.48 -43.02
C TRP A 660 -54.58 1.42 -42.88
N ASP A 661 -54.34 2.70 -43.12
CA ASP A 661 -55.38 3.72 -43.09
C ASP A 661 -56.52 3.45 -44.05
N HIS A 662 -56.20 3.09 -45.30
CA HIS A 662 -57.22 2.82 -46.31
C HIS A 662 -58.12 1.66 -45.89
N MET A 663 -57.53 0.60 -45.32
CA MET A 663 -58.32 -0.54 -44.91
C MET A 663 -59.27 -0.20 -43.77
N ILE A 664 -58.81 0.61 -42.81
CA ILE A 664 -59.67 1.01 -41.70
C ILE A 664 -60.85 1.84 -42.19
N ASP A 665 -60.61 2.74 -43.15
CA ASP A 665 -61.70 3.52 -43.72
C ASP A 665 -62.74 2.62 -44.40
N ARG A 666 -62.25 1.68 -45.21
CA ARG A 666 -63.17 0.78 -45.92
C ARG A 666 -63.96 -0.09 -44.94
N ALA A 667 -63.28 -0.80 -44.05
CA ALA A 667 -63.95 -1.61 -43.04
C ALA A 667 -64.90 -0.79 -42.18
N ASP A 668 -64.61 0.51 -42.02
CA ASP A 668 -65.38 1.41 -41.17
C ASP A 668 -66.69 1.80 -41.84
N LYS A 669 -66.63 2.27 -43.09
CA LYS A 669 -67.86 2.53 -43.82
C LYS A 669 -68.72 1.28 -43.95
N ALA A 670 -68.09 0.10 -44.14
CA ALA A 670 -68.86 -1.14 -44.14
C ALA A 670 -69.55 -1.37 -42.81
N MET A 671 -68.83 -1.18 -41.71
CA MET A 671 -69.42 -1.31 -40.39
C MET A 671 -70.62 -0.40 -40.25
N TYR A 672 -70.52 0.83 -40.76
CA TYR A 672 -71.63 1.76 -40.66
C TYR A 672 -72.82 1.35 -41.53
N ARG A 673 -72.60 0.74 -42.71
CA ARG A 673 -73.79 0.25 -43.43
C ARG A 673 -74.47 -0.86 -42.65
N ALA A 674 -73.70 -1.72 -41.96
CA ALA A 674 -74.37 -2.72 -41.14
C ALA A 674 -75.10 -2.07 -39.98
N LYS A 675 -74.53 -1.03 -39.38
CA LYS A 675 -75.17 -0.41 -38.23
C LYS A 675 -76.48 0.24 -38.65
N GLU A 676 -76.44 0.85 -39.82
CA GLU A 676 -77.57 1.62 -40.34
C GLU A 676 -78.68 0.73 -40.88
N ASN A 677 -78.35 -0.43 -41.46
CA ASN A 677 -79.38 -1.24 -42.10
C ASN A 677 -80.11 -2.17 -41.15
N GLY A 678 -80.11 -1.86 -39.86
CA GLY A 678 -80.59 -2.80 -38.89
C GLY A 678 -79.48 -3.55 -38.21
N ARG A 679 -79.39 -3.40 -36.89
CA ARG A 679 -78.15 -3.79 -36.25
C ARG A 679 -78.03 -5.31 -36.32
N ASN A 680 -76.84 -5.81 -36.00
CA ASN A 680 -76.52 -7.23 -36.14
C ASN A 680 -76.43 -7.72 -37.58
N GLN A 681 -75.41 -7.25 -38.31
CA GLN A 681 -75.25 -7.53 -39.72
C GLN A 681 -73.76 -7.61 -40.00
N VAL A 682 -73.41 -8.27 -41.08
CA VAL A 682 -72.06 -8.28 -41.60
C VAL A 682 -72.08 -7.58 -42.96
N CYS A 683 -71.15 -6.65 -43.18
CA CYS A 683 -71.20 -5.94 -44.46
C CYS A 683 -69.78 -5.82 -45.01
N SER A 684 -69.67 -5.86 -46.33
CA SER A 684 -68.38 -5.68 -47.02
C SER A 684 -67.99 -4.25 -47.32
N ASP B 10 25.27 -37.68 -15.80
CA ASP B 10 26.53 -37.72 -16.53
C ASP B 10 27.69 -37.97 -15.56
N ASP B 11 28.86 -38.36 -16.08
CA ASP B 11 30.02 -38.56 -15.22
C ASP B 11 30.40 -37.27 -14.49
N ILE B 12 30.17 -36.12 -15.12
CA ILE B 12 30.45 -34.85 -14.45
C ILE B 12 29.69 -34.76 -13.13
N SER B 13 28.37 -34.97 -13.17
CA SER B 13 27.56 -34.87 -11.96
C SER B 13 28.06 -35.80 -10.86
N LYS B 14 28.36 -37.04 -11.23
CA LYS B 14 28.89 -38.01 -10.26
C LYS B 14 30.20 -37.55 -9.66
N LEU B 15 31.07 -36.94 -10.46
CA LEU B 15 32.35 -36.50 -9.92
C LEU B 15 32.17 -35.30 -8.98
N ILE B 16 31.28 -34.37 -9.34
CA ILE B 16 31.08 -33.19 -8.51
C ILE B 16 30.41 -33.58 -7.20
N ALA B 17 29.50 -34.57 -7.25
CA ALA B 17 28.87 -35.03 -6.03
C ALA B 17 29.89 -35.66 -5.10
N ALA B 18 30.91 -36.33 -5.64
CA ALA B 18 31.86 -37.03 -4.80
C ALA B 18 32.67 -36.08 -3.92
N CYS B 19 32.59 -34.76 -4.13
CA CYS B 19 33.39 -33.86 -3.32
C CYS B 19 32.90 -33.89 -1.88
N ASP B 20 31.59 -34.00 -1.71
CA ASP B 20 30.95 -34.06 -0.40
C ASP B 20 31.46 -35.22 0.45
N GLN B 21 32.21 -36.15 -0.14
CA GLN B 21 32.65 -37.28 0.66
C GLN B 21 33.81 -36.88 1.57
N GLU B 22 34.67 -35.98 1.13
CA GLU B 22 35.78 -35.53 1.97
C GLU B 22 35.28 -34.80 3.20
N PRO B 23 35.56 -35.29 4.42
CA PRO B 23 35.08 -34.61 5.63
C PRO B 23 36.02 -33.49 6.00
N ILE B 24 35.67 -32.29 5.55
CA ILE B 24 36.63 -31.19 5.65
C ILE B 24 36.72 -30.64 7.04
N HIS B 25 35.80 -31.00 7.93
CA HIS B 25 35.79 -30.58 9.33
C HIS B 25 36.70 -31.41 10.22
N ILE B 26 37.12 -32.60 9.79
CA ILE B 26 37.95 -33.44 10.63
C ILE B 26 39.17 -33.93 9.86
N PRO B 27 40.06 -33.04 9.42
CA PRO B 27 41.25 -33.49 8.68
C PRO B 27 42.40 -33.95 9.54
N ASN B 28 42.28 -33.92 10.87
CA ASN B 28 43.37 -34.31 11.77
C ASN B 28 44.70 -33.66 11.39
N ALA B 29 44.62 -32.39 10.98
CA ALA B 29 45.80 -31.61 10.62
C ALA B 29 45.41 -30.15 10.64
N ILE B 30 46.43 -29.29 10.76
CA ILE B 30 46.23 -27.85 10.82
C ILE B 30 47.18 -27.20 9.86
N GLN B 31 46.86 -25.97 9.50
CA GLN B 31 47.81 -25.13 8.80
C GLN B 31 48.89 -24.69 9.79
N PRO B 32 50.11 -24.56 9.34
CA PRO B 32 51.20 -24.30 10.29
C PRO B 32 51.36 -22.86 10.77
N PHE B 33 50.38 -21.97 10.61
CA PHE B 33 50.54 -20.66 11.22
C PHE B 33 50.14 -20.64 12.72
N GLY B 34 50.05 -21.81 13.34
CA GLY B 34 49.86 -21.93 14.76
C GLY B 34 50.03 -23.37 15.21
N ALA B 35 49.70 -23.62 16.48
CA ALA B 35 49.71 -24.97 17.01
C ALA B 35 48.37 -25.27 17.69
N MET B 36 48.08 -26.57 17.85
CA MET B 36 46.80 -27.00 18.41
C MET B 36 46.98 -28.13 19.42
N LEU B 37 46.23 -28.06 20.52
CA LEU B 37 46.08 -29.13 21.50
C LEU B 37 44.61 -29.51 21.61
N ILE B 38 44.36 -30.80 21.80
CA ILE B 38 43.03 -31.31 22.09
C ILE B 38 43.12 -32.01 23.43
N VAL B 39 42.30 -31.57 24.38
CA VAL B 39 42.33 -32.02 25.76
C VAL B 39 40.99 -32.67 26.08
N GLU B 40 41.03 -33.84 26.73
CA GLU B 40 39.81 -34.47 27.24
C GLU B 40 39.35 -33.75 28.51
N LYS B 41 38.11 -33.25 28.51
CA LYS B 41 37.61 -32.51 29.66
C LYS B 41 37.62 -33.35 30.94
N ASP B 42 37.15 -34.59 30.85
CA ASP B 42 37.01 -35.41 32.06
C ASP B 42 38.37 -35.79 32.63
N THR B 43 39.28 -36.28 31.81
CA THR B 43 40.59 -36.71 32.30
C THR B 43 41.61 -35.57 32.41
N GLN B 44 41.33 -34.42 31.80
CA GLN B 44 42.26 -33.28 31.71
C GLN B 44 43.56 -33.69 31.03
N GLN B 45 43.49 -34.67 30.15
CA GLN B 45 44.66 -35.21 29.48
C GLN B 45 44.78 -34.67 28.07
N ILE B 46 45.98 -34.19 27.71
CA ILE B 46 46.23 -33.85 26.32
C ILE B 46 46.16 -35.13 25.51
N VAL B 47 45.18 -35.20 24.60
CA VAL B 47 45.04 -36.37 23.76
C VAL B 47 45.50 -36.13 22.33
N TYR B 48 45.45 -34.90 21.83
CA TYR B 48 46.05 -34.65 20.52
C TYR B 48 46.93 -33.40 20.57
N ALA B 49 48.00 -33.44 19.80
CA ALA B 49 48.85 -32.28 19.64
C ALA B 49 49.29 -32.20 18.20
N SER B 50 49.30 -30.97 17.64
CA SER B 50 49.80 -30.78 16.29
C SER B 50 51.31 -30.96 16.26
N ALA B 51 51.81 -31.48 15.13
CA ALA B 51 53.20 -31.90 15.06
C ALA B 51 54.15 -30.77 15.40
N ASN B 52 53.74 -29.51 15.24
CA ASN B 52 54.56 -28.34 15.52
C ASN B 52 54.35 -27.75 16.92
N SER B 53 53.78 -28.52 17.87
CA SER B 53 53.40 -27.95 19.16
C SER B 53 54.60 -27.50 19.98
N ALA B 54 55.75 -28.15 19.79
CA ALA B 54 56.92 -27.88 20.62
C ALA B 54 57.40 -26.44 20.44
N GLU B 55 57.43 -25.96 19.20
CA GLU B 55 58.02 -24.65 18.98
C GLU B 55 57.15 -23.54 19.55
N TYR B 56 55.85 -23.80 19.79
CA TYR B 56 55.03 -22.80 20.45
C TYR B 56 55.03 -22.96 21.96
N PHE B 57 54.78 -24.17 22.44
CA PHE B 57 54.66 -24.33 23.87
C PHE B 57 55.99 -24.31 24.59
N SER B 58 57.12 -24.38 23.87
CA SER B 58 58.39 -24.20 24.55
C SER B 58 58.46 -22.86 25.27
N VAL B 59 57.69 -21.87 24.81
CA VAL B 59 57.70 -20.55 25.44
C VAL B 59 56.97 -20.62 26.78
N ALA B 60 55.90 -21.41 26.85
CA ALA B 60 55.23 -21.65 28.11
C ALA B 60 56.04 -22.57 29.04
N ASP B 61 56.81 -23.51 28.48
CA ASP B 61 57.36 -24.60 29.28
C ASP B 61 58.76 -24.91 28.75
N ASN B 62 59.78 -24.44 29.44
CA ASN B 62 61.14 -24.59 28.92
C ASN B 62 61.62 -26.01 29.01
N THR B 63 60.74 -26.92 29.42
CA THR B 63 61.04 -28.35 29.38
C THR B 63 60.59 -29.01 28.08
N ILE B 64 59.74 -28.34 27.31
CA ILE B 64 59.29 -28.82 26.01
C ILE B 64 60.40 -28.63 24.98
N HIS B 65 60.99 -29.74 24.51
CA HIS B 65 61.97 -29.67 23.43
C HIS B 65 61.46 -30.32 22.14
N GLU B 66 61.17 -31.63 22.17
CA GLU B 66 60.52 -32.29 21.03
C GLU B 66 59.02 -32.39 21.29
N LEU B 67 58.31 -32.95 20.31
CA LEU B 67 56.88 -33.20 20.47
C LEU B 67 56.60 -34.16 21.60
N SER B 68 57.46 -35.17 21.78
CA SER B 68 57.22 -36.19 22.77
C SER B 68 57.20 -35.64 24.18
N ASP B 69 57.88 -34.50 24.43
CA ASP B 69 57.89 -33.92 25.77
C ASP B 69 56.50 -33.46 26.22
N ILE B 70 55.63 -33.11 25.26
CA ILE B 70 54.27 -32.69 25.62
C ILE B 70 53.51 -33.78 26.37
N LYS B 71 53.78 -35.03 26.05
CA LYS B 71 53.13 -36.12 26.76
C LYS B 71 53.45 -36.08 28.25
N GLN B 72 54.68 -35.71 28.59
CA GLN B 72 55.12 -35.59 29.96
C GLN B 72 54.67 -34.32 30.63
N ALA B 73 54.18 -33.34 29.88
CA ALA B 73 53.84 -32.05 30.44
C ALA B 73 52.43 -32.07 31.05
N ASN B 74 52.18 -31.04 31.86
CA ASN B 74 50.89 -30.76 32.49
C ASN B 74 50.27 -29.53 31.82
N ILE B 75 48.94 -29.50 31.72
CA ILE B 75 48.34 -28.40 30.98
C ILE B 75 48.46 -27.08 31.73
N ASN B 76 48.51 -27.12 33.06
CA ASN B 76 48.72 -25.88 33.80
C ASN B 76 50.07 -25.28 33.50
N SER B 77 51.02 -26.12 33.10
CA SER B 77 52.32 -25.62 32.67
C SER B 77 52.26 -24.97 31.30
N LEU B 78 51.23 -25.29 30.51
CA LEU B 78 51.15 -24.84 29.12
C LEU B 78 50.13 -23.72 28.90
N LEU B 79 49.06 -23.72 29.61
CA LEU B 79 47.96 -22.80 29.40
C LEU B 79 47.99 -21.64 30.39
N PRO B 80 47.52 -20.48 29.98
CA PRO B 80 47.37 -19.36 30.92
C PRO B 80 46.26 -19.66 31.91
N GLU B 81 46.33 -19.02 33.08
CA GLU B 81 45.29 -19.20 34.10
C GLU B 81 43.91 -18.83 33.57
N HIS B 82 43.81 -17.67 32.90
CA HIS B 82 42.49 -17.22 32.47
C HIS B 82 41.88 -18.17 31.44
N LEU B 83 42.70 -18.73 30.56
CA LEU B 83 42.18 -19.68 29.58
C LEU B 83 41.64 -20.93 30.26
N ILE B 84 42.34 -21.42 31.28
CA ILE B 84 41.91 -22.62 32.00
C ILE B 84 40.59 -22.38 32.71
N SER B 85 40.48 -21.28 33.46
CA SER B 85 39.23 -21.01 34.15
C SER B 85 38.10 -20.79 33.15
N GLY B 86 38.41 -20.07 32.06
CA GLY B 86 37.41 -19.83 31.02
C GLY B 86 36.88 -21.09 30.39
N LEU B 87 37.78 -22.05 30.10
CA LEU B 87 37.33 -23.33 29.53
C LEU B 87 36.47 -24.11 30.51
N ALA B 88 36.87 -24.13 31.80
CA ALA B 88 36.07 -24.84 32.79
C ALA B 88 34.68 -24.23 32.92
N SER B 89 34.58 -22.90 32.79
CA SER B 89 33.31 -22.21 32.99
C SER B 89 32.33 -22.34 31.82
N ALA B 90 32.80 -22.69 30.62
CA ALA B 90 31.94 -22.71 29.44
C ALA B 90 30.99 -23.91 29.49
N ILE B 91 29.69 -23.62 29.39
CA ILE B 91 28.69 -24.68 29.26
C ILE B 91 28.20 -24.78 27.83
N ARG B 92 28.09 -23.65 27.14
CA ARG B 92 27.75 -23.65 25.74
C ARG B 92 28.93 -24.14 24.92
N GLU B 93 28.65 -24.92 23.89
CA GLU B 93 29.71 -25.45 23.04
C GLU B 93 30.10 -24.47 21.95
N ASN B 94 31.31 -24.64 21.44
CA ASN B 94 31.78 -23.97 20.22
C ASN B 94 31.74 -22.43 20.36
N GLU B 95 31.95 -21.92 21.58
CA GLU B 95 32.09 -20.48 21.86
C GLU B 95 33.55 -20.20 22.18
N PRO B 96 34.37 -19.86 21.20
CA PRO B 96 35.79 -19.64 21.47
C PRO B 96 36.04 -18.52 22.48
N ILE B 97 37.12 -18.71 23.24
CA ILE B 97 37.60 -17.87 24.32
C ILE B 97 39.01 -17.45 23.95
N TRP B 98 39.25 -16.14 23.95
CA TRP B 98 40.50 -15.55 23.47
C TRP B 98 41.26 -15.02 24.68
N VAL B 99 42.46 -15.55 24.91
CA VAL B 99 43.27 -15.17 26.06
C VAL B 99 44.71 -15.00 25.61
N GLU B 100 45.32 -13.86 25.93
CA GLU B 100 46.66 -13.56 25.46
C GLU B 100 47.67 -13.52 26.61
N THR B 101 48.91 -13.83 26.29
CA THR B 101 50.09 -13.57 27.10
C THR B 101 50.89 -12.50 26.36
N ASP B 102 52.12 -12.27 26.80
CA ASP B 102 52.92 -11.28 26.07
C ASP B 102 53.49 -11.84 24.77
N ARG B 103 53.67 -13.16 24.69
CA ARG B 103 54.25 -13.78 23.50
C ARG B 103 53.32 -14.74 22.75
N LEU B 104 52.23 -15.19 23.36
CA LEU B 104 51.33 -16.14 22.73
C LEU B 104 49.91 -15.60 22.82
N SER B 105 49.09 -15.99 21.84
CA SER B 105 47.68 -15.63 21.72
C SER B 105 46.88 -16.92 21.59
N PHE B 106 45.99 -17.17 22.55
CA PHE B 106 45.26 -18.43 22.67
C PHE B 106 43.79 -18.25 22.29
N LEU B 107 43.26 -19.25 21.59
CA LEU B 107 41.85 -19.36 21.29
C LEU B 107 41.41 -20.77 21.63
N GLY B 108 40.52 -20.91 22.61
CA GLY B 108 40.09 -22.23 23.04
C GLY B 108 38.58 -22.31 23.08
N TRP B 109 38.04 -23.50 22.81
CA TRP B 109 36.60 -23.68 22.94
C TRP B 109 36.28 -25.12 23.32
N ARG B 110 35.07 -25.32 23.81
CA ARG B 110 34.60 -26.64 24.21
C ARG B 110 33.77 -27.26 23.11
N HIS B 111 34.13 -28.49 22.74
CA HIS B 111 33.37 -29.26 21.76
C HIS B 111 33.16 -30.67 22.29
N GLU B 112 31.93 -30.97 22.72
CA GLU B 112 31.55 -32.27 23.28
C GLU B 112 32.47 -32.55 24.47
N ASN B 113 33.22 -33.64 24.46
CA ASN B 113 34.13 -34.01 25.54
C ASN B 113 35.43 -33.25 25.53
N TYR B 114 35.71 -32.49 24.47
CA TYR B 114 37.04 -31.94 24.31
C TYR B 114 37.07 -30.44 24.56
N TYR B 115 38.28 -29.97 24.83
CA TYR B 115 38.67 -28.59 24.71
C TYR B 115 39.66 -28.53 23.57
N ILE B 116 39.42 -27.68 22.59
CA ILE B 116 40.38 -27.47 21.53
C ILE B 116 41.04 -26.12 21.75
N ILE B 117 42.36 -26.11 21.74
CA ILE B 117 43.13 -24.89 21.98
C ILE B 117 44.08 -24.68 20.81
N GLU B 118 43.94 -23.54 20.16
CA GLU B 118 44.82 -23.07 19.11
C GLU B 118 45.65 -21.91 19.64
N VAL B 119 46.94 -21.89 19.32
CA VAL B 119 47.83 -20.84 19.81
C VAL B 119 48.62 -20.27 18.64
N GLU B 120 48.78 -18.95 18.65
CA GLU B 120 49.53 -18.24 17.63
C GLU B 120 50.54 -17.37 18.35
N ARG B 121 51.72 -17.20 17.78
CA ARG B 121 52.64 -16.18 18.28
C ARG B 121 52.02 -14.81 18.06
N TYR B 122 52.35 -13.89 18.94
CA TYR B 122 51.64 -12.62 19.00
C TYR B 122 52.57 -11.57 19.58
N HIS B 123 52.54 -10.38 18.99
CA HIS B 123 53.25 -9.20 19.49
C HIS B 123 52.26 -8.18 20.01
N VAL B 124 52.56 -7.60 21.17
CA VAL B 124 51.78 -6.48 21.68
C VAL B 124 52.02 -5.24 20.82
N GLN B 125 50.96 -4.56 20.44
CA GLN B 125 51.04 -3.41 19.53
C GLN B 125 49.96 -2.41 19.91
N THR B 126 50.36 -1.21 20.37
CA THR B 126 49.50 -0.27 21.11
C THR B 126 49.29 1.01 20.30
N SER B 127 48.09 1.19 19.76
CA SER B 127 47.76 2.44 19.08
C SER B 127 46.26 2.53 18.87
N ASN B 128 45.80 3.68 18.37
CA ASN B 128 44.39 3.88 18.05
C ASN B 128 44.06 3.55 16.60
N TRP B 129 44.95 2.86 15.90
CA TRP B 129 44.73 2.52 14.49
C TRP B 129 43.39 1.83 14.27
N PHE B 130 43.08 0.82 15.09
CA PHE B 130 41.88 0.02 14.82
C PHE B 130 40.63 0.81 15.11
N GLU B 131 40.66 1.63 16.17
CA GLU B 131 39.52 2.48 16.49
C GLU B 131 39.23 3.46 15.37
N ILE B 132 40.27 4.12 14.83
CA ILE B 132 40.09 5.03 13.70
C ILE B 132 39.54 4.27 12.48
N GLN B 133 40.10 3.10 12.18
CA GLN B 133 39.53 2.23 11.15
C GLN B 133 38.04 1.96 11.38
N PHE B 134 37.66 1.62 12.62
CA PHE B 134 36.27 1.31 12.92
C PHE B 134 35.37 2.51 12.65
N GLN B 135 35.74 3.69 13.17
CA GLN B 135 34.92 4.87 12.98
C GLN B 135 34.76 5.20 11.50
N ARG B 136 35.88 5.19 10.77
CA ARG B 136 35.85 5.55 9.36
C ARG B 136 35.06 4.53 8.54
N ALA B 137 35.30 3.24 8.78
CA ALA B 137 34.55 2.23 8.03
C ALA B 137 33.07 2.37 8.28
N PHE B 138 32.69 2.55 9.55
CA PHE B 138 31.29 2.68 9.88
C PHE B 138 30.68 3.91 9.25
N GLN B 139 31.38 5.05 9.31
CA GLN B 139 30.85 6.26 8.70
C GLN B 139 30.67 6.07 7.20
N LYS B 140 31.65 5.46 6.54
CA LYS B 140 31.58 5.32 5.10
C LYS B 140 30.46 4.39 4.69
N LEU B 141 30.24 3.30 5.42
CA LEU B 141 29.11 2.44 5.09
C LEU B 141 27.77 3.13 5.37
N ARG B 142 27.63 3.84 6.50
CA ARG B 142 26.38 4.58 6.74
C ARG B 142 26.11 5.61 5.64
N ASN B 143 27.16 6.11 4.98
CA ASN B 143 26.94 7.08 3.92
C ASN B 143 26.43 6.46 2.63
N CYS B 144 26.55 5.15 2.45
CA CYS B 144 26.06 4.50 1.24
C CYS B 144 24.55 4.48 1.21
N LYS B 145 23.98 4.98 0.11
CA LYS B 145 22.55 5.02 -0.06
C LYS B 145 22.06 4.02 -1.09
N THR B 146 22.99 3.35 -1.77
CA THR B 146 22.70 2.51 -2.92
C THR B 146 23.45 1.22 -2.79
N HIS B 147 22.80 0.13 -3.22
CA HIS B 147 23.45 -1.16 -3.38
C HIS B 147 24.85 -1.06 -4.00
N ASN B 148 24.96 -0.40 -5.17
CA ASN B 148 26.26 -0.21 -5.79
C ASN B 148 27.25 0.46 -4.85
N ASP B 149 26.88 1.63 -4.31
CA ASP B 149 27.82 2.33 -3.45
C ASP B 149 28.22 1.47 -2.27
N LEU B 150 27.27 0.74 -1.67
CA LEU B 150 27.62 -0.06 -0.51
C LEU B 150 28.62 -1.15 -0.86
N ILE B 151 28.35 -1.91 -1.93
CA ILE B 151 29.23 -3.04 -2.22
C ILE B 151 30.62 -2.56 -2.66
N ASN B 152 30.70 -1.45 -3.39
CA ASN B 152 32.03 -0.97 -3.77
C ASN B 152 32.76 -0.40 -2.55
N THR B 153 32.06 0.37 -1.72
CA THR B 153 32.64 0.86 -0.47
C THR B 153 33.13 -0.29 0.40
N LEU B 154 32.37 -1.39 0.43
CA LEU B 154 32.80 -2.54 1.21
C LEU B 154 34.08 -3.13 0.65
N THR B 155 34.16 -3.28 -0.67
CA THR B 155 35.37 -3.82 -1.30
C THR B 155 36.60 -2.95 -1.01
N ARG B 156 36.47 -1.62 -1.14
CA ARG B 156 37.62 -0.77 -0.86
C ARG B 156 38.00 -0.82 0.61
N LEU B 157 37.02 -0.78 1.51
CA LEU B 157 37.31 -0.85 2.93
C LEU B 157 38.05 -2.13 3.29
N ILE B 158 37.53 -3.28 2.86
CA ILE B 158 38.17 -4.57 3.16
C ILE B 158 39.59 -4.61 2.61
N GLN B 159 39.79 -4.13 1.36
CA GLN B 159 41.14 -4.17 0.80
C GLN B 159 42.10 -3.29 1.58
N GLU B 160 41.67 -2.09 1.95
CA GLU B 160 42.54 -1.19 2.71
C GLU B 160 42.85 -1.74 4.11
N ILE B 161 41.88 -2.39 4.75
CA ILE B 161 42.15 -2.91 6.08
C ILE B 161 43.08 -4.11 6.00
N SER B 162 42.75 -5.09 5.15
CA SER B 162 43.51 -6.33 5.08
C SER B 162 44.81 -6.18 4.28
N GLY B 163 44.85 -5.26 3.32
CA GLY B 163 46.05 -5.14 2.53
C GLY B 163 46.19 -6.18 1.45
N TYR B 164 45.12 -6.93 1.17
CA TYR B 164 45.20 -8.01 0.19
C TYR B 164 45.24 -7.43 -1.22
N ASP B 165 45.96 -8.13 -2.11
CA ASP B 165 46.17 -7.60 -3.46
C ASP B 165 44.86 -7.51 -4.24
N ARG B 166 43.90 -8.42 -3.99
CA ARG B 166 42.62 -8.44 -4.69
C ARG B 166 41.52 -8.78 -3.69
N VAL B 167 40.38 -8.10 -3.83
CA VAL B 167 39.22 -8.26 -2.96
C VAL B 167 37.96 -8.25 -3.80
N MET B 168 37.07 -9.22 -3.58
CA MET B 168 35.88 -9.37 -4.38
C MET B 168 34.65 -9.63 -3.52
N ILE B 169 33.49 -9.29 -4.07
CA ILE B 169 32.21 -9.66 -3.49
C ILE B 169 31.64 -10.73 -4.40
N TYR B 170 31.50 -11.93 -3.87
CA TYR B 170 30.96 -13.05 -4.61
C TYR B 170 29.52 -13.29 -4.14
N GLN B 171 28.57 -13.20 -5.04
CA GLN B 171 27.17 -13.38 -4.67
C GLN B 171 26.61 -14.69 -5.22
N PHE B 172 25.95 -15.44 -4.34
CA PHE B 172 25.36 -16.71 -4.69
C PHE B 172 24.03 -16.51 -5.38
N ASP B 173 23.75 -17.34 -6.37
CA ASP B 173 22.44 -17.43 -6.99
C ASP B 173 21.68 -18.63 -6.40
N PRO B 174 20.40 -18.82 -6.74
CA PRO B 174 19.63 -19.88 -6.07
C PRO B 174 20.19 -21.28 -6.25
N GLU B 175 20.95 -21.53 -7.32
CA GLU B 175 21.54 -22.84 -7.57
C GLU B 175 22.92 -22.98 -6.97
N TRP B 176 23.40 -21.95 -6.26
CA TRP B 176 24.70 -21.87 -5.58
C TRP B 176 25.85 -21.69 -6.55
N ASN B 177 25.57 -21.31 -7.79
CA ASN B 177 26.56 -20.70 -8.65
C ASN B 177 26.75 -19.26 -8.18
N GLY B 178 27.85 -18.65 -8.60
CA GLY B 178 28.20 -17.32 -8.12
C GLY B 178 28.55 -16.33 -9.22
N ARG B 179 28.35 -15.07 -8.91
CA ARG B 179 28.81 -13.99 -9.77
C ARG B 179 29.61 -13.01 -8.92
N VAL B 180 30.75 -12.54 -9.43
CA VAL B 180 31.47 -11.46 -8.77
C VAL B 180 30.83 -10.11 -9.12
N ILE B 181 30.34 -9.41 -8.10
CA ILE B 181 29.57 -8.19 -8.33
C ILE B 181 30.34 -6.94 -7.92
N ALA B 182 31.50 -7.07 -7.27
CA ALA B 182 32.34 -5.93 -6.92
C ALA B 182 33.77 -6.43 -6.70
N GLU B 183 34.73 -5.56 -6.96
CA GLU B 183 36.14 -5.96 -7.01
C GLU B 183 37.02 -4.74 -6.76
N SER B 184 38.21 -5.00 -6.22
CA SER B 184 39.21 -3.97 -5.94
C SER B 184 40.58 -4.63 -6.01
N VAL B 185 41.41 -4.23 -6.97
CA VAL B 185 42.61 -5.00 -7.34
C VAL B 185 43.80 -4.05 -7.38
N ARG B 186 44.63 -4.03 -6.33
CA ARG B 186 45.83 -3.19 -6.33
C ARG B 186 46.85 -3.67 -7.36
N GLN B 187 47.43 -4.84 -7.16
CA GLN B 187 48.49 -5.27 -8.04
C GLN B 187 47.93 -5.67 -9.41
N LEU B 188 48.81 -6.01 -10.33
CA LEU B 188 48.40 -6.52 -11.64
C LEU B 188 47.72 -7.88 -11.47
N PHE B 189 46.41 -7.87 -11.73
CA PHE B 189 45.48 -8.99 -11.72
C PHE B 189 44.51 -8.73 -12.85
N THR B 190 43.95 -9.79 -13.44
CA THR B 190 42.87 -9.55 -14.39
C THR B 190 41.59 -9.35 -13.61
N SER B 191 40.70 -8.55 -14.17
CA SER B 191 39.43 -8.28 -13.52
C SER B 191 38.53 -9.51 -13.63
N MET B 192 38.06 -9.99 -12.49
CA MET B 192 37.06 -11.05 -12.44
C MET B 192 35.65 -10.48 -12.34
N LEU B 193 35.52 -9.17 -12.53
CA LEU B 193 34.24 -8.50 -12.35
C LEU B 193 33.20 -9.07 -13.31
N ASN B 194 32.04 -9.45 -12.79
CA ASN B 194 30.91 -9.98 -13.55
C ASN B 194 31.17 -11.36 -14.12
N HIS B 195 32.23 -12.02 -13.67
CA HIS B 195 32.48 -13.40 -14.07
C HIS B 195 31.64 -14.35 -13.20
N HIS B 196 31.12 -15.40 -13.83
CA HIS B 196 30.36 -16.42 -13.13
C HIS B 196 31.27 -17.57 -12.78
N PHE B 197 31.02 -18.16 -11.62
CA PHE B 197 31.70 -19.35 -11.15
C PHE B 197 30.67 -20.43 -10.87
N PRO B 198 31.02 -21.68 -11.09
CA PRO B 198 30.08 -22.78 -10.86
C PRO B 198 29.99 -23.16 -9.39
N ALA B 199 28.86 -23.78 -9.04
CA ALA B 199 28.62 -24.19 -7.64
C ALA B 199 29.69 -25.15 -7.13
N SER B 200 30.31 -25.93 -8.01
CA SER B 200 31.34 -26.88 -7.60
C SER B 200 32.53 -26.21 -6.91
N ASP B 201 32.68 -24.90 -7.07
CA ASP B 201 33.89 -24.25 -6.59
C ASP B 201 33.89 -24.09 -5.08
N ILE B 202 32.70 -23.98 -4.47
CA ILE B 202 32.54 -24.08 -3.02
C ILE B 202 31.44 -25.10 -2.74
N PRO B 203 31.77 -26.35 -2.41
CA PRO B 203 30.75 -27.36 -2.13
C PRO B 203 29.98 -27.03 -0.86
N ALA B 204 28.81 -27.68 -0.72
CA ALA B 204 27.93 -27.39 0.39
C ALA B 204 28.64 -27.51 1.74
N GLN B 205 29.51 -28.51 1.88
CA GLN B 205 30.20 -28.73 3.14
C GLN B 205 31.03 -27.52 3.53
N ALA B 206 31.61 -26.84 2.55
CA ALA B 206 32.41 -25.65 2.76
C ALA B 206 31.56 -24.41 2.94
N ARG B 207 30.50 -24.24 2.16
CA ARG B 207 29.60 -23.12 2.45
C ARG B 207 29.07 -23.23 3.86
N ALA B 208 28.94 -24.46 4.35
CA ALA B 208 28.42 -24.66 5.69
C ALA B 208 29.39 -24.15 6.74
N MET B 209 30.68 -24.00 6.41
CA MET B 209 31.66 -23.57 7.40
C MET B 209 31.38 -22.16 7.89
N TYR B 210 30.95 -21.28 6.98
CA TYR B 210 30.77 -19.88 7.37
C TYR B 210 29.80 -19.76 8.53
N SER B 211 28.84 -20.69 8.63
CA SER B 211 27.91 -20.68 9.75
C SER B 211 28.55 -21.08 11.08
N ILE B 212 29.65 -21.82 11.05
CA ILE B 212 30.37 -22.07 12.28
C ILE B 212 31.34 -20.94 12.57
N ASN B 213 32.10 -20.52 11.59
CA ASN B 213 33.04 -19.42 11.76
C ASN B 213 33.00 -18.54 10.51
N PRO B 214 32.67 -17.25 10.63
CA PRO B 214 32.46 -16.44 9.41
C PRO B 214 33.72 -16.16 8.62
N ILE B 215 34.90 -16.41 9.16
CA ILE B 215 36.14 -16.09 8.48
C ILE B 215 36.95 -17.36 8.28
N ARG B 216 37.55 -17.49 7.10
CA ARG B 216 38.45 -18.59 6.77
C ARG B 216 39.74 -18.01 6.25
N ILE B 217 40.87 -18.45 6.81
CA ILE B 217 42.17 -17.88 6.44
C ILE B 217 43.09 -18.99 5.98
N ILE B 218 43.70 -18.79 4.83
CA ILE B 218 44.72 -19.65 4.27
C ILE B 218 45.93 -18.75 4.01
N PRO B 219 46.86 -18.58 4.97
CA PRO B 219 47.93 -17.58 4.78
C PRO B 219 48.97 -17.99 3.79
N ASP B 220 49.02 -19.27 3.44
CA ASP B 220 50.08 -19.79 2.58
C ASP B 220 49.54 -21.07 1.96
N VAL B 221 49.20 -20.98 0.67
CA VAL B 221 48.73 -22.12 -0.10
C VAL B 221 49.74 -23.26 -0.10
N ASN B 222 51.03 -22.95 0.01
CA ASN B 222 52.07 -24.00 -0.07
C ASN B 222 52.64 -24.38 1.28
N ALA B 223 52.09 -23.84 2.37
CA ALA B 223 52.54 -24.26 3.69
C ALA B 223 52.17 -25.72 3.92
N GLU B 224 53.07 -26.43 4.54
CA GLU B 224 52.92 -27.86 4.76
C GLU B 224 52.05 -28.10 6.00
N PRO B 225 50.90 -28.76 5.86
CA PRO B 225 50.05 -28.99 7.04
C PRO B 225 50.77 -29.84 8.09
N GLN B 226 50.43 -29.60 9.35
CA GLN B 226 50.96 -30.36 10.47
C GLN B 226 49.88 -31.28 11.01
N PRO B 227 50.07 -32.60 10.99
CA PRO B 227 49.03 -33.49 11.51
C PRO B 227 48.99 -33.51 13.03
N LEU B 228 47.81 -33.86 13.54
CA LEU B 228 47.64 -34.09 14.96
C LEU B 228 48.20 -35.46 15.32
N HIS B 229 49.07 -35.49 16.33
CA HIS B 229 49.65 -36.71 16.84
C HIS B 229 48.93 -37.10 18.12
N MET B 230 48.75 -38.39 18.33
CA MET B 230 48.13 -38.83 19.58
C MET B 230 49.15 -38.74 20.71
N ILE B 231 48.76 -38.07 21.79
CA ILE B 231 49.64 -37.91 22.93
C ILE B 231 49.30 -38.94 23.99
N HIS B 232 48.12 -38.80 24.59
CA HIS B 232 47.59 -39.76 25.52
C HIS B 232 46.47 -40.51 24.82
N LYS B 233 46.05 -41.61 25.39
CA LYS B 233 45.03 -42.25 24.56
C LYS B 233 43.65 -41.74 24.97
N PRO B 234 42.81 -41.32 24.02
CA PRO B 234 41.46 -40.90 24.34
C PRO B 234 40.48 -42.06 24.39
N GLN B 235 39.45 -41.89 25.22
CA GLN B 235 38.38 -42.87 25.32
C GLN B 235 37.62 -43.06 24.01
N ASN B 236 37.66 -42.07 23.13
CA ASN B 236 37.00 -42.17 21.83
C ASN B 236 38.02 -41.78 20.77
N THR B 237 38.27 -42.67 19.82
CA THR B 237 39.32 -42.48 18.83
C THR B 237 38.82 -41.85 17.54
N GLU B 238 37.53 -41.53 17.48
CA GLU B 238 37.01 -40.86 16.29
C GLU B 238 37.48 -39.40 16.26
N ALA B 239 37.71 -38.92 15.03
CA ALA B 239 38.34 -37.63 14.81
C ALA B 239 37.54 -36.48 15.44
N VAL B 240 38.27 -35.49 15.98
CA VAL B 240 37.62 -34.38 16.65
C VAL B 240 37.32 -33.30 15.64
N ASN B 241 36.16 -32.68 15.76
CA ASN B 241 35.76 -31.60 14.86
C ASN B 241 36.54 -30.31 15.15
N LEU B 242 37.15 -29.72 14.12
CA LEU B 242 37.97 -28.54 14.33
C LEU B 242 37.37 -27.27 13.76
N SER B 243 36.14 -27.31 13.28
CA SER B 243 35.68 -26.24 12.38
C SER B 243 35.48 -24.88 13.07
N SER B 244 35.50 -24.79 14.41
CA SER B 244 35.26 -23.53 15.08
C SER B 244 36.46 -22.57 15.09
N GLY B 245 37.68 -23.08 14.93
CA GLY B 245 38.85 -22.23 14.94
C GLY B 245 39.21 -21.72 13.58
N VAL B 246 40.46 -21.29 13.44
CA VAL B 246 41.00 -20.85 12.17
C VAL B 246 42.08 -21.79 11.65
N LEU B 247 42.65 -22.65 12.50
CA LEU B 247 43.82 -23.41 12.09
C LEU B 247 43.50 -24.63 11.24
N ARG B 248 42.22 -25.05 11.18
CA ARG B 248 41.85 -26.25 10.44
C ARG B 248 42.47 -26.30 9.04
N ALA B 249 42.98 -27.48 8.68
CA ALA B 249 43.71 -27.67 7.43
C ALA B 249 42.77 -27.53 6.23
N VAL B 250 43.37 -27.24 5.08
CA VAL B 250 42.64 -27.01 3.83
C VAL B 250 42.71 -28.24 2.95
N SER B 251 41.57 -28.61 2.35
CA SER B 251 41.53 -29.67 1.36
C SER B 251 42.54 -29.38 0.27
N PRO B 252 43.48 -30.29 0.00
CA PRO B 252 44.43 -30.05 -1.09
C PRO B 252 43.77 -29.78 -2.42
N LEU B 253 42.55 -30.25 -2.63
CA LEU B 253 41.80 -29.85 -3.82
C LEU B 253 41.73 -28.33 -3.92
N HIS B 254 41.35 -27.68 -2.83
CA HIS B 254 41.21 -26.23 -2.83
C HIS B 254 42.55 -25.50 -2.81
N MET B 255 43.55 -26.05 -2.11
CA MET B 255 44.91 -25.53 -2.24
C MET B 255 45.32 -25.51 -3.70
N GLN B 256 45.03 -26.60 -4.43
CA GLN B 256 45.35 -26.67 -5.85
C GLN B 256 44.50 -25.68 -6.65
N TYR B 257 43.22 -25.55 -6.28
CA TYR B 257 42.35 -24.59 -6.93
C TYR B 257 42.91 -23.19 -6.85
N LEU B 258 43.37 -22.79 -5.65
CA LEU B 258 43.99 -21.49 -5.46
C LEU B 258 45.30 -21.37 -6.25
N ARG B 259 46.09 -22.43 -6.27
CA ARG B 259 47.29 -22.44 -7.11
C ARG B 259 46.93 -22.12 -8.57
N ASN B 260 45.95 -22.84 -9.13
CA ASN B 260 45.51 -22.64 -10.51
C ASN B 260 44.95 -21.24 -10.72
N PHE B 261 44.56 -20.57 -9.65
CA PHE B 261 43.98 -19.24 -9.72
C PHE B 261 45.05 -18.15 -9.64
N GLY B 262 46.32 -18.53 -9.41
CA GLY B 262 47.38 -17.57 -9.22
C GLY B 262 47.42 -16.97 -7.84
N VAL B 263 46.73 -17.57 -6.89
CA VAL B 263 46.58 -17.06 -5.53
C VAL B 263 47.50 -17.81 -4.58
N SER B 264 48.22 -17.07 -3.76
CA SER B 264 49.15 -17.65 -2.81
C SER B 264 48.61 -17.64 -1.39
N ALA B 265 47.68 -16.75 -1.08
CA ALA B 265 47.05 -16.74 0.23
C ALA B 265 45.66 -16.15 0.08
N SER B 266 44.71 -16.62 0.89
CA SER B 266 43.35 -16.10 0.79
C SER B 266 42.70 -15.97 2.16
N THR B 267 41.69 -15.13 2.21
CA THR B 267 40.79 -15.07 3.35
C THR B 267 39.39 -14.79 2.82
N SER B 268 38.38 -15.42 3.41
CA SER B 268 37.03 -15.08 3.03
C SER B 268 36.15 -14.95 4.25
N ILE B 269 35.20 -14.03 4.15
CA ILE B 269 34.21 -13.76 5.18
C ILE B 269 32.84 -14.00 4.54
N GLY B 270 31.96 -14.69 5.27
CA GLY B 270 30.63 -14.93 4.75
C GLY B 270 29.73 -13.73 4.97
N ILE B 271 28.89 -13.46 3.96
CA ILE B 271 27.91 -12.38 4.02
C ILE B 271 26.56 -13.01 4.26
N PHE B 272 25.99 -12.74 5.43
CA PHE B 272 24.77 -13.39 5.88
C PHE B 272 23.59 -12.44 5.87
N ASN B 273 22.49 -12.87 5.29
CA ASN B 273 21.20 -12.22 5.46
C ASN B 273 20.44 -13.09 6.46
N GLU B 274 20.42 -12.66 7.73
CA GLU B 274 19.92 -13.48 8.84
C GLU B 274 20.72 -14.77 8.86
N ASP B 275 20.12 -15.93 8.65
CA ASP B 275 20.85 -17.20 8.68
C ASP B 275 21.30 -17.67 7.31
N GLU B 276 20.98 -16.93 6.25
CA GLU B 276 21.31 -17.30 4.88
C GLU B 276 22.66 -16.74 4.43
N LEU B 277 23.47 -17.60 3.82
CA LEU B 277 24.71 -17.15 3.20
C LEU B 277 24.36 -16.50 1.86
N TRP B 278 24.48 -15.17 1.83
CA TRP B 278 24.10 -14.40 0.66
C TRP B 278 25.22 -14.37 -0.35
N GLY B 279 26.44 -14.36 0.16
CA GLY B 279 27.65 -14.30 -0.63
C GLY B 279 28.83 -14.36 0.30
N ILE B 280 29.99 -14.02 -0.23
CA ILE B 280 31.21 -13.99 0.56
C ILE B 280 32.05 -12.81 0.09
N VAL B 281 32.91 -12.35 0.98
CA VAL B 281 33.99 -11.43 0.61
C VAL B 281 35.23 -12.29 0.39
N ALA B 282 35.70 -12.38 -0.85
CA ALA B 282 36.89 -13.17 -1.16
C ALA B 282 38.11 -12.28 -1.25
N CYS B 283 39.19 -12.68 -0.59
CA CYS B 283 40.43 -11.91 -0.58
C CYS B 283 41.59 -12.79 -1.03
N HIS B 284 42.22 -12.40 -2.14
CA HIS B 284 43.40 -13.06 -2.69
C HIS B 284 44.63 -12.18 -2.56
N HIS B 285 45.76 -12.82 -2.32
CA HIS B 285 47.06 -12.18 -2.27
C HIS B 285 48.05 -12.97 -3.12
N THR B 286 48.96 -12.27 -3.80
CA THR B 286 49.88 -12.95 -4.73
C THR B 286 51.14 -13.43 -4.07
N LYS B 287 51.27 -13.27 -2.76
CA LYS B 287 52.32 -13.88 -1.96
C LYS B 287 51.71 -14.24 -0.63
N PRO B 288 52.38 -15.08 0.17
CA PRO B 288 51.81 -15.42 1.47
C PRO B 288 51.58 -14.19 2.33
N ARG B 289 50.58 -14.29 3.20
CA ARG B 289 50.13 -13.14 3.99
C ARG B 289 49.33 -13.64 5.17
N ALA B 290 49.81 -13.35 6.37
CA ALA B 290 49.05 -13.65 7.58
C ALA B 290 48.42 -12.37 8.11
N ILE B 291 47.26 -12.53 8.75
CA ILE B 291 46.55 -11.42 9.38
C ILE B 291 46.23 -11.84 10.80
N GLY B 292 46.55 -10.94 11.77
CA GLY B 292 46.35 -11.23 13.19
C GLY B 292 44.89 -11.28 13.57
N ARG B 293 44.64 -11.69 14.83
CA ARG B 293 43.27 -11.82 15.33
C ARG B 293 42.51 -10.50 15.29
N ARG B 294 43.19 -9.39 15.53
CA ARG B 294 42.51 -8.10 15.59
C ARG B 294 42.09 -7.63 14.21
N ILE B 295 42.92 -7.88 13.20
CA ILE B 295 42.50 -7.53 11.85
C ILE B 295 41.35 -8.42 11.40
N ARG B 296 41.37 -9.71 11.77
CA ARG B 296 40.25 -10.60 11.52
C ARG B 296 38.96 -10.06 12.14
N ARG B 297 39.01 -9.69 13.41
CA ARG B 297 37.78 -9.20 14.05
C ARG B 297 37.32 -7.93 13.35
N LEU B 298 38.25 -7.04 13.02
CA LEU B 298 37.86 -5.82 12.34
C LEU B 298 37.19 -6.10 11.00
N LEU B 299 37.71 -7.09 10.27
CA LEU B 299 37.09 -7.53 9.02
C LEU B 299 35.67 -8.03 9.24
N VAL B 300 35.49 -9.01 10.14
CA VAL B 300 34.16 -9.60 10.30
C VAL B 300 33.15 -8.55 10.78
N ARG B 301 33.58 -7.66 11.68
CA ARG B 301 32.68 -6.61 12.16
C ARG B 301 32.30 -5.68 11.02
N THR B 302 33.26 -5.38 10.13
CA THR B 302 32.96 -4.48 9.04
C THR B 302 31.97 -5.11 8.07
N VAL B 303 32.19 -6.38 7.68
CA VAL B 303 31.24 -7.09 6.80
C VAL B 303 29.87 -7.20 7.46
N GLU B 304 29.83 -7.41 8.79
CA GLU B 304 28.54 -7.51 9.46
C GLU B 304 27.81 -6.18 9.47
N PHE B 305 28.52 -5.08 9.73
CA PHE B 305 27.89 -3.75 9.68
C PHE B 305 27.49 -3.41 8.27
N ALA B 306 28.30 -3.82 7.29
CA ALA B 306 27.97 -3.50 5.91
C ALA B 306 26.75 -4.31 5.46
N ALA B 307 26.65 -5.55 5.91
CA ALA B 307 25.52 -6.35 5.51
C ALA B 307 24.19 -5.79 6.04
N GLU B 308 24.10 -5.52 7.35
CA GLU B 308 22.88 -4.90 7.84
C GLU B 308 22.52 -3.66 7.05
N ARG B 309 23.52 -2.87 6.69
CA ARG B 309 23.30 -1.69 5.85
C ARG B 309 22.72 -2.08 4.50
N LEU B 310 23.31 -3.08 3.85
CA LEU B 310 22.85 -3.49 2.53
C LEU B 310 21.41 -3.98 2.56
N TRP B 311 21.05 -4.77 3.58
CA TRP B 311 19.66 -5.24 3.72
C TRP B 311 18.73 -4.08 3.99
N LEU B 312 19.16 -3.11 4.79
CA LEU B 312 18.36 -1.91 4.98
C LEU B 312 18.15 -1.19 3.66
N ILE B 313 19.16 -1.18 2.80
CA ILE B 313 19.04 -0.46 1.54
C ILE B 313 18.06 -1.18 0.63
N HIS B 314 18.13 -2.51 0.61
CA HIS B 314 17.16 -3.29 -0.15
C HIS B 314 15.75 -3.07 0.38
N SER B 315 15.58 -3.09 1.69
CA SER B 315 14.25 -2.93 2.27
C SER B 315 13.65 -1.58 1.94
N ARG B 316 14.46 -0.52 1.91
CA ARG B 316 13.94 0.81 1.56
C ARG B 316 13.57 0.88 0.09
N ASN B 317 14.21 0.06 -0.74
CA ASN B 317 13.84 0.01 -2.14
C ASN B 317 12.44 -0.58 -2.33
N VAL B 318 12.12 -1.61 -1.52
CA VAL B 318 10.77 -2.16 -1.52
C VAL B 318 9.74 -1.13 -1.09
N GLU B 319 10.02 -0.36 -0.04
CA GLU B 319 9.08 0.68 0.36
C GLU B 319 8.87 1.69 -0.77
N ARG B 320 9.95 2.17 -1.38
CA ARG B 320 9.81 3.14 -2.46
C ARG B 320 8.96 2.57 -3.60
N TYR B 321 9.17 1.30 -3.92
CA TYR B 321 8.40 0.66 -4.99
C TYR B 321 6.93 0.54 -4.64
N MET B 322 6.62 0.21 -3.39
CA MET B 322 5.22 0.14 -2.97
C MET B 322 4.55 1.51 -3.00
N VAL B 323 5.29 2.58 -2.67
CA VAL B 323 4.76 3.93 -2.86
C VAL B 323 4.44 4.19 -4.33
N THR B 324 5.32 3.75 -5.24
CA THR B 324 5.01 3.90 -6.66
C THR B 324 3.73 3.12 -7.00
N VAL B 325 3.60 1.90 -6.49
CA VAL B 325 2.39 1.13 -6.76
C VAL B 325 1.14 1.86 -6.26
N GLN B 326 1.20 2.51 -5.09
CA GLN B 326 -0.01 3.21 -4.63
C GLN B 326 -0.26 4.45 -5.46
N ALA B 327 0.79 5.08 -5.98
CA ALA B 327 0.57 6.23 -6.85
C ALA B 327 -0.08 5.78 -8.15
N ALA B 328 0.30 4.59 -8.63
CA ALA B 328 -0.34 4.01 -9.80
C ALA B 328 -1.80 3.68 -9.53
N ARG B 329 -2.11 3.04 -8.39
CA ARG B 329 -3.51 2.69 -8.14
C ARG B 329 -4.37 3.94 -7.95
N GLU B 330 -3.78 5.04 -7.46
CA GLU B 330 -4.54 6.29 -7.36
C GLU B 330 -4.71 6.93 -8.72
N GLN B 331 -3.68 6.82 -9.56
CA GLN B 331 -3.76 7.32 -10.92
C GLN B 331 -4.88 6.59 -11.67
N LEU B 332 -4.91 5.25 -11.56
CA LEU B 332 -5.98 4.47 -12.16
C LEU B 332 -7.34 4.95 -11.66
N SER B 333 -7.46 5.17 -10.34
CA SER B 333 -8.74 5.62 -9.81
C SER B 333 -9.16 7.01 -10.32
N THR B 334 -8.21 7.94 -10.49
CA THR B 334 -8.53 9.26 -11.04
C THR B 334 -8.95 9.20 -12.50
N THR B 335 -8.30 8.35 -13.29
CA THR B 335 -8.67 8.26 -14.71
C THR B 335 -10.06 7.66 -14.90
N ALA B 336 -10.38 6.61 -14.16
CA ALA B 336 -11.69 5.98 -14.33
C ALA B 336 -12.85 6.93 -14.03
N ASP B 337 -12.68 7.85 -13.08
CA ASP B 337 -13.74 8.81 -12.74
C ASP B 337 -13.93 9.86 -13.82
N ASP B 338 -12.84 10.27 -14.49
CA ASP B 338 -12.96 11.27 -15.55
C ASP B 338 -13.54 10.68 -16.82
N LYS B 339 -13.20 9.44 -17.14
CA LYS B 339 -13.68 8.80 -18.36
C LYS B 339 -14.55 7.59 -18.05
N SER B 342 -12.91 0.69 -20.33
CA SER B 342 -11.81 0.27 -19.44
C SER B 342 -10.50 0.14 -20.22
N HIS B 343 -10.61 -0.27 -21.49
CA HIS B 343 -9.45 -0.21 -22.36
C HIS B 343 -8.94 1.22 -22.52
N GLU B 344 -9.85 2.20 -22.44
CA GLU B 344 -9.43 3.60 -22.36
C GLU B 344 -8.48 3.81 -21.19
N ILE B 345 -8.79 3.18 -20.05
CA ILE B 345 -7.98 3.28 -18.86
C ILE B 345 -6.61 2.65 -19.08
N VAL B 346 -6.60 1.49 -19.75
CA VAL B 346 -5.37 0.77 -20.09
C VAL B 346 -4.42 1.61 -20.97
N ILE B 347 -4.97 2.29 -21.99
CA ILE B 347 -4.19 3.12 -22.92
C ILE B 347 -3.52 4.35 -22.30
N GLU B 348 -4.11 4.96 -21.28
CA GLU B 348 -3.56 6.20 -20.74
C GLU B 348 -2.29 6.00 -19.92
N HIS B 349 -2.18 4.87 -19.24
CA HIS B 349 -1.18 4.70 -18.20
C HIS B 349 -0.17 3.61 -18.50
N ALA B 350 -0.24 2.96 -19.67
CA ALA B 350 0.54 1.75 -19.89
C ALA B 350 2.05 2.03 -19.99
N ALA B 351 2.46 3.21 -20.44
CA ALA B 351 3.89 3.51 -20.40
C ALA B 351 4.39 3.55 -18.96
N ASP B 352 3.59 4.12 -18.06
CA ASP B 352 3.89 4.05 -16.64
C ASP B 352 3.86 2.62 -16.11
N TRP B 353 2.84 1.83 -16.51
CA TRP B 353 2.75 0.45 -16.04
C TRP B 353 3.92 -0.41 -16.50
N CYS B 354 4.48 -0.14 -17.68
CA CYS B 354 5.61 -0.95 -18.14
C CYS B 354 6.79 -0.76 -17.20
N LYS B 355 6.97 0.46 -16.69
CA LYS B 355 7.98 0.68 -15.68
C LYS B 355 7.58 -0.02 -14.39
N LEU B 356 6.35 0.20 -13.94
CA LEU B 356 5.85 -0.45 -12.72
C LEU B 356 6.10 -1.95 -12.72
N PHE B 357 5.97 -2.62 -13.86
CA PHE B 357 6.05 -4.07 -13.88
C PHE B 357 7.31 -4.56 -14.55
N ARG B 358 8.17 -3.67 -15.00
CA ARG B 358 9.42 -4.02 -15.69
C ARG B 358 9.12 -5.10 -16.73
N CYS B 359 8.19 -4.79 -17.62
CA CYS B 359 7.77 -5.67 -18.71
C CYS B 359 7.76 -4.90 -20.02
N ASP B 360 7.85 -5.64 -21.11
CA ASP B 360 7.91 -5.05 -22.44
C ASP B 360 6.56 -4.75 -23.08
N GLY B 361 5.58 -5.63 -22.93
CA GLY B 361 4.31 -5.48 -23.63
C GLY B 361 3.12 -5.68 -22.71
N ILE B 362 2.03 -4.99 -23.05
CA ILE B 362 0.82 -4.99 -22.23
C ILE B 362 -0.39 -5.53 -23.00
N THR B 371 -6.63 -4.99 -27.78
CA THR B 371 -5.95 -4.05 -26.88
C THR B 371 -4.51 -4.45 -26.58
N THR B 372 -3.56 -3.73 -27.17
CA THR B 372 -2.15 -4.07 -27.06
C THR B 372 -1.31 -2.80 -27.00
N TYR B 373 -0.13 -2.91 -26.38
CA TYR B 373 0.81 -1.80 -26.22
C TYR B 373 2.17 -2.40 -25.92
N GLY B 374 3.21 -1.88 -26.58
CA GLY B 374 4.53 -2.44 -26.35
C GLY B 374 4.67 -3.75 -27.11
N GLU B 375 5.67 -4.54 -26.74
CA GLU B 375 5.93 -5.74 -27.51
C GLU B 375 4.90 -6.81 -27.17
N THR B 376 4.09 -7.21 -28.14
CA THR B 376 3.11 -8.26 -27.89
C THR B 376 3.00 -9.16 -29.12
N PRO B 377 2.54 -10.39 -28.93
CA PRO B 377 2.18 -11.25 -30.06
C PRO B 377 1.00 -10.66 -30.85
N ASP B 378 0.75 -11.22 -32.03
CA ASP B 378 -0.33 -10.66 -32.82
C ASP B 378 -1.64 -11.16 -32.21
N GLN B 379 -2.77 -10.58 -32.63
CA GLN B 379 -4.04 -10.91 -32.00
C GLN B 379 -4.27 -12.42 -31.98
N THR B 380 -3.99 -13.10 -33.11
CA THR B 380 -4.22 -14.54 -33.20
C THR B 380 -3.37 -15.34 -32.21
N THR B 381 -2.06 -15.07 -32.16
CA THR B 381 -1.21 -15.78 -31.20
C THR B 381 -1.63 -15.46 -29.77
N ILE B 382 -2.00 -14.21 -29.51
CA ILE B 382 -2.46 -13.82 -28.17
C ILE B 382 -3.71 -14.59 -27.80
N ASN B 383 -4.57 -14.84 -28.79
CA ASN B 383 -5.77 -15.61 -28.53
C ASN B 383 -5.46 -17.09 -28.32
N LYS B 384 -4.46 -17.64 -29.03
CA LYS B 384 -3.99 -18.98 -28.70
C LYS B 384 -3.47 -19.07 -27.27
N LEU B 385 -2.78 -18.02 -26.82
CA LEU B 385 -2.27 -17.96 -25.44
C LEU B 385 -3.46 -18.00 -24.49
N VAL B 386 -4.39 -17.09 -24.70
CA VAL B 386 -5.60 -17.02 -23.89
C VAL B 386 -6.23 -18.40 -23.82
N GLU B 387 -6.46 -19.00 -24.99
CA GLU B 387 -7.07 -20.32 -25.08
C GLU B 387 -6.34 -21.38 -24.26
N TRP B 388 -5.00 -21.44 -24.34
CA TRP B 388 -4.36 -22.49 -23.54
C TRP B 388 -4.60 -22.23 -22.06
N LEU B 389 -4.66 -20.95 -21.65
CA LEU B 389 -4.94 -20.70 -20.23
C LEU B 389 -6.36 -21.14 -19.89
N GLU B 390 -7.32 -20.88 -20.79
CA GLU B 390 -8.70 -21.29 -20.53
C GLU B 390 -8.75 -22.80 -20.34
N GLU B 391 -7.90 -23.52 -21.08
CA GLU B 391 -7.83 -24.97 -20.90
C GLU B 391 -7.25 -25.28 -19.53
N ASN B 392 -6.31 -24.46 -19.06
CA ASN B 392 -5.50 -24.82 -17.92
C ASN B 392 -5.59 -23.73 -16.85
N LEU B 397 -7.25 -17.87 -11.05
CA LEU B 397 -5.88 -17.51 -10.73
C LEU B 397 -5.14 -16.92 -11.92
N PHE B 398 -4.00 -16.29 -11.62
CA PHE B 398 -3.04 -15.84 -12.63
C PHE B 398 -2.05 -16.97 -12.90
N TRP B 399 -1.24 -16.79 -13.94
CA TRP B 399 -0.11 -17.64 -14.29
C TRP B 399 1.09 -16.80 -14.70
N HIS B 400 2.27 -17.22 -14.26
CA HIS B 400 3.48 -16.42 -14.45
C HIS B 400 4.65 -17.38 -14.55
N SER B 401 5.51 -17.14 -15.54
CA SER B 401 6.79 -17.84 -15.68
C SER B 401 7.59 -17.24 -16.82
N HIS B 402 8.90 -17.35 -16.73
CA HIS B 402 9.81 -16.91 -17.78
C HIS B 402 10.20 -18.10 -18.65
N MET B 403 9.74 -18.06 -19.90
CA MET B 403 9.98 -19.05 -20.93
C MET B 403 9.88 -20.47 -20.37
N LEU B 404 8.66 -20.84 -19.94
CA LEU B 404 8.44 -22.23 -19.56
C LEU B 404 8.60 -23.15 -20.75
N LYS B 405 8.15 -22.70 -21.93
CA LYS B 405 8.09 -23.53 -23.13
C LYS B 405 7.07 -24.63 -22.95
N GLU B 406 6.19 -24.48 -21.97
CA GLU B 406 5.19 -25.50 -21.68
C GLU B 406 4.01 -25.43 -22.64
N ASP B 407 4.14 -24.65 -23.70
CA ASP B 407 3.08 -24.50 -24.70
C ASP B 407 3.68 -24.45 -26.09
N ALA B 408 2.83 -24.14 -27.07
CA ALA B 408 3.23 -24.06 -28.47
C ALA B 408 3.74 -22.66 -28.80
N PRO B 409 5.03 -22.50 -29.14
CA PRO B 409 5.60 -21.16 -29.32
C PRO B 409 4.87 -20.36 -30.38
N GLY B 410 4.78 -19.05 -30.15
CA GLY B 410 4.19 -18.13 -31.09
C GLY B 410 4.59 -18.35 -32.54
N ARG B 417 10.14 -15.50 -29.91
CA ARG B 417 10.81 -14.23 -29.61
C ARG B 417 10.60 -13.87 -28.14
N PHE B 418 9.39 -14.19 -27.67
CA PHE B 418 8.84 -13.75 -26.40
C PHE B 418 9.13 -14.82 -25.36
N ALA B 419 9.56 -14.41 -24.17
CA ALA B 419 9.83 -15.44 -23.17
C ALA B 419 9.11 -15.29 -21.83
N GLY B 420 8.67 -14.11 -21.43
CA GLY B 420 8.01 -13.96 -20.14
C GLY B 420 6.57 -13.53 -20.35
N LEU B 421 5.68 -14.13 -19.56
CA LEU B 421 4.26 -13.79 -19.66
C LEU B 421 3.66 -13.89 -18.26
N LEU B 422 2.95 -12.85 -17.85
CA LEU B 422 2.12 -12.88 -16.65
C LEU B 422 0.71 -12.53 -17.09
N ALA B 423 -0.22 -13.47 -16.93
CA ALA B 423 -1.56 -13.32 -17.49
C ALA B 423 -2.61 -13.41 -16.41
N ILE B 424 -3.36 -12.33 -16.23
CA ILE B 424 -4.47 -12.24 -15.27
C ILE B 424 -5.83 -12.30 -15.96
N PRO B 425 -6.29 -13.39 -16.57
CA PRO B 425 -7.65 -13.33 -17.13
C PRO B 425 -8.67 -13.42 -16.01
N LEU B 426 -9.72 -12.62 -16.12
CA LEU B 426 -10.78 -12.62 -15.14
C LEU B 426 -12.15 -12.89 -15.78
N LEU B 437 -2.74 -8.85 -19.59
CA LEU B 437 -1.66 -9.74 -20.00
C LEU B 437 -0.39 -8.93 -19.98
N LEU B 438 0.68 -9.46 -19.37
CA LEU B 438 1.96 -8.76 -19.26
C LEU B 438 3.07 -9.59 -19.86
N PHE B 439 3.84 -8.98 -20.77
CA PHE B 439 4.75 -9.70 -21.64
C PHE B 439 6.20 -9.29 -21.42
N ARG B 440 7.09 -10.28 -21.46
CA ARG B 440 8.53 -10.06 -21.33
C ARG B 440 9.17 -10.78 -22.51
N VAL B 441 9.88 -10.01 -23.34
CA VAL B 441 10.66 -10.57 -24.44
C VAL B 441 11.82 -11.38 -23.88
N ALA B 442 12.19 -12.42 -24.62
CA ALA B 442 13.38 -13.18 -24.26
C ALA B 442 14.57 -12.23 -24.29
N GLN B 443 15.45 -12.34 -23.31
CA GLN B 443 16.61 -11.47 -23.26
C GLN B 443 17.87 -12.30 -23.15
N ASN B 444 18.42 -12.66 -24.30
CA ASN B 444 19.58 -13.53 -24.28
C ASN B 444 20.67 -12.80 -23.52
N GLU B 445 21.28 -13.49 -22.56
CA GLU B 445 22.16 -12.86 -21.59
C GLU B 445 23.50 -13.53 -21.78
N VAL B 446 24.50 -12.77 -22.22
CA VAL B 446 25.80 -13.40 -22.37
C VAL B 446 26.45 -13.39 -21.00
N ARG B 447 26.93 -14.55 -20.59
CA ARG B 447 27.58 -14.75 -19.30
C ARG B 447 29.04 -15.07 -19.55
N THR B 448 29.90 -14.39 -18.82
CA THR B 448 31.32 -14.72 -18.84
C THR B 448 31.64 -15.60 -17.65
N TRP B 449 32.22 -16.76 -17.91
CA TRP B 449 32.62 -17.66 -16.85
C TRP B 449 34.11 -17.57 -16.64
N ALA B 450 34.53 -17.83 -15.39
CA ALA B 450 35.94 -17.81 -15.04
C ALA B 450 36.55 -19.18 -15.33
N GLY B 451 36.66 -19.46 -16.62
CA GLY B 451 37.17 -20.72 -17.13
C GLY B 451 36.08 -21.51 -17.81
N LYS B 452 36.41 -22.11 -18.94
CA LYS B 452 35.54 -23.12 -19.51
C LYS B 452 35.50 -24.32 -18.56
N PRO B 453 34.38 -25.04 -18.49
CA PRO B 453 34.35 -26.25 -17.66
C PRO B 453 35.27 -27.34 -18.19
N GLU B 454 35.64 -28.21 -17.25
CA GLU B 454 36.46 -29.39 -17.50
C GLU B 454 35.97 -30.59 -16.72
N LYS B 455 35.98 -31.77 -17.37
CA LYS B 455 35.55 -32.98 -16.68
C LYS B 455 36.80 -33.74 -16.24
N LEU B 456 37.53 -33.08 -15.34
CA LEU B 456 38.76 -33.62 -14.76
C LEU B 456 38.41 -34.70 -13.73
N SER B 457 39.24 -35.73 -13.63
CA SER B 457 39.21 -36.69 -12.52
C SER B 457 40.48 -36.64 -11.68
N VAL B 458 40.31 -36.80 -10.36
CA VAL B 458 41.40 -36.77 -9.38
C VAL B 458 41.15 -37.83 -8.32
N GLU B 459 42.22 -38.54 -7.95
CA GLU B 459 42.18 -39.63 -6.97
C GLU B 459 42.51 -39.08 -5.60
N THR B 460 41.48 -38.90 -4.78
CA THR B 460 41.62 -38.43 -3.41
C THR B 460 41.56 -39.61 -2.43
N SER B 461 41.80 -39.29 -1.15
CA SER B 461 41.71 -40.29 -0.09
C SER B 461 40.29 -40.80 0.07
N THR B 462 39.33 -39.89 0.03
CA THR B 462 37.93 -40.21 0.23
C THR B 462 37.33 -40.84 -1.03
N GLY B 463 38.12 -41.05 -2.12
CA GLY B 463 37.57 -41.62 -3.34
C GLY B 463 37.99 -40.85 -4.57
N THR B 464 37.31 -41.09 -5.69
CA THR B 464 37.60 -40.39 -6.93
C THR B 464 36.56 -39.31 -7.16
N MET B 465 37.02 -38.09 -7.42
CA MET B 465 36.15 -36.94 -7.49
C MET B 465 36.72 -35.91 -8.45
N LEU B 466 35.96 -34.83 -8.64
CA LEU B 466 36.35 -33.78 -9.56
C LEU B 466 37.60 -33.04 -9.10
N GLY B 467 38.61 -32.93 -9.97
CA GLY B 467 39.74 -32.05 -9.75
C GLY B 467 39.43 -30.64 -10.23
N PRO B 468 40.10 -29.62 -9.68
CA PRO B 468 39.79 -28.24 -10.12
C PRO B 468 40.29 -27.97 -11.53
N ARG B 469 39.47 -27.26 -12.31
CA ARG B 469 39.86 -26.66 -13.60
C ARG B 469 41.23 -25.99 -13.52
N LYS B 470 42.02 -26.13 -14.61
CA LYS B 470 43.32 -25.49 -14.71
C LYS B 470 43.30 -24.07 -15.25
N SER B 471 42.25 -23.64 -15.94
CA SER B 471 42.25 -22.29 -16.47
C SER B 471 41.00 -21.56 -16.02
N PHE B 472 41.17 -20.27 -15.68
CA PHE B 472 40.12 -19.37 -15.26
C PHE B 472 39.90 -18.27 -16.28
N GLU B 473 40.40 -18.53 -17.50
CA GLU B 473 40.29 -17.57 -18.58
C GLU B 473 38.82 -17.37 -18.94
N ALA B 474 38.49 -16.16 -19.38
CA ALA B 474 37.09 -15.83 -19.59
C ALA B 474 36.50 -16.65 -20.72
N TRP B 475 35.24 -17.05 -20.56
CA TRP B 475 34.58 -18.02 -21.43
C TRP B 475 33.08 -17.76 -21.40
N GLN B 476 32.45 -17.78 -22.57
CA GLN B 476 31.10 -17.23 -22.72
C GLN B 476 30.08 -18.28 -23.13
N ASP B 477 28.92 -18.23 -22.49
CA ASP B 477 27.73 -18.92 -22.92
C ASP B 477 26.60 -17.90 -22.89
N GLU B 478 25.44 -18.27 -23.41
CA GLU B 478 24.27 -17.40 -23.34
C GLU B 478 23.03 -18.26 -23.17
N VAL B 479 22.00 -17.67 -22.57
CA VAL B 479 20.73 -18.36 -22.33
C VAL B 479 19.75 -17.87 -23.38
N SER B 480 19.73 -18.55 -24.52
CA SER B 480 18.59 -18.39 -25.40
C SER B 480 17.33 -18.87 -24.68
N GLY B 481 16.22 -18.19 -24.97
CA GLY B 481 14.94 -18.61 -24.44
C GLY B 481 14.87 -18.65 -22.92
N LYS B 482 15.08 -17.51 -22.28
CA LYS B 482 14.68 -17.31 -20.90
C LYS B 482 14.42 -15.83 -20.70
N SER B 483 13.55 -15.50 -19.74
CA SER B 483 13.36 -14.11 -19.36
C SER B 483 13.76 -13.88 -17.90
N GLN B 484 13.69 -12.61 -17.51
CA GLN B 484 13.80 -12.21 -16.12
C GLN B 484 12.76 -12.92 -15.23
N PRO B 485 13.11 -13.26 -13.99
CA PRO B 485 12.10 -13.86 -13.10
C PRO B 485 11.18 -12.79 -12.51
N TRP B 486 9.95 -13.21 -12.17
CA TRP B 486 8.96 -12.29 -11.62
C TRP B 486 9.21 -12.05 -10.13
N ARG B 487 9.48 -10.80 -9.76
CA ARG B 487 9.64 -10.49 -8.34
C ARG B 487 8.28 -10.53 -7.65
N THR B 488 8.29 -10.87 -6.36
CA THR B 488 7.01 -10.96 -5.65
C THR B 488 6.33 -9.61 -5.55
N ALA B 489 7.12 -8.55 -5.35
CA ALA B 489 6.53 -7.21 -5.25
C ALA B 489 5.83 -6.84 -6.54
N GLN B 490 6.36 -7.32 -7.67
CA GLN B 490 5.73 -7.01 -8.94
C GLN B 490 4.48 -7.87 -9.08
N LEU B 491 4.56 -9.11 -8.61
CA LEU B 491 3.42 -10.00 -8.68
C LEU B 491 2.21 -9.40 -8.00
N TYR B 492 2.39 -8.95 -6.77
CA TYR B 492 1.23 -8.49 -6.01
C TYR B 492 0.73 -7.14 -6.49
N ALA B 493 1.66 -6.26 -6.89
CA ALA B 493 1.27 -5.04 -7.59
C ALA B 493 0.42 -5.35 -8.81
N ALA B 494 0.77 -6.40 -9.57
CA ALA B 494 0.04 -6.70 -10.79
C ALA B 494 -1.33 -7.28 -10.47
N ARG B 495 -1.39 -8.20 -9.51
CA ARG B 495 -2.68 -8.73 -9.09
C ARG B 495 -3.58 -7.61 -8.57
N ASP B 496 -2.99 -6.60 -7.94
CA ASP B 496 -3.77 -5.49 -7.42
C ASP B 496 -4.25 -4.56 -8.51
N ILE B 497 -3.40 -4.26 -9.50
CA ILE B 497 -3.84 -3.44 -10.62
C ILE B 497 -4.94 -4.13 -11.40
N ALA B 498 -4.80 -5.44 -11.63
CA ALA B 498 -5.84 -6.15 -12.35
C ALA B 498 -7.13 -6.21 -11.53
N ARG B 499 -7.02 -6.34 -10.21
CA ARG B 499 -8.23 -6.39 -9.39
C ARG B 499 -9.02 -5.09 -9.50
N ASP B 500 -8.33 -3.95 -9.45
CA ASP B 500 -9.01 -2.66 -9.56
C ASP B 500 -9.60 -2.45 -10.94
N LEU B 501 -8.89 -2.89 -11.99
CA LEU B 501 -9.38 -2.76 -13.35
C LEU B 501 -10.69 -3.52 -13.53
N LEU B 502 -10.74 -4.76 -13.05
CA LEU B 502 -11.95 -5.56 -13.15
C LEU B 502 -13.13 -4.86 -12.49
N ILE B 503 -12.89 -4.26 -11.33
CA ILE B 503 -13.95 -3.53 -10.64
C ILE B 503 -14.42 -2.36 -11.49
N VAL B 504 -13.48 -1.63 -12.11
CA VAL B 504 -13.89 -0.45 -12.86
C VAL B 504 -14.67 -0.84 -14.13
N ALA B 505 -14.28 -1.94 -14.78
CA ALA B 505 -15.09 -2.42 -15.90
C ALA B 505 -16.49 -2.81 -15.44
N ASP B 506 -16.59 -3.46 -14.28
CA ASP B 506 -17.91 -3.81 -13.73
C ASP B 506 -18.74 -2.56 -13.42
N VAL B 507 -18.09 -1.48 -12.97
CA VAL B 507 -18.83 -0.27 -12.60
C VAL B 507 -19.27 0.49 -13.85
N MET B 508 -18.41 0.60 -14.86
CA MET B 508 -18.87 1.13 -16.14
C MET B 508 -20.05 0.34 -16.66
N GLN B 509 -19.97 -0.99 -16.55
CA GLN B 509 -21.06 -1.88 -16.92
C GLN B 509 -22.36 -1.52 -16.22
N LEU B 510 -22.38 -1.62 -14.90
CA LEU B 510 -23.61 -1.37 -14.15
C LEU B 510 -24.15 0.03 -14.38
N ASN B 511 -23.27 1.03 -14.56
CA ASN B 511 -23.74 2.38 -14.84
C ASN B 511 -24.40 2.48 -16.21
N LEU B 512 -23.86 1.75 -17.20
CA LEU B 512 -24.47 1.76 -18.52
C LEU B 512 -25.84 1.07 -18.49
N LEU B 513 -25.90 -0.11 -17.86
CA LEU B 513 -27.16 -0.82 -17.74
C LEU B 513 -28.19 0.00 -16.98
N ASN B 514 -27.77 0.79 -16.00
CA ASN B 514 -28.71 1.65 -15.31
C ASN B 514 -29.18 2.80 -16.20
N ASP B 515 -28.28 3.33 -17.03
CA ASP B 515 -28.70 4.37 -17.98
C ASP B 515 -29.73 3.84 -18.97
N GLN B 516 -29.55 2.60 -19.43
CA GLN B 516 -30.42 2.06 -20.47
C GLN B 516 -31.73 1.50 -19.90
N LEU B 517 -31.69 0.83 -18.76
CA LEU B 517 -32.96 0.48 -18.11
C LEU B 517 -33.72 1.72 -17.66
N ALA B 518 -33.01 2.76 -17.22
CA ALA B 518 -33.68 4.01 -16.89
C ALA B 518 -34.33 4.63 -18.12
N ASP B 519 -33.65 4.56 -19.28
CA ASP B 519 -34.23 5.11 -20.50
C ASP B 519 -35.47 4.32 -20.91
N ALA B 520 -35.41 2.99 -20.85
CA ALA B 520 -36.56 2.19 -21.21
C ALA B 520 -37.72 2.47 -20.27
N ASN B 521 -37.44 2.61 -18.97
CA ASN B 521 -38.48 2.95 -18.02
C ASN B 521 -39.06 4.32 -18.31
N GLU B 522 -38.24 5.24 -18.85
CA GLU B 522 -38.74 6.55 -19.24
C GLU B 522 -39.72 6.45 -20.40
N ASN B 523 -39.38 5.66 -21.42
CA ASN B 523 -40.28 5.54 -22.58
C ASN B 523 -41.56 4.80 -22.22
N LEU B 524 -41.44 3.64 -21.57
CA LEU B 524 -42.63 2.89 -21.20
C LEU B 524 -43.46 3.62 -20.15
N GLU B 525 -42.88 4.57 -19.41
CA GLU B 525 -43.71 5.37 -18.51
C GLU B 525 -44.39 6.52 -19.23
N LYS B 526 -43.76 7.07 -20.27
CA LYS B 526 -44.45 8.04 -21.10
C LYS B 526 -45.62 7.41 -21.84
N LEU B 527 -45.47 6.17 -22.31
CA LEU B 527 -46.53 5.52 -23.08
C LEU B 527 -47.76 5.23 -22.22
N VAL B 528 -47.57 4.96 -20.94
CA VAL B 528 -48.70 4.63 -20.06
C VAL B 528 -49.46 5.89 -19.65
N SER B 529 -48.82 7.05 -19.68
CA SER B 529 -49.43 8.29 -19.23
C SER B 529 -50.03 9.11 -20.37
N PHE B 530 -49.38 9.16 -21.52
CA PHE B 530 -49.80 10.03 -22.61
C PHE B 530 -50.49 9.22 -23.71
N ASP B 531 -51.09 9.94 -24.64
CA ASP B 531 -51.73 9.36 -25.81
C ASP B 531 -50.77 9.44 -27.00
N ASP B 532 -50.57 8.32 -27.69
CA ASP B 532 -49.65 8.31 -28.81
C ASP B 532 -49.96 9.42 -29.79
N LEU B 533 -51.21 9.49 -30.21
CA LEU B 533 -51.65 10.51 -31.15
C LEU B 533 -52.07 11.70 -30.30
N THR B 534 -51.56 12.88 -30.65
CA THR B 534 -51.72 14.17 -29.97
C THR B 534 -50.71 14.35 -28.81
N GLY B 535 -50.03 13.31 -28.36
CA GLY B 535 -49.03 13.46 -27.29
C GLY B 535 -49.48 14.20 -26.05
N ILE B 536 -50.70 13.93 -25.58
CA ILE B 536 -51.27 14.62 -24.42
C ILE B 536 -51.91 13.58 -23.49
N PHE B 537 -52.11 13.99 -22.23
CA PHE B 537 -52.54 13.08 -21.17
C PHE B 537 -53.69 12.20 -21.65
N ASN B 538 -53.60 10.90 -21.39
CA ASN B 538 -54.70 10.02 -21.74
C ASN B 538 -55.83 10.23 -20.73
N ARG B 539 -56.90 9.46 -20.89
CA ARG B 539 -58.05 9.60 -19.98
C ARG B 539 -57.65 9.34 -18.53
N ARG B 540 -56.83 8.32 -18.27
CA ARG B 540 -56.47 7.96 -16.91
C ARG B 540 -55.78 9.12 -16.18
N ARG B 541 -54.78 9.75 -16.81
CA ARG B 541 -54.07 10.84 -16.14
C ARG B 541 -54.98 12.03 -15.88
N MET B 542 -55.99 12.25 -16.73
CA MET B 542 -56.94 13.33 -16.50
C MET B 542 -57.87 13.01 -15.34
N GLU B 543 -58.32 11.76 -15.24
CA GLU B 543 -59.06 11.34 -14.05
C GLU B 543 -58.25 11.55 -12.78
N ASP B 544 -56.96 11.17 -12.78
CA ASP B 544 -56.14 11.34 -11.58
C ASP B 544 -55.97 12.81 -11.20
N ARG B 545 -55.62 13.66 -12.18
CA ARG B 545 -55.42 15.08 -11.87
C ARG B 545 -56.72 15.68 -11.36
N LEU B 546 -57.84 15.30 -11.97
CA LEU B 546 -59.13 15.84 -11.60
C LEU B 546 -59.50 15.43 -10.18
N GLU B 547 -59.24 14.17 -9.83
CA GLU B 547 -59.49 13.70 -8.48
C GLU B 547 -58.68 14.47 -7.44
N SER B 548 -57.38 14.72 -7.71
CA SER B 548 -56.59 15.47 -6.73
C SER B 548 -56.99 16.94 -6.65
N GLU B 549 -57.40 17.54 -7.77
CA GLU B 549 -57.85 18.93 -7.72
C GLU B 549 -59.11 19.03 -6.88
N VAL B 550 -59.99 18.02 -6.99
CA VAL B 550 -61.20 17.99 -6.18
C VAL B 550 -60.86 17.83 -4.70
N LYS B 551 -59.99 16.88 -4.36
CA LYS B 551 -59.64 16.73 -2.94
C LYS B 551 -59.04 18.02 -2.37
N GLU B 552 -58.11 18.65 -3.09
CA GLU B 552 -57.54 19.90 -2.61
C GLU B 552 -58.61 20.97 -2.43
N ALA B 553 -59.43 21.19 -3.46
CA ALA B 553 -60.43 22.25 -3.37
C ALA B 553 -61.40 21.99 -2.21
N GLN B 554 -61.69 20.72 -1.91
CA GLN B 554 -62.56 20.40 -0.78
C GLN B 554 -61.85 20.58 0.55
N ARG B 555 -60.52 20.37 0.59
CA ARG B 555 -59.78 20.50 1.83
C ARG B 555 -59.47 21.96 2.17
N TYR B 556 -59.08 22.75 1.16
CA TYR B 556 -58.52 24.07 1.36
C TYR B 556 -59.44 25.17 0.81
N LYS B 557 -60.64 24.80 0.37
CA LYS B 557 -61.64 25.75 -0.09
C LYS B 557 -61.05 26.57 -1.24
N LYS B 558 -60.49 25.85 -2.21
CA LYS B 558 -60.01 26.43 -3.47
C LYS B 558 -61.10 26.39 -4.54
N GLN B 559 -60.87 27.17 -5.61
CA GLN B 559 -61.83 27.36 -6.69
C GLN B 559 -61.21 26.95 -8.01
N PHE B 560 -61.91 26.07 -8.74
CA PHE B 560 -61.43 25.64 -10.04
C PHE B 560 -62.63 25.21 -10.87
N GLY B 561 -62.40 25.06 -12.17
CA GLY B 561 -63.46 24.64 -13.06
C GLY B 561 -62.91 23.82 -14.20
N ILE B 562 -63.79 23.13 -14.92
CA ILE B 562 -63.34 22.28 -16.02
C ILE B 562 -64.07 22.69 -17.28
N LEU B 563 -63.39 22.47 -18.40
CA LEU B 563 -63.88 22.71 -19.75
C LEU B 563 -63.86 21.39 -20.53
N LEU B 564 -65.02 20.97 -21.02
CA LEU B 564 -65.17 19.69 -21.71
C LEU B 564 -65.63 19.95 -23.13
N PHE B 565 -64.72 19.80 -24.11
CA PHE B 565 -65.13 20.15 -25.47
C PHE B 565 -65.03 18.94 -26.38
N ASP B 566 -65.64 19.08 -27.55
CA ASP B 566 -65.83 18.02 -28.52
C ASP B 566 -65.68 18.63 -29.91
N LEU B 567 -65.25 17.80 -30.85
CA LEU B 567 -65.14 18.27 -32.22
C LEU B 567 -66.45 18.13 -32.95
N ASP B 568 -66.78 19.16 -33.71
CA ASP B 568 -68.08 19.36 -34.30
C ASP B 568 -68.09 18.71 -35.67
N LYS B 569 -69.14 17.94 -35.95
CA LYS B 569 -69.30 17.26 -37.24
C LYS B 569 -68.06 16.43 -37.60
N PHE B 570 -67.47 15.79 -36.60
CA PHE B 570 -66.20 15.09 -36.81
C PHE B 570 -66.40 13.86 -37.69
N LYS B 571 -67.54 13.19 -37.53
CA LYS B 571 -67.85 12.05 -38.39
C LYS B 571 -67.84 12.44 -39.86
N SER B 572 -68.36 13.63 -40.18
CA SER B 572 -68.28 14.11 -41.57
C SER B 572 -66.86 14.24 -42.04
N VAL B 573 -65.95 14.63 -41.15
CA VAL B 573 -64.55 14.69 -41.52
C VAL B 573 -64.02 13.30 -41.80
N ASN B 574 -64.33 12.35 -40.92
CA ASN B 574 -63.84 10.99 -41.10
C ASN B 574 -64.36 10.36 -42.39
N ASP B 575 -65.66 10.45 -42.64
CA ASP B 575 -66.19 9.73 -43.80
C ASP B 575 -65.86 10.45 -45.10
N THR B 576 -65.88 11.78 -45.11
CA THR B 576 -65.53 12.47 -46.35
C THR B 576 -64.03 12.45 -46.65
N TYR B 577 -63.19 12.63 -45.63
CA TYR B 577 -61.76 12.82 -45.82
C TYR B 577 -60.88 11.67 -45.36
N GLY B 578 -61.41 10.76 -44.56
CA GLY B 578 -60.68 9.61 -44.06
C GLY B 578 -60.19 9.86 -42.63
N HIS B 579 -59.80 8.77 -41.97
CA HIS B 579 -59.29 8.87 -40.60
C HIS B 579 -57.92 9.51 -40.51
N ASN B 580 -57.04 9.25 -41.47
CA ASN B 580 -55.74 9.93 -41.45
C ASN B 580 -55.91 11.44 -41.53
N ILE B 581 -56.80 11.93 -42.39
CA ILE B 581 -57.00 13.38 -42.41
C ILE B 581 -57.67 13.82 -41.11
N GLY B 582 -58.64 13.03 -40.64
CA GLY B 582 -59.35 13.39 -39.41
C GLY B 582 -58.45 13.41 -38.19
N ASP B 583 -57.55 12.42 -38.10
CA ASP B 583 -56.60 12.37 -36.99
C ASP B 583 -55.63 13.53 -37.08
N GLN B 584 -55.24 13.90 -38.30
CA GLN B 584 -54.42 15.08 -38.52
C GLN B 584 -55.12 16.33 -38.01
N ILE B 585 -56.46 16.38 -38.13
CA ILE B 585 -57.23 17.48 -37.55
C ILE B 585 -57.18 17.42 -36.04
N LEU B 586 -57.31 16.22 -35.46
CA LEU B 586 -57.24 16.12 -34.01
C LEU B 586 -55.90 16.67 -33.51
N GLN B 587 -54.82 16.39 -34.26
CA GLN B 587 -53.51 16.88 -33.87
C GLN B 587 -53.46 18.41 -33.99
N ASN B 588 -54.00 18.95 -35.08
CA ASN B 588 -54.06 20.39 -35.28
C ASN B 588 -54.83 21.05 -34.13
N THR B 589 -55.97 20.47 -33.77
CA THR B 589 -56.84 21.04 -32.76
C THR B 589 -56.17 21.00 -31.39
N CYS B 590 -55.42 19.94 -31.12
CA CYS B 590 -54.69 19.87 -29.86
C CYS B 590 -53.61 20.93 -29.81
N ALA B 591 -52.94 21.17 -30.94
CA ALA B 591 -51.93 22.21 -30.99
C ALA B 591 -52.55 23.58 -30.78
N ALA B 592 -53.76 23.81 -31.31
CA ALA B 592 -54.39 25.11 -31.12
C ALA B 592 -54.86 25.29 -29.69
N VAL B 593 -55.35 24.22 -29.06
CA VAL B 593 -55.81 24.36 -27.68
C VAL B 593 -54.63 24.56 -26.73
N SER B 594 -53.52 23.82 -26.94
CA SER B 594 -52.45 23.88 -25.95
C SER B 594 -51.78 25.25 -25.86
N GLU B 595 -51.71 25.99 -26.95
CA GLU B 595 -51.15 27.35 -26.93
C GLU B 595 -52.03 28.35 -26.17
N THR B 596 -53.34 28.10 -26.09
CA THR B 596 -54.28 29.01 -25.41
C THR B 596 -54.18 28.92 -23.88
N LEU B 597 -53.89 27.74 -23.34
CA LEU B 597 -54.01 27.48 -21.91
C LEU B 597 -52.95 28.21 -21.10
N ARG B 598 -53.29 28.50 -19.85
CA ARG B 598 -52.41 29.03 -18.82
C ARG B 598 -51.62 27.90 -18.16
N ASP B 599 -50.54 28.29 -17.47
CA ASP B 599 -49.61 27.31 -16.94
C ASP B 599 -50.23 26.42 -15.87
N THR B 600 -51.27 26.89 -15.18
CA THR B 600 -51.91 26.06 -14.17
C THR B 600 -52.79 24.98 -14.79
N ASP B 601 -53.32 25.22 -15.99
CA ASP B 601 -54.28 24.30 -16.56
C ASP B 601 -53.63 23.02 -17.03
N LYS B 602 -54.41 21.95 -16.97
CA LYS B 602 -53.97 20.64 -17.46
C LYS B 602 -54.92 20.23 -18.56
N PHE B 603 -54.38 19.71 -19.67
CA PHE B 603 -55.15 19.46 -20.88
C PHE B 603 -54.91 18.03 -21.30
N GLY B 604 -55.99 17.27 -21.52
CA GLY B 604 -55.85 15.88 -21.89
C GLY B 604 -56.97 15.41 -22.79
N ARG B 605 -56.77 14.22 -23.35
CA ARG B 605 -57.71 13.61 -24.28
C ARG B 605 -58.58 12.64 -23.49
N TRP B 606 -59.89 12.88 -23.52
CA TRP B 606 -60.86 12.22 -22.66
C TRP B 606 -61.44 10.95 -23.29
N GLY B 607 -61.78 10.98 -24.57
CA GLY B 607 -62.24 9.79 -25.26
C GLY B 607 -62.63 10.12 -26.68
N GLY B 608 -62.12 9.34 -27.63
CA GLY B 608 -62.59 9.49 -29.00
C GLY B 608 -62.17 10.86 -29.50
N GLU B 609 -63.12 11.78 -29.67
CA GLU B 609 -62.82 13.17 -30.03
C GLU B 609 -63.27 14.15 -28.96
N GLU B 610 -63.21 13.74 -27.69
CA GLU B 610 -63.58 14.57 -26.55
C GLU B 610 -62.38 14.85 -25.69
N PHE B 611 -62.19 16.13 -25.35
CA PHE B 611 -61.02 16.54 -24.61
C PHE B 611 -61.48 17.28 -23.35
N LEU B 612 -60.58 17.29 -22.36
CA LEU B 612 -60.86 17.89 -21.06
C LEU B 612 -59.74 18.86 -20.71
N ILE B 613 -60.14 20.00 -20.12
CA ILE B 613 -59.23 21.01 -19.61
C ILE B 613 -59.59 21.24 -18.15
N ILE B 614 -58.60 21.18 -17.27
CA ILE B 614 -58.76 21.48 -15.85
C ILE B 614 -58.09 22.81 -15.55
N ALA B 615 -58.89 23.80 -15.15
CA ALA B 615 -58.42 25.15 -14.86
C ALA B 615 -58.52 25.36 -13.36
N PRO B 616 -57.45 25.16 -12.59
CA PRO B 616 -57.51 25.49 -11.16
C PRO B 616 -57.32 26.97 -10.89
N GLN B 617 -57.82 27.38 -9.73
CA GLN B 617 -57.76 28.78 -9.28
C GLN B 617 -58.38 29.69 -10.33
N THR B 618 -59.63 29.38 -10.70
CA THR B 618 -60.34 30.09 -11.74
C THR B 618 -61.82 30.09 -11.40
N GLY B 619 -62.41 31.29 -11.24
CA GLY B 619 -63.85 31.40 -11.05
C GLY B 619 -64.64 31.30 -12.35
N MET B 620 -65.94 31.07 -12.21
CA MET B 620 -66.80 30.85 -13.38
C MET B 620 -66.72 31.93 -14.45
N PRO B 621 -66.64 33.25 -14.13
CA PRO B 621 -66.44 34.24 -15.19
C PRO B 621 -65.19 33.98 -16.04
N GLU B 622 -64.00 34.03 -15.44
CA GLU B 622 -62.78 33.79 -16.20
C GLU B 622 -62.78 32.41 -16.86
N LEU B 623 -63.46 31.45 -16.23
CA LEU B 623 -63.56 30.10 -16.78
C LEU B 623 -64.29 30.10 -18.12
N MET B 624 -65.46 30.74 -18.16
CA MET B 624 -66.17 30.92 -19.42
C MET B 624 -65.30 31.69 -20.42
N GLN B 625 -64.55 32.69 -19.93
CA GLN B 625 -63.61 33.41 -20.79
C GLN B 625 -62.63 32.47 -21.46
N LEU B 626 -62.05 31.56 -20.67
CA LEU B 626 -61.10 30.61 -21.22
C LEU B 626 -61.79 29.73 -22.25
N GLY B 627 -63.03 29.33 -21.99
CA GLY B 627 -63.76 28.57 -22.99
C GLY B 627 -63.97 29.32 -24.28
N GLU B 628 -64.19 30.64 -24.19
CA GLU B 628 -64.32 31.42 -25.41
C GLU B 628 -62.99 31.52 -26.18
N ARG B 629 -61.88 31.80 -25.49
CA ARG B 629 -60.60 31.84 -26.22
C ARG B 629 -60.27 30.49 -26.86
N VAL B 630 -60.59 29.38 -26.19
CA VAL B 630 -60.30 28.06 -26.73
C VAL B 630 -61.18 27.79 -27.94
N ARG B 631 -62.47 28.06 -27.79
CA ARG B 631 -63.42 27.86 -28.87
C ARG B 631 -63.03 28.67 -30.10
N ALA B 632 -62.58 29.90 -29.90
CA ALA B 632 -62.16 30.72 -31.04
C ALA B 632 -60.84 30.22 -31.60
N ALA B 633 -59.98 29.66 -30.75
CA ALA B 633 -58.71 29.15 -31.24
C ALA B 633 -58.91 27.98 -32.20
N VAL B 634 -59.81 27.05 -31.89
CA VAL B 634 -59.97 25.94 -32.82
C VAL B 634 -60.67 26.37 -34.12
N GLU B 635 -61.51 27.40 -34.09
CA GLU B 635 -62.19 27.84 -35.30
C GLU B 635 -61.23 28.46 -36.28
N LYS B 636 -60.46 29.43 -35.80
CA LYS B 636 -59.57 30.28 -36.57
C LYS B 636 -58.22 29.63 -36.90
N MET B 637 -58.02 28.33 -36.67
CA MET B 637 -56.71 27.80 -36.99
C MET B 637 -56.57 27.61 -38.50
N GLN B 638 -55.30 27.44 -38.89
CA GLN B 638 -54.89 27.16 -40.26
C GLN B 638 -55.52 25.88 -40.81
N HIS B 639 -56.20 25.96 -41.97
CA HIS B 639 -56.83 24.75 -42.48
C HIS B 639 -55.78 23.82 -43.06
N LYS B 640 -54.76 24.39 -43.73
CA LYS B 640 -53.64 23.62 -44.30
C LYS B 640 -54.03 22.54 -45.30
N ASP B 641 -55.03 22.82 -46.14
CA ASP B 641 -55.53 21.88 -47.15
C ASP B 641 -56.42 20.78 -46.57
N LEU B 642 -57.19 21.10 -45.54
CA LEU B 642 -57.97 20.19 -44.72
C LEU B 642 -59.22 20.99 -44.38
N PRO B 643 -60.28 20.37 -43.88
CA PRO B 643 -61.49 21.15 -43.62
C PRO B 643 -61.40 22.02 -42.37
N ALA B 644 -62.33 22.97 -42.33
CA ALA B 644 -62.52 23.86 -41.19
C ALA B 644 -63.18 23.14 -40.03
N VAL B 645 -62.79 23.49 -38.81
CA VAL B 645 -63.19 22.70 -37.65
C VAL B 645 -63.72 23.63 -36.56
N THR B 646 -64.70 23.14 -35.82
CA THR B 646 -65.38 23.89 -34.77
C THR B 646 -65.50 22.94 -33.58
N ILE B 647 -65.36 23.48 -32.38
CA ILE B 647 -65.59 22.71 -31.17
C ILE B 647 -66.73 23.33 -30.37
N SER B 648 -67.42 22.48 -29.60
CA SER B 648 -68.48 22.91 -28.69
C SER B 648 -68.07 22.54 -27.27
N ILE B 649 -68.05 23.55 -26.40
CA ILE B 649 -67.47 23.44 -25.06
C ILE B 649 -68.57 23.55 -24.02
N GLY B 650 -68.61 22.57 -23.12
CA GLY B 650 -69.35 22.71 -21.89
C GLY B 650 -68.39 23.14 -20.81
N VAL B 651 -68.93 23.72 -19.74
CA VAL B 651 -68.11 24.28 -18.67
C VAL B 651 -68.80 23.92 -17.37
N ALA B 652 -68.00 23.56 -16.38
CA ALA B 652 -68.50 23.32 -15.04
C ALA B 652 -67.60 24.01 -14.05
N GLU B 653 -68.16 24.31 -12.90
CA GLU B 653 -67.44 24.98 -11.85
C GLU B 653 -67.51 24.11 -10.61
N PHE B 654 -66.50 24.23 -9.76
CA PHE B 654 -66.46 23.48 -8.51
C PHE B 654 -67.50 24.07 -7.57
N GLN B 655 -68.52 23.26 -7.24
CA GLN B 655 -69.59 23.74 -6.38
C GLN B 655 -69.69 22.84 -5.17
N ASN B 656 -68.60 22.82 -4.39
CA ASN B 656 -68.48 22.04 -3.16
C ASN B 656 -68.80 20.57 -3.43
N ASP B 657 -68.15 20.03 -4.46
CA ASP B 657 -68.43 18.68 -4.92
C ASP B 657 -67.68 17.62 -4.14
N THR B 658 -68.25 16.40 -4.12
CA THR B 658 -67.65 15.25 -3.46
C THR B 658 -66.70 14.52 -4.39
N ARG B 659 -67.15 14.20 -5.61
CA ARG B 659 -66.37 13.37 -6.53
C ARG B 659 -66.32 14.06 -7.88
N TRP B 660 -65.28 13.71 -8.66
CA TRP B 660 -65.05 14.33 -9.96
C TRP B 660 -66.03 13.85 -11.02
N ASP B 661 -66.64 12.68 -10.80
CA ASP B 661 -67.62 12.17 -11.76
C ASP B 661 -68.82 13.10 -11.96
N HIS B 662 -69.31 13.75 -10.90
CA HIS B 662 -70.42 14.71 -11.05
C HIS B 662 -70.06 15.85 -12.00
N MET B 663 -68.84 16.38 -11.85
CA MET B 663 -68.42 17.56 -12.60
C MET B 663 -68.36 17.26 -14.09
N ILE B 664 -67.89 16.06 -14.45
CA ILE B 664 -67.87 15.67 -15.86
C ILE B 664 -69.29 15.61 -16.41
N ASP B 665 -70.26 15.16 -15.59
CA ASP B 665 -71.64 15.12 -16.03
C ASP B 665 -72.17 16.52 -16.31
N ARG B 666 -71.93 17.48 -15.40
CA ARG B 666 -72.41 18.84 -15.65
C ARG B 666 -71.75 19.44 -16.90
N ALA B 667 -70.42 19.40 -16.98
CA ALA B 667 -69.76 19.91 -18.18
C ALA B 667 -70.23 19.19 -19.43
N ASP B 668 -70.67 17.94 -19.29
CA ASP B 668 -71.08 17.15 -20.45
C ASP B 668 -72.46 17.56 -20.96
N LYS B 669 -73.48 17.55 -20.10
CA LYS B 669 -74.78 18.06 -20.51
C LYS B 669 -74.72 19.52 -20.92
N ALA B 670 -73.86 20.31 -20.29
CA ALA B 670 -73.66 21.69 -20.73
C ALA B 670 -73.13 21.72 -22.17
N MET B 671 -72.12 20.88 -22.45
CA MET B 671 -71.63 20.74 -23.82
C MET B 671 -72.75 20.35 -24.76
N TYR B 672 -73.67 19.49 -24.30
CA TYR B 672 -74.78 19.07 -25.15
C TYR B 672 -75.76 20.21 -25.41
N ARG B 673 -76.00 21.11 -24.42
CA ARG B 673 -76.80 22.29 -24.75
C ARG B 673 -76.08 23.17 -25.76
N ALA B 674 -74.75 23.21 -25.70
CA ALA B 674 -73.99 23.94 -26.71
C ALA B 674 -74.22 23.33 -28.09
N LYS B 675 -74.35 22.00 -28.14
CA LYS B 675 -74.60 21.31 -29.40
C LYS B 675 -75.98 21.64 -29.94
N GLU B 676 -76.96 21.82 -29.04
CA GLU B 676 -78.33 22.11 -29.45
C GLU B 676 -78.53 23.54 -29.89
N ASN B 677 -77.82 24.52 -29.32
CA ASN B 677 -78.12 25.87 -29.77
C ASN B 677 -77.31 26.23 -30.99
N GLY B 678 -76.82 25.24 -31.72
CA GLY B 678 -75.92 25.59 -32.78
C GLY B 678 -74.45 25.48 -32.43
N ARG B 679 -73.71 24.66 -33.14
CA ARG B 679 -72.42 24.28 -32.59
C ARG B 679 -71.52 25.50 -32.57
N ASN B 680 -70.36 25.32 -31.95
CA ASN B 680 -69.39 26.35 -31.69
C ASN B 680 -69.89 27.29 -30.58
N GLN B 681 -70.06 26.74 -29.37
CA GLN B 681 -70.62 27.52 -28.25
C GLN B 681 -69.98 27.03 -26.96
N VAL B 682 -70.04 27.90 -25.96
CA VAL B 682 -69.68 27.58 -24.58
C VAL B 682 -70.92 27.65 -23.69
N CYS B 683 -71.17 26.61 -22.88
CA CYS B 683 -72.37 26.65 -22.03
C CYS B 683 -71.94 26.18 -20.65
N SER B 684 -72.54 26.78 -19.61
CA SER B 684 -72.25 26.41 -18.22
C SER B 684 -73.09 25.27 -17.66
C1A LBV C . 15.73 21.62 31.33
C1B LBV C . 19.46 21.54 28.83
O1B LBV C . 25.17 21.26 27.12
C1C LBV C . 19.38 17.13 28.87
O1C LBV C . 21.88 13.94 29.87
C1D LBV C . 15.31 15.67 31.04
C2A LBV C . 15.15 22.77 30.74
C2B LBV C . 20.70 21.69 28.18
O2B LBV C . 25.66 19.21 27.88
C2C LBV C . 19.19 15.78 28.46
O2C LBV C . 19.84 13.14 30.22
C2D LBV C . 15.79 14.58 31.85
C3A LBV C . 16.18 23.35 29.93
C3B LBV C . 21.28 20.37 28.02
C3C LBV C . 17.91 15.37 28.93
C3D LBV C . 14.72 13.89 32.36
C4A LBV C . 17.33 22.50 30.02
C4B LBV C . 20.37 19.45 28.58
C4C LBV C . 17.35 16.47 29.62
C4D LBV C . 13.53 14.50 31.88
CAA LBV C . 16.03 24.39 29.01
CAB LBV C . 22.54 20.04 27.39
CAC LBV C . 20.17 15.07 27.69
CAD LBV C . 14.70 12.76 33.21
CBA LBV C . 14.90 25.25 28.90
CBB LBV C . 23.60 20.08 28.36
CBC LBV C . 20.44 13.71 28.12
CBD LBV C . 15.24 11.53 32.84
CGB LBV C . 24.91 20.19 27.72
CGC LBV C . 20.74 13.60 29.51
CHB LBV C . 18.51 22.54 29.23
CHC LBV C . 20.44 18.03 28.67
CHD LBV C . 16.09 16.61 30.32
CMA LBV C . 14.78 23.59 31.83
CMB LBV C . 21.28 22.93 27.78
CMC LBV C . 17.26 14.12 28.76
CMD LBV C . 17.18 14.32 32.08
N_A LBV C . 17.06 21.64 31.04
O_A LBV C . 15.28 20.93 32.24
N_B LBV C . 19.29 20.21 29.04
N_C LBV C . 18.25 17.49 29.57
N_D LBV C . 13.93 15.56 31.09
O_D LBV C . 12.35 14.25 32.05
CL CL D . 36.78 11.26 22.07
C1A LBV E . 36.26 -27.52 -6.51
C1B LBV E . 36.65 -27.00 -1.86
O1B LBV E . 38.91 -26.52 3.70
C1C LBV E . 36.63 -22.37 -1.18
O1C LBV E . 38.36 -18.60 1.29
C1D LBV E . 36.15 -19.13 -4.70
C2A LBV E . 36.09 -28.91 -6.44
C2B LBV E . 36.79 -27.24 -0.51
O2B LBV E . 38.50 -24.33 4.02
C2C LBV E . 36.61 -21.07 -0.61
O2C LBV E . 39.80 -19.55 -0.08
C2D LBV E . 35.50 -18.37 -5.70
C3A LBV E . 35.95 -29.21 -5.06
C3B LBV E . 36.86 -26.00 0.17
C3C LBV E . 36.31 -20.17 -1.59
C3D LBV E . 36.20 -17.15 -5.81
C4A LBV E . 36.32 -28.07 -4.32
C4B LBV E . 36.76 -24.99 -0.81
C4C LBV E . 36.14 -20.89 -2.82
C4D LBV E . 37.23 -17.15 -4.90
CAA LBV E . 35.70 -30.48 -4.53
CAB LBV E . 37.01 -25.81 1.58
CAC LBV E . 36.83 -20.78 0.77
CAD LBV E . 36.04 -16.04 -6.66
CBA LBV E . 35.33 -31.61 -5.32
CBB LBV E . 38.29 -25.20 1.92
CBC LBV E . 38.24 -20.83 1.03
CBD LBV E . 34.87 -15.32 -6.76
CGB LBV E . 38.59 -25.36 3.34
CGC LBV E . 38.86 -19.57 0.72
CHB LBV E . 36.52 -28.02 -2.92
CHC LBV E . 36.84 -23.60 -0.52
CHD LBV E . 35.85 -20.39 -4.17
CMA LBV E . 37.27 -29.45 -7.01
CMB LBV E . 36.82 -28.47 0.10
CMC LBV E . 36.20 -18.79 -1.41
CMD LBV E . 34.39 -18.85 -6.41
N_A LBV E . 36.46 -27.06 -5.22
O_A LBV E . 36.62 -26.86 -7.49
N_B LBV E . 36.64 -25.63 -2.04
N_C LBV E . 36.34 -22.21 -2.52
N_D LBV E . 37.17 -18.33 -4.26
O_D LBV E . 38.09 -16.34 -4.63
CL CL F . 40.69 -15.54 15.68
#